data_6X60
#
_entry.id   6X60
#
_cell.length_a   129.710
_cell.length_b   147.043
_cell.length_c   97.059
_cell.angle_alpha   90.000
_cell.angle_beta   128.250
_cell.angle_gamma   90.000
#
_symmetry.space_group_name_H-M   'C 1 2 1'
#
_entity_poly.entity_id   1
_entity_poly.type   'polypeptide(L)'
_entity_poly.pdbx_seq_one_letter_code
;MTLVPYVVEDTGRGERAMDIYSRLLKDRIVMIGQEITEPLANTVIAQLLFLMSEDPTKDIQIFINSPGGYITAGLAIYDT
IRFLGCDVNTYCIGQAASMGALLLSAGTKGKRYALPHSRMMIHQPSGGIIGTSADIQLQAAEILTLKKHLSNILAECTGQ
SVEKIIEDSERDFFMGAEEAIAYGLIDKVISSAKETKDKSIAS
;
_entity_poly.pdbx_strand_id   A,B,C,D,E,F,G
#
# COMPACT_ATOMS: atom_id res chain seq x y z
N LEU A 3 -14.71 -1.35 0.17
CA LEU A 3 -14.09 -1.73 -1.09
C LEU A 3 -14.13 -0.54 -2.03
N VAL A 4 -13.21 -0.47 -2.98
CA VAL A 4 -13.17 0.61 -3.96
C VAL A 4 -13.33 0.01 -5.35
N PRO A 5 -14.51 0.10 -5.94
CA PRO A 5 -14.72 -0.50 -7.27
C PRO A 5 -14.14 0.40 -8.34
N TYR A 6 -13.87 -0.22 -9.49
CA TYR A 6 -13.31 0.50 -10.62
C TYR A 6 -14.26 0.46 -11.81
N VAL A 7 -13.99 1.30 -12.79
CA VAL A 7 -14.82 1.42 -13.98
C VAL A 7 -13.93 1.84 -15.15
N VAL A 8 -14.24 1.33 -16.33
CA VAL A 8 -13.44 1.60 -17.52
C VAL A 8 -14.22 2.45 -18.51
N ALA A 17 -9.38 3.63 -16.65
CA ALA A 17 -9.67 3.13 -15.31
C ALA A 17 -9.84 4.28 -14.34
N MET A 18 -10.72 4.08 -13.34
CA MET A 18 -11.09 5.08 -12.36
C MET A 18 -11.81 4.37 -11.22
N ASP A 19 -11.76 4.94 -10.02
CA ASP A 19 -12.61 4.39 -8.98
C ASP A 19 -14.04 4.88 -9.18
N ILE A 20 -14.98 4.33 -8.41
CA ILE A 20 -16.39 4.64 -8.63
C ILE A 20 -16.66 6.13 -8.38
N TYR A 21 -16.00 6.69 -7.37
CA TYR A 21 -16.20 8.10 -7.06
C TYR A 21 -15.63 9.01 -8.13
N SER A 22 -14.52 8.61 -8.76
CA SER A 22 -13.98 9.41 -9.86
C SER A 22 -14.88 9.38 -11.08
N ARG A 23 -15.56 8.26 -11.33
CA ARG A 23 -16.55 8.20 -12.40
C ARG A 23 -17.71 9.14 -12.12
N LEU A 24 -18.26 9.06 -10.90
CA LEU A 24 -19.32 9.99 -10.52
C LEU A 24 -18.85 11.43 -10.64
N LEU A 25 -17.59 11.70 -10.31
CA LEU A 25 -17.05 13.05 -10.46
C LEU A 25 -16.98 13.47 -11.92
N LYS A 26 -16.66 12.53 -12.81
CA LYS A 26 -16.71 12.85 -14.25
C LYS A 26 -18.14 13.17 -14.67
N ASP A 27 -19.13 12.62 -13.98
CA ASP A 27 -20.51 13.07 -14.21
C ASP A 27 -20.86 14.32 -13.38
N ARG A 28 -19.88 15.00 -12.80
CA ARG A 28 -20.09 16.19 -11.98
C ARG A 28 -20.93 15.87 -10.74
N ILE A 29 -20.62 14.74 -10.10
CA ILE A 29 -21.31 14.28 -8.90
C ILE A 29 -20.28 14.17 -7.78
N VAL A 30 -20.53 14.90 -6.69
CA VAL A 30 -19.67 14.88 -5.51
C VAL A 30 -20.39 14.12 -4.40
N MET A 31 -19.64 13.27 -3.71
CA MET A 31 -20.17 12.48 -2.60
C MET A 31 -19.57 13.01 -1.30
N ILE A 32 -20.42 13.28 -0.31
CA ILE A 32 -19.97 13.67 1.02
C ILE A 32 -20.70 12.72 1.98
N GLY A 33 -20.09 11.56 2.21
CA GLY A 33 -20.71 10.52 3.01
C GLY A 33 -19.88 10.12 4.22
N GLN A 34 -19.18 11.08 4.80
CA GLN A 34 -18.35 10.85 5.98
C GLN A 34 -18.43 12.08 6.87
N GLU A 35 -17.76 11.99 8.02
CA GLU A 35 -17.67 13.14 8.90
C GLU A 35 -16.86 14.24 8.22
N ILE A 36 -17.39 15.46 8.23
CA ILE A 36 -16.77 16.59 7.55
C ILE A 36 -15.57 17.12 8.34
N THR A 37 -14.37 16.63 8.02
CA THR A 37 -13.13 17.06 8.62
C THR A 37 -12.34 17.92 7.62
N GLU A 38 -11.18 18.40 8.04
CA GLU A 38 -10.33 19.21 7.16
C GLU A 38 -9.76 18.44 5.97
N PRO A 39 -9.25 17.21 6.11
CA PRO A 39 -8.82 16.50 4.89
C PRO A 39 -9.99 16.18 3.96
N LEU A 40 -11.15 15.79 4.50
CA LEU A 40 -12.33 15.61 3.66
C LEU A 40 -12.73 16.91 3.01
N ALA A 41 -12.71 18.01 3.77
CA ALA A 41 -13.08 19.30 3.21
C ALA A 41 -12.11 19.70 2.10
N ASN A 42 -10.83 19.40 2.26
CA ASN A 42 -9.85 19.78 1.24
C ASN A 42 -10.04 18.94 -0.02
N THR A 43 -10.34 17.65 0.13
CA THR A 43 -10.64 16.84 -1.05
C THR A 43 -11.91 17.34 -1.76
N VAL A 44 -12.94 17.70 -0.98
CA VAL A 44 -14.18 18.19 -1.58
C VAL A 44 -13.94 19.51 -2.30
N ILE A 45 -13.14 20.40 -1.70
CA ILE A 45 -12.82 21.68 -2.33
C ILE A 45 -12.00 21.44 -3.59
N ALA A 46 -11.10 20.47 -3.57
CA ALA A 46 -10.35 20.12 -4.77
C ALA A 46 -11.30 19.68 -5.88
N GLN A 47 -12.25 18.82 -5.55
CA GLN A 47 -13.23 18.37 -6.53
C GLN A 47 -14.05 19.54 -7.07
N LEU A 48 -14.43 20.48 -6.20
CA LEU A 48 -15.23 21.62 -6.63
C LEU A 48 -14.44 22.54 -7.55
N LEU A 49 -13.19 22.82 -7.19
CA LEU A 49 -12.35 23.66 -8.04
C LEU A 49 -12.10 23.00 -9.39
N PHE A 50 -11.90 21.68 -9.39
CA PHE A 50 -11.70 20.97 -10.65
C PHE A 50 -12.96 21.02 -11.52
N LEU A 51 -14.12 20.78 -10.92
CA LEU A 51 -15.36 20.86 -11.68
C LEU A 51 -15.61 22.26 -12.21
N MET A 52 -15.16 23.28 -11.47
CA MET A 52 -15.31 24.65 -11.96
C MET A 52 -14.37 24.93 -13.13
N SER A 53 -13.12 24.49 -13.04
CA SER A 53 -12.19 24.71 -14.14
C SER A 53 -12.61 23.94 -15.38
N GLU A 54 -13.13 22.72 -15.19
CA GLU A 54 -13.55 21.89 -16.30
C GLU A 54 -14.70 22.54 -17.06
N ASP A 55 -15.75 22.95 -16.35
CA ASP A 55 -16.89 23.65 -16.90
C ASP A 55 -17.54 24.50 -15.82
N PRO A 56 -17.41 25.82 -15.89
CA PRO A 56 -17.96 26.68 -14.83
C PRO A 56 -19.47 26.88 -14.92
N THR A 57 -20.10 26.52 -16.04
CA THR A 57 -21.53 26.78 -16.21
C THR A 57 -22.42 25.61 -15.84
N LYS A 58 -22.02 24.38 -16.18
CA LYS A 58 -22.92 23.24 -15.97
C LYS A 58 -23.07 22.94 -14.48
N ASP A 59 -24.24 22.43 -14.12
CA ASP A 59 -24.57 22.19 -12.72
C ASP A 59 -23.72 21.06 -12.13
N ILE A 60 -23.61 21.10 -10.81
CA ILE A 60 -22.93 20.08 -10.00
C ILE A 60 -23.97 19.45 -9.07
N GLN A 61 -23.82 18.16 -8.81
CA GLN A 61 -24.69 17.44 -7.88
C GLN A 61 -23.86 16.92 -6.72
N ILE A 62 -24.32 17.20 -5.50
CA ILE A 62 -23.67 16.81 -4.26
C ILE A 62 -24.62 15.93 -3.46
N PHE A 63 -24.24 14.68 -3.25
CA PHE A 63 -25.02 13.77 -2.41
C PHE A 63 -24.39 13.73 -1.02
N ILE A 64 -25.21 13.99 0.00
CA ILE A 64 -24.75 14.24 1.36
C ILE A 64 -25.31 13.15 2.27
N ASN A 65 -24.41 12.44 2.97
CA ASN A 65 -24.76 11.45 3.99
C ASN A 65 -23.73 11.56 5.12
N SER A 66 -23.75 12.70 5.82
CA SER A 66 -22.71 13.03 6.77
C SER A 66 -23.26 13.12 8.18
N PRO A 67 -22.64 12.44 9.16
CA PRO A 67 -23.13 12.51 10.55
C PRO A 67 -22.84 13.82 11.25
N GLY A 68 -22.00 14.68 10.67
CA GLY A 68 -21.60 15.89 11.34
C GLY A 68 -20.27 16.36 10.80
N GLY A 69 -19.58 17.17 11.61
CA GLY A 69 -18.28 17.65 11.21
C GLY A 69 -17.85 18.83 12.07
N TYR A 70 -16.92 19.59 11.54
CA TYR A 70 -16.32 20.73 12.21
C TYR A 70 -16.68 22.02 11.49
N ILE A 71 -16.85 23.09 12.27
CA ILE A 71 -17.34 24.34 11.69
C ILE A 71 -16.34 24.90 10.67
N THR A 72 -15.04 24.76 10.95
CA THR A 72 -14.04 25.28 10.03
C THR A 72 -14.07 24.57 8.68
N ALA A 73 -14.15 23.23 8.69
CA ALA A 73 -14.24 22.49 7.45
C ALA A 73 -15.52 22.83 6.69
N GLY A 74 -16.65 22.85 7.41
CA GLY A 74 -17.92 23.18 6.77
C GLY A 74 -17.93 24.57 6.18
N LEU A 75 -17.36 25.54 6.88
CA LEU A 75 -17.33 26.91 6.37
C LEU A 75 -16.42 27.02 5.16
N ALA A 76 -15.28 26.31 5.16
CA ALA A 76 -14.44 26.29 3.97
C ALA A 76 -15.21 25.73 2.77
N ILE A 77 -15.91 24.62 2.98
CA ILE A 77 -16.69 24.02 1.89
C ILE A 77 -17.78 24.97 1.43
N TYR A 78 -18.48 25.61 2.38
CA TYR A 78 -19.58 26.50 2.03
C TYR A 78 -19.09 27.68 1.22
N ASP A 79 -17.97 28.29 1.64
CA ASP A 79 -17.40 29.40 0.88
C ASP A 79 -16.98 28.94 -0.50
N THR A 80 -16.45 27.72 -0.62
CA THR A 80 -16.09 27.19 -1.94
C THR A 80 -17.33 26.98 -2.80
N ILE A 81 -18.43 26.53 -2.20
CA ILE A 81 -19.65 26.28 -2.95
C ILE A 81 -20.25 27.58 -3.46
N ARG A 82 -20.34 28.58 -2.58
CA ARG A 82 -20.83 29.90 -3.00
C ARG A 82 -19.86 30.55 -3.98
N PHE A 83 -18.59 30.16 -3.91
CA PHE A 83 -17.54 30.66 -4.80
C PHE A 83 -17.73 30.19 -6.23
N LEU A 84 -18.49 29.11 -6.43
CA LEU A 84 -18.77 28.60 -7.76
C LEU A 84 -19.88 29.40 -8.43
N GLY A 85 -19.75 29.60 -9.74
CA GLY A 85 -20.77 30.30 -10.51
C GLY A 85 -21.90 29.46 -11.05
N CYS A 86 -21.80 28.14 -10.96
CA CYS A 86 -22.83 27.25 -11.47
C CYS A 86 -23.85 26.91 -10.39
N ASP A 87 -24.96 26.32 -10.82
CA ASP A 87 -25.98 25.84 -9.89
C ASP A 87 -25.53 24.55 -9.23
N VAL A 88 -25.94 24.37 -7.97
CA VAL A 88 -25.54 23.23 -7.16
C VAL A 88 -26.79 22.52 -6.65
N ASN A 89 -27.05 21.32 -7.15
CA ASN A 89 -28.09 20.47 -6.61
C ASN A 89 -27.52 19.71 -5.41
N THR A 90 -28.24 19.71 -4.30
CA THR A 90 -27.86 18.96 -3.11
C THR A 90 -28.93 17.93 -2.82
N TYR A 91 -28.51 16.71 -2.47
CA TYR A 91 -29.42 15.61 -2.20
C TYR A 91 -29.05 15.02 -0.85
N CYS A 92 -30.00 15.00 0.09
CA CYS A 92 -29.79 14.32 1.36
C CYS A 92 -30.21 12.87 1.23
N ILE A 93 -29.23 11.96 1.26
CA ILE A 93 -29.45 10.53 1.39
C ILE A 93 -29.05 10.12 2.79
N GLY A 94 -29.90 9.38 3.48
CA GLY A 94 -29.59 8.99 4.84
C GLY A 94 -29.73 10.14 5.82
N GLN A 95 -28.62 10.63 6.37
CA GLN A 95 -28.69 11.69 7.36
C GLN A 95 -27.81 12.84 6.93
N ALA A 96 -28.24 14.05 7.24
CA ALA A 96 -27.43 15.25 7.07
C ALA A 96 -27.54 16.01 8.40
N ALA A 97 -26.51 15.91 9.22
CA ALA A 97 -26.52 16.55 10.54
C ALA A 97 -25.37 17.53 10.63
N SER A 98 -25.62 18.64 11.33
CA SER A 98 -24.62 19.68 11.58
C SER A 98 -24.10 20.21 10.24
N MET A 99 -22.81 20.09 9.95
CA MET A 99 -22.25 20.60 8.70
C MET A 99 -22.92 19.95 7.49
N GLY A 100 -23.29 18.67 7.60
CA GLY A 100 -24.05 18.05 6.53
C GLY A 100 -25.28 18.83 6.16
N ALA A 101 -26.07 19.23 7.17
CA ALA A 101 -27.27 20.04 6.92
C ALA A 101 -26.90 21.42 6.40
N LEU A 102 -25.78 21.98 6.86
CA LEU A 102 -25.32 23.27 6.36
C LEU A 102 -25.08 23.21 4.85
N LEU A 103 -24.30 22.22 4.41
CA LEU A 103 -24.01 22.08 2.99
C LEU A 103 -25.27 21.73 2.21
N LEU A 104 -26.18 20.97 2.82
CA LEU A 104 -27.44 20.65 2.17
C LEU A 104 -28.25 21.91 1.87
N SER A 105 -28.42 22.77 2.87
CA SER A 105 -29.18 24.01 2.67
C SER A 105 -28.43 25.03 1.83
N ALA A 106 -27.13 24.82 1.58
CA ALA A 106 -26.35 25.74 0.77
C ALA A 106 -26.61 25.59 -0.72
N GLY A 107 -27.31 24.53 -1.15
CA GLY A 107 -27.59 24.37 -2.55
C GLY A 107 -28.48 25.48 -3.08
N THR A 108 -28.45 25.65 -4.40
CA THR A 108 -29.24 26.70 -5.02
C THR A 108 -30.72 26.46 -4.77
N LYS A 109 -31.44 27.54 -4.47
CA LYS A 109 -32.83 27.44 -4.06
C LYS A 109 -33.67 26.78 -5.15
N GLY A 110 -34.49 25.82 -4.74
CA GLY A 110 -35.25 25.02 -5.67
C GLY A 110 -34.60 23.71 -6.07
N LYS A 111 -33.32 23.51 -5.75
CA LYS A 111 -32.58 22.31 -6.12
C LYS A 111 -31.98 21.60 -4.91
N ARG A 112 -32.68 21.65 -3.78
CA ARG A 112 -32.26 20.97 -2.56
C ARG A 112 -33.30 19.89 -2.26
N TYR A 113 -32.91 18.62 -2.42
CA TYR A 113 -33.79 17.48 -2.37
C TYR A 113 -33.42 16.56 -1.21
N ALA A 114 -34.39 15.75 -0.79
CA ALA A 114 -34.16 14.71 0.21
C ALA A 114 -34.92 13.46 -0.16
N LEU A 115 -34.35 12.31 0.16
CA LEU A 115 -35.02 11.05 -0.06
C LEU A 115 -36.05 10.80 1.06
N PRO A 116 -37.05 9.96 0.82
CA PRO A 116 -38.21 9.94 1.72
C PRO A 116 -37.91 9.68 3.19
N HIS A 117 -36.95 8.81 3.52
CA HIS A 117 -36.68 8.48 4.91
C HIS A 117 -35.43 9.17 5.45
N SER A 118 -34.97 10.22 4.78
CA SER A 118 -33.77 10.90 5.23
C SER A 118 -34.07 11.73 6.48
N ARG A 119 -33.04 11.93 7.29
CA ARG A 119 -33.13 12.64 8.55
C ARG A 119 -32.14 13.81 8.56
N MET A 120 -32.60 14.97 9.00
CA MET A 120 -31.80 16.19 9.00
C MET A 120 -31.83 16.82 10.37
N MET A 121 -30.68 17.36 10.79
CA MET A 121 -30.55 17.93 12.12
C MET A 121 -29.60 19.11 12.09
N ILE A 122 -30.07 20.25 12.61
CA ILE A 122 -29.25 21.44 12.73
C ILE A 122 -28.30 21.36 13.92
N HIS A 123 -28.61 20.52 14.90
CA HIS A 123 -27.80 20.44 16.11
C HIS A 123 -26.35 20.09 15.78
N GLN A 124 -25.46 20.77 16.44
CA GLN A 124 -24.00 20.85 16.31
C GLN A 124 -23.33 19.81 17.21
N PRO A 125 -22.41 19.00 16.68
CA PRO A 125 -21.83 17.94 17.51
C PRO A 125 -21.11 18.57 18.69
N SER A 126 -20.98 17.79 19.75
CA SER A 126 -20.36 18.31 20.97
C SER A 126 -18.85 18.27 20.78
N GLY A 127 -18.29 19.38 20.33
CA GLY A 127 -16.86 19.48 20.11
C GLY A 127 -16.43 19.71 18.68
N GLY A 128 -17.37 19.81 17.74
CA GLY A 128 -16.95 20.02 16.37
C GLY A 128 -17.02 21.49 16.03
N ILE A 129 -16.15 22.28 16.66
CA ILE A 129 -16.12 23.71 16.40
C ILE A 129 -15.00 24.04 15.44
N ILE A 130 -13.92 23.24 15.43
CA ILE A 130 -12.80 23.46 14.54
C ILE A 130 -12.28 22.07 14.16
N GLY A 131 -11.79 21.95 12.91
CA GLY A 131 -11.41 20.65 12.38
C GLY A 131 -9.97 20.27 12.52
N THR A 132 -9.57 20.11 13.78
CA THR A 132 -8.26 19.63 14.18
C THR A 132 -8.33 18.38 15.08
N SER A 133 -9.52 17.80 15.24
CA SER A 133 -9.69 16.47 15.87
C SER A 133 -9.25 16.56 17.34
N ALA A 134 -8.50 15.57 17.86
CA ALA A 134 -8.09 15.39 19.25
C ALA A 134 -8.82 16.31 20.21
N ASP A 135 -8.27 17.49 20.43
CA ASP A 135 -8.97 18.57 21.11
C ASP A 135 -9.11 19.72 20.14
N ILE A 136 -10.15 20.54 20.32
CA ILE A 136 -10.36 21.63 19.37
C ILE A 136 -9.20 22.63 19.57
N GLN A 137 -9.33 23.85 19.07
CA GLN A 137 -8.20 24.79 19.06
C GLN A 137 -8.66 26.24 19.13
N LEU A 138 -9.53 26.57 20.09
CA LEU A 138 -10.16 27.88 20.07
C LEU A 138 -10.15 28.62 21.39
N GLN A 139 -10.28 29.93 21.24
CA GLN A 139 -10.38 30.96 22.26
C GLN A 139 -11.80 31.48 22.22
N ALA A 140 -12.17 32.30 23.21
CA ALA A 140 -13.58 32.69 23.36
C ALA A 140 -14.09 33.49 22.16
N ALA A 141 -13.33 34.52 21.75
CA ALA A 141 -13.81 35.40 20.70
C ALA A 141 -13.97 34.65 19.38
N GLU A 142 -13.12 33.65 19.13
CA GLU A 142 -13.20 32.91 17.89
C GLU A 142 -14.33 31.89 17.90
N ILE A 143 -14.64 31.30 19.06
CA ILE A 143 -15.83 30.46 19.16
C ILE A 143 -17.06 31.28 18.84
N LEU A 144 -17.18 32.46 19.45
CA LEU A 144 -18.34 33.30 19.16
C LEU A 144 -18.38 33.67 17.69
N THR A 145 -17.22 33.97 17.08
CA THR A 145 -17.19 34.35 15.67
C THR A 145 -17.65 33.20 14.78
N LEU A 146 -17.11 31.99 14.99
CA LEU A 146 -17.47 30.86 14.15
C LEU A 146 -18.95 30.49 14.32
N LYS A 147 -19.46 30.56 15.55
CA LYS A 147 -20.86 30.23 15.76
C LYS A 147 -21.79 31.29 15.18
N LYS A 148 -21.41 32.57 15.26
CA LYS A 148 -22.21 33.60 14.59
C LYS A 148 -22.22 33.37 13.08
N HIS A 149 -21.07 33.02 12.51
CA HIS A 149 -21.01 32.71 11.08
C HIS A 149 -21.96 31.57 10.73
N LEU A 150 -21.88 30.46 11.48
CA LEU A 150 -22.74 29.32 11.20
C LEU A 150 -24.21 29.69 11.31
N SER A 151 -24.57 30.43 12.37
CA SER A 151 -25.96 30.82 12.56
C SER A 151 -26.45 31.74 11.45
N ASN A 152 -25.65 32.74 11.08
CA ASN A 152 -26.05 33.66 10.03
C ASN A 152 -26.22 32.94 8.70
N ILE A 153 -25.30 32.01 8.39
CA ILE A 153 -25.40 31.29 7.13
C ILE A 153 -26.61 30.37 7.11
N LEU A 154 -26.88 29.66 8.21
CA LEU A 154 -28.08 28.83 8.26
C LEU A 154 -29.34 29.68 8.16
N ALA A 155 -29.35 30.85 8.80
CA ALA A 155 -30.51 31.72 8.73
C ALA A 155 -30.74 32.22 7.31
N GLU A 156 -29.68 32.62 6.61
CA GLU A 156 -29.83 33.09 5.24
C GLU A 156 -30.25 31.97 4.30
N CYS A 157 -29.75 30.76 4.53
CA CYS A 157 -30.08 29.64 3.65
C CYS A 157 -31.50 29.14 3.87
N THR A 158 -31.95 29.10 5.12
CA THR A 158 -33.26 28.51 5.43
C THR A 158 -34.39 29.53 5.43
N GLY A 159 -34.10 30.80 5.64
CA GLY A 159 -35.13 31.80 5.79
C GLY A 159 -35.61 32.00 7.20
N GLN A 160 -35.15 31.19 8.15
CA GLN A 160 -35.45 31.38 9.55
C GLN A 160 -34.65 32.56 10.09
N SER A 161 -35.00 32.99 11.30
CA SER A 161 -34.21 34.02 11.95
C SER A 161 -32.99 33.38 12.61
N VAL A 162 -31.96 34.20 12.82
CA VAL A 162 -30.75 33.71 13.48
C VAL A 162 -31.08 33.22 14.89
N GLU A 163 -32.03 33.85 15.56
CA GLU A 163 -32.44 33.44 16.90
C GLU A 163 -33.04 32.04 16.89
N LYS A 164 -33.95 31.79 15.94
CA LYS A 164 -34.55 30.47 15.84
C LYS A 164 -33.49 29.42 15.52
N ILE A 165 -32.50 29.78 14.70
CA ILE A 165 -31.42 28.86 14.36
C ILE A 165 -30.60 28.53 15.60
N ILE A 166 -30.27 29.55 16.40
CA ILE A 166 -29.50 29.32 17.62
C ILE A 166 -30.26 28.38 18.56
N GLU A 167 -31.53 28.68 18.81
CA GLU A 167 -32.29 27.84 19.74
C GLU A 167 -32.47 26.42 19.22
N ASP A 168 -32.72 26.25 17.91
CA ASP A 168 -32.92 24.90 17.39
C ASP A 168 -31.62 24.12 17.26
N SER A 169 -30.50 24.80 17.07
CA SER A 169 -29.21 24.11 17.07
C SER A 169 -28.82 23.64 18.47
N GLU A 170 -29.47 24.17 19.50
CA GLU A 170 -29.31 23.69 20.87
C GLU A 170 -30.09 22.40 21.12
N ARG A 171 -31.02 22.04 20.24
CA ARG A 171 -31.91 20.92 20.45
C ARG A 171 -31.44 19.72 19.64
N ASP A 172 -31.29 18.58 20.32
CA ASP A 172 -30.77 17.35 19.72
C ASP A 172 -31.96 16.55 19.20
N PHE A 173 -32.36 16.84 17.97
CA PHE A 173 -33.50 16.17 17.35
C PHE A 173 -33.34 16.20 15.84
N PHE A 174 -33.96 15.24 15.18
CA PHE A 174 -33.93 15.15 13.73
C PHE A 174 -35.26 15.56 13.13
N MET A 175 -35.20 16.08 11.90
CA MET A 175 -36.38 16.42 11.13
C MET A 175 -36.54 15.43 10.00
N GLY A 176 -37.79 15.09 9.68
CA GLY A 176 -38.08 14.37 8.46
C GLY A 176 -38.02 15.29 7.25
N ALA A 177 -38.22 14.68 6.08
CA ALA A 177 -38.10 15.44 4.83
C ALA A 177 -39.12 16.56 4.75
N GLU A 178 -40.37 16.28 5.12
CA GLU A 178 -41.42 17.30 5.02
C GLU A 178 -41.22 18.42 6.03
N GLU A 179 -40.83 18.06 7.26
CA GLU A 179 -40.52 19.07 8.26
C GLU A 179 -39.34 19.93 7.82
N ALA A 180 -38.36 19.32 7.13
CA ALA A 180 -37.24 20.09 6.61
C ALA A 180 -37.67 21.01 5.47
N ILE A 181 -38.63 20.57 4.66
CA ILE A 181 -39.20 21.44 3.62
C ILE A 181 -39.84 22.66 4.26
N ALA A 182 -40.66 22.42 5.30
CA ALA A 182 -41.30 23.53 6.01
C ALA A 182 -40.26 24.42 6.68
N TYR A 183 -39.15 23.84 7.13
CA TYR A 183 -38.12 24.60 7.83
C TYR A 183 -37.33 25.52 6.90
N GLY A 184 -37.32 25.24 5.61
CA GLY A 184 -36.46 25.95 4.67
C GLY A 184 -35.11 25.30 4.44
N LEU A 185 -34.87 24.12 5.03
CA LEU A 185 -33.58 23.45 4.86
C LEU A 185 -33.46 22.87 3.46
N ILE A 186 -34.54 22.29 2.94
CA ILE A 186 -34.59 21.71 1.61
C ILE A 186 -35.80 22.31 0.91
N ASP A 187 -36.05 21.84 -0.31
CA ASP A 187 -37.17 22.37 -1.09
C ASP A 187 -38.25 21.33 -1.34
N LYS A 188 -37.89 20.14 -1.79
CA LYS A 188 -38.86 19.09 -2.08
C LYS A 188 -38.24 17.73 -1.80
N VAL A 189 -39.10 16.77 -1.50
CA VAL A 189 -38.71 15.39 -1.25
C VAL A 189 -39.02 14.56 -2.48
N ILE A 190 -38.01 13.86 -2.98
CA ILE A 190 -38.08 13.09 -4.22
C ILE A 190 -38.03 11.61 -3.86
N SER A 191 -38.96 10.84 -4.40
CA SER A 191 -39.01 9.40 -4.18
C SER A 191 -38.69 8.57 -5.41
N SER A 192 -38.39 9.20 -6.55
CA SER A 192 -38.17 8.50 -7.81
C SER A 192 -37.31 9.37 -8.70
N ALA A 193 -36.25 8.79 -9.26
CA ALA A 193 -35.20 9.54 -9.95
C ALA A 193 -35.71 10.38 -11.11
N LYS A 194 -36.18 11.57 -10.77
CA LYS A 194 -36.58 12.56 -11.77
C LYS A 194 -35.87 13.85 -11.35
N GLU A 195 -36.32 15.00 -11.88
CA GLU A 195 -35.85 16.26 -11.31
C GLU A 195 -36.60 16.57 -10.02
N THR A 196 -37.75 15.93 -9.82
CA THR A 196 -38.62 16.05 -8.65
C THR A 196 -39.59 14.87 -8.68
N LYS A 197 -40.05 14.47 -7.50
CA LYS A 197 -40.99 13.35 -7.36
C LYS A 197 -40.44 12.06 -7.99
N LEU B 3 11.09 8.56 -1.57
CA LEU B 3 11.93 7.39 -1.33
C LEU B 3 12.11 6.54 -2.58
N VAL B 4 11.07 6.43 -3.40
CA VAL B 4 11.12 5.62 -4.62
C VAL B 4 10.86 6.52 -5.83
N PRO B 5 11.91 6.92 -6.54
CA PRO B 5 11.70 7.69 -7.77
C PRO B 5 11.43 6.76 -8.95
N TYR B 6 10.79 7.30 -9.97
CA TYR B 6 10.46 6.53 -11.17
C TYR B 6 11.11 7.14 -12.41
N VAL B 7 11.05 6.39 -13.50
CA VAL B 7 11.63 6.77 -14.79
C VAL B 7 10.74 6.18 -15.88
N VAL B 8 10.30 7.03 -16.82
CA VAL B 8 9.36 6.58 -17.83
C VAL B 8 10.04 6.15 -19.14
N GLU B 9 11.28 6.59 -19.38
CA GLU B 9 11.99 6.30 -20.62
C GLU B 9 11.20 6.70 -21.86
N ARG B 16 5.04 1.00 -19.02
CA ARG B 16 5.41 2.36 -19.40
C ARG B 16 6.52 2.92 -18.50
N ALA B 17 6.58 2.44 -17.26
CA ALA B 17 7.47 3.01 -16.26
C ALA B 17 8.02 1.93 -15.34
N MET B 18 9.00 2.32 -14.52
CA MET B 18 9.72 1.45 -13.59
C MET B 18 10.47 2.35 -12.61
N ASP B 19 10.80 1.79 -11.45
CA ASP B 19 11.53 2.58 -10.46
C ASP B 19 13.00 2.73 -10.86
N ILE B 20 13.72 3.53 -10.08
CA ILE B 20 15.11 3.87 -10.43
C ILE B 20 15.99 2.63 -10.42
N TYR B 21 15.73 1.71 -9.48
CA TYR B 21 16.56 0.51 -9.40
C TYR B 21 16.31 -0.39 -10.60
N SER B 22 15.07 -0.45 -11.08
CA SER B 22 14.79 -1.23 -12.28
C SER B 22 15.41 -0.59 -13.52
N ARG B 23 15.50 0.73 -13.56
CA ARG B 23 16.19 1.39 -14.67
C ARG B 23 17.68 1.06 -14.66
N LEU B 24 18.33 1.20 -13.50
CA LEU B 24 19.74 0.83 -13.42
C LEU B 24 19.93 -0.64 -13.79
N LEU B 25 18.97 -1.50 -13.39
CA LEU B 25 19.05 -2.90 -13.79
C LEU B 25 18.93 -3.04 -15.30
N LYS B 26 18.13 -2.18 -15.93
CA LYS B 26 18.06 -2.14 -17.39
C LYS B 26 19.41 -1.79 -17.99
N ASP B 27 20.23 -1.01 -17.27
CA ASP B 27 21.61 -0.80 -17.69
C ASP B 27 22.56 -1.88 -17.17
N ARG B 28 22.03 -3.00 -16.67
CA ARG B 28 22.82 -4.10 -16.10
C ARG B 28 23.60 -3.66 -14.86
N ILE B 29 22.95 -2.89 -13.99
CA ILE B 29 23.54 -2.40 -12.75
C ILE B 29 22.69 -2.89 -11.59
N VAL B 30 23.29 -3.68 -10.70
CA VAL B 30 22.63 -4.22 -9.52
C VAL B 30 23.15 -3.49 -8.29
N MET B 31 22.24 -3.12 -7.40
CA MET B 31 22.58 -2.38 -6.18
C MET B 31 22.44 -3.28 -4.96
N ILE B 32 23.46 -3.27 -4.11
CA ILE B 32 23.44 -3.98 -2.83
C ILE B 32 23.82 -2.95 -1.77
N GLY B 33 22.82 -2.23 -1.25
CA GLY B 33 23.11 -1.16 -0.31
C GLY B 33 22.45 -1.29 1.04
N GLN B 34 22.25 -2.52 1.50
CA GLN B 34 21.67 -2.77 2.82
C GLN B 34 22.27 -4.05 3.38
N GLU B 35 21.84 -4.42 4.57
CA GLU B 35 22.34 -5.63 5.21
C GLU B 35 21.96 -6.85 4.38
N ILE B 36 22.92 -7.75 4.18
CA ILE B 36 22.72 -8.94 3.35
C ILE B 36 21.83 -9.92 4.09
N THR B 37 20.54 -9.87 3.84
CA THR B 37 19.58 -10.77 4.47
C THR B 37 19.12 -11.81 3.46
N GLU B 38 18.26 -12.74 3.91
CA GLU B 38 17.78 -13.78 3.01
C GLU B 38 16.88 -13.23 1.90
N PRO B 39 15.88 -12.38 2.19
CA PRO B 39 15.10 -11.82 1.06
C PRO B 39 15.92 -10.93 0.15
N LEU B 40 16.85 -10.15 0.70
CA LEU B 40 17.73 -9.35 -0.14
C LEU B 40 18.55 -10.25 -1.05
N ALA B 41 19.09 -11.34 -0.50
CA ALA B 41 19.85 -12.28 -1.32
C ALA B 41 18.99 -12.88 -2.41
N ASN B 42 17.72 -13.16 -2.11
CA ASN B 42 16.86 -13.76 -3.12
C ASN B 42 16.57 -12.77 -4.25
N THR B 43 16.34 -11.50 -3.93
CA THR B 43 16.16 -10.51 -4.99
C THR B 43 17.43 -10.33 -5.80
N VAL B 44 18.60 -10.34 -5.14
CA VAL B 44 19.86 -10.18 -5.87
C VAL B 44 20.09 -11.35 -6.81
N ILE B 45 19.82 -12.57 -6.35
CA ILE B 45 20.01 -13.75 -7.20
C ILE B 45 19.02 -13.73 -8.35
N ALA B 46 17.78 -13.29 -8.09
CA ALA B 46 16.80 -13.16 -9.17
C ALA B 46 17.30 -12.19 -10.23
N GLN B 47 17.80 -11.03 -9.81
CA GLN B 47 18.32 -10.06 -10.76
C GLN B 47 19.50 -10.62 -11.54
N LEU B 48 20.38 -11.38 -10.88
CA LEU B 48 21.54 -11.93 -11.57
C LEU B 48 21.11 -12.96 -12.60
N LEU B 49 20.17 -13.84 -12.24
CA LEU B 49 19.65 -14.82 -13.20
C LEU B 49 18.96 -14.12 -14.37
N PHE B 50 18.24 -13.04 -14.10
CA PHE B 50 17.58 -12.31 -15.18
C PHE B 50 18.60 -11.69 -16.12
N LEU B 51 19.63 -11.05 -15.58
CA LEU B 51 20.67 -10.46 -16.42
C LEU B 51 21.38 -11.53 -17.23
N MET B 52 21.50 -12.74 -16.68
CA MET B 52 22.09 -13.83 -17.45
C MET B 52 21.15 -14.29 -18.57
N SER B 53 19.85 -14.37 -18.29
CA SER B 53 18.90 -14.79 -19.31
C SER B 53 18.84 -13.81 -20.46
N GLU B 54 18.91 -12.51 -20.17
CA GLU B 54 18.88 -11.51 -21.23
C GLU B 54 20.13 -11.60 -22.11
N ASP B 55 21.31 -11.58 -21.48
CA ASP B 55 22.59 -11.69 -22.17
C ASP B 55 23.65 -12.28 -21.26
N PRO B 56 24.08 -13.52 -21.50
CA PRO B 56 25.08 -14.15 -20.62
C PRO B 56 26.51 -13.68 -20.83
N THR B 57 26.79 -12.94 -21.90
CA THR B 57 28.16 -12.51 -22.19
C THR B 57 28.49 -11.11 -21.66
N LYS B 58 27.54 -10.18 -21.75
CA LYS B 58 27.81 -8.79 -21.38
C LYS B 58 28.05 -8.65 -19.88
N ASP B 59 28.87 -7.66 -19.52
CA ASP B 59 29.26 -7.45 -18.14
C ASP B 59 28.09 -6.97 -17.27
N ILE B 60 28.23 -7.24 -15.97
CA ILE B 60 27.30 -6.79 -14.95
C ILE B 60 28.05 -5.89 -13.97
N GLN B 61 27.37 -4.88 -13.43
CA GLN B 61 27.93 -3.95 -12.47
C GLN B 61 27.20 -4.13 -11.14
N ILE B 62 27.94 -4.33 -10.06
CA ILE B 62 27.37 -4.49 -8.73
C ILE B 62 27.95 -3.39 -7.84
N PHE B 63 27.10 -2.49 -7.38
CA PHE B 63 27.49 -1.44 -6.44
C PHE B 63 27.13 -1.87 -5.02
N ILE B 64 28.11 -1.84 -4.13
CA ILE B 64 28.00 -2.43 -2.80
C ILE B 64 28.17 -1.33 -1.76
N ASN B 65 27.17 -1.19 -0.89
CA ASN B 65 27.21 -0.29 0.27
C ASN B 65 26.50 -1.02 1.41
N SER B 66 27.08 -2.11 1.86
CA SER B 66 26.46 -3.03 2.78
C SER B 66 27.23 -3.06 4.10
N PRO B 67 26.55 -2.87 5.24
CA PRO B 67 27.24 -2.92 6.54
C PRO B 67 27.64 -4.31 6.99
N GLY B 68 27.13 -5.34 6.33
CA GLY B 68 27.34 -6.71 6.78
C GLY B 68 26.23 -7.58 6.23
N GLY B 69 26.03 -8.71 6.89
CA GLY B 69 24.96 -9.60 6.48
C GLY B 69 25.14 -10.98 7.09
N TYR B 70 24.51 -11.96 6.44
CA TYR B 70 24.52 -13.34 6.90
C TYR B 70 25.24 -14.22 5.88
N ILE B 71 25.98 -15.20 6.40
CA ILE B 71 26.84 -16.04 5.57
C ILE B 71 26.02 -16.87 4.58
N THR B 72 24.85 -17.35 4.99
CA THR B 72 24.03 -18.13 4.05
C THR B 72 23.64 -17.27 2.85
N ALA B 73 23.17 -16.04 3.12
CA ALA B 73 22.82 -15.12 2.04
C ALA B 73 24.05 -14.74 1.22
N GLY B 74 25.15 -14.39 1.89
CA GLY B 74 26.35 -14.00 1.19
C GLY B 74 26.91 -15.11 0.31
N LEU B 75 26.90 -16.34 0.83
CA LEU B 75 27.38 -17.48 0.06
C LEU B 75 26.44 -17.78 -1.11
N ALA B 76 25.14 -17.62 -0.91
CA ALA B 76 24.20 -17.79 -2.02
C ALA B 76 24.53 -16.81 -3.15
N ILE B 77 24.71 -15.54 -2.79
CA ILE B 77 25.03 -14.53 -3.81
C ILE B 77 26.37 -14.84 -4.46
N TYR B 78 27.36 -15.23 -3.66
CA TYR B 78 28.69 -15.52 -4.20
C TYR B 78 28.65 -16.68 -5.19
N ASP B 79 27.95 -17.75 -4.84
CA ASP B 79 27.81 -18.89 -5.74
C ASP B 79 27.09 -18.48 -7.02
N THR B 80 26.09 -17.60 -6.90
CA THR B 80 25.41 -17.10 -8.10
C THR B 80 26.35 -16.27 -8.97
N ILE B 81 27.22 -15.49 -8.34
CA ILE B 81 28.17 -14.67 -9.10
C ILE B 81 29.16 -15.55 -9.83
N ARG B 82 29.68 -16.57 -9.15
CA ARG B 82 30.56 -17.54 -9.80
C ARG B 82 29.84 -18.31 -10.89
N PHE B 83 28.52 -18.47 -10.76
CA PHE B 83 27.69 -19.19 -11.72
C PHE B 83 27.55 -18.46 -13.05
N LEU B 84 27.76 -17.15 -13.08
CA LEU B 84 27.65 -16.38 -14.31
C LEU B 84 28.88 -16.55 -15.18
N GLY B 85 28.67 -16.60 -16.50
CA GLY B 85 29.75 -16.68 -17.45
C GLY B 85 30.34 -15.35 -17.87
N CYS B 86 29.71 -14.25 -17.46
CA CYS B 86 30.17 -12.91 -17.81
C CYS B 86 31.07 -12.34 -16.72
N ASP B 87 31.73 -11.24 -17.05
CA ASP B 87 32.52 -10.50 -16.09
C ASP B 87 31.64 -9.71 -15.13
N VAL B 88 32.10 -9.58 -13.89
CA VAL B 88 31.35 -8.88 -12.84
C VAL B 88 32.24 -7.77 -12.30
N ASN B 89 31.88 -6.53 -12.60
CA ASN B 89 32.53 -5.38 -11.99
C ASN B 89 31.88 -5.12 -10.64
N THR B 90 32.70 -4.94 -9.60
CA THR B 90 32.21 -4.61 -8.27
C THR B 90 32.75 -3.26 -7.86
N TYR B 91 31.90 -2.43 -7.26
CA TYR B 91 32.27 -1.08 -6.83
C TYR B 91 31.87 -0.90 -5.37
N CYS B 92 32.85 -0.60 -4.52
CA CYS B 92 32.56 -0.26 -3.12
C CYS B 92 32.36 1.25 -3.00
N ILE B 93 31.12 1.66 -2.74
CA ILE B 93 30.78 3.01 -2.34
C ILE B 93 30.42 2.97 -0.85
N GLY B 94 30.98 3.89 -0.07
CA GLY B 94 30.74 3.88 1.35
C GLY B 94 31.51 2.79 2.06
N GLN B 95 30.79 1.79 2.58
CA GLN B 95 31.43 0.71 3.33
C GLN B 95 31.04 -0.65 2.77
N ALA B 96 31.99 -1.58 2.84
CA ALA B 96 31.78 -2.99 2.48
C ALA B 96 32.34 -3.80 3.64
N ALA B 97 31.46 -4.29 4.50
CA ALA B 97 31.85 -5.05 5.68
C ALA B 97 31.23 -6.44 5.65
N SER B 98 31.96 -7.41 6.19
CA SER B 98 31.49 -8.79 6.34
C SER B 98 31.14 -9.33 4.96
N MET B 99 29.89 -9.75 4.72
CA MET B 99 29.50 -10.27 3.41
C MET B 99 29.71 -9.23 2.31
N GLY B 100 29.52 -7.95 2.62
CA GLY B 100 29.80 -6.90 1.65
C GLY B 100 31.18 -7.01 1.06
N ALA B 101 32.20 -7.18 1.91
CA ALA B 101 33.56 -7.34 1.42
C ALA B 101 33.73 -8.63 0.64
N LEU B 102 33.01 -9.70 1.02
CA LEU B 102 33.06 -10.94 0.27
C LEU B 102 32.59 -10.74 -1.17
N LEU B 103 31.41 -10.14 -1.33
CA LEU B 103 30.90 -9.89 -2.68
C LEU B 103 31.78 -8.91 -3.43
N LEU B 104 32.36 -7.95 -2.70
CA LEU B 104 33.27 -6.99 -3.33
C LEU B 104 34.47 -7.70 -3.95
N SER B 105 35.10 -8.59 -3.18
CA SER B 105 36.25 -9.33 -3.70
C SER B 105 35.84 -10.42 -4.69
N ALA B 106 34.56 -10.73 -4.79
CA ALA B 106 34.13 -11.77 -5.72
C ALA B 106 34.12 -11.33 -7.18
N GLY B 107 34.24 -10.04 -7.46
CA GLY B 107 34.25 -9.59 -8.84
C GLY B 107 35.46 -10.10 -9.59
N THR B 108 35.34 -10.12 -10.92
CA THR B 108 36.45 -10.60 -11.75
C THR B 108 37.68 -9.73 -11.54
N LYS B 109 38.84 -10.38 -11.46
CA LYS B 109 40.08 -9.70 -11.11
C LYS B 109 40.40 -8.60 -12.12
N GLY B 110 40.77 -7.43 -11.62
CA GLY B 110 40.98 -6.26 -12.44
C GLY B 110 39.77 -5.35 -12.55
N LYS B 111 38.59 -5.80 -12.10
CA LYS B 111 37.36 -5.03 -12.19
C LYS B 111 36.70 -4.85 -10.82
N ARG B 112 37.51 -4.76 -9.77
CA ARG B 112 37.02 -4.53 -8.42
C ARG B 112 37.55 -3.16 -7.97
N TYR B 113 36.64 -2.20 -7.84
CA TYR B 113 36.97 -0.81 -7.59
C TYR B 113 36.41 -0.36 -6.24
N ALA B 114 37.00 0.71 -5.71
CA ALA B 114 36.48 1.35 -4.51
C ALA B 114 36.61 2.85 -4.68
N LEU B 115 35.65 3.58 -4.13
CA LEU B 115 35.72 5.04 -4.18
C LEU B 115 36.70 5.55 -3.12
N PRO B 116 37.22 6.78 -3.30
CA PRO B 116 38.39 7.22 -2.49
C PRO B 116 38.20 7.15 -0.99
N HIS B 117 37.01 7.42 -0.47
CA HIS B 117 36.77 7.39 0.97
C HIS B 117 36.06 6.12 1.42
N SER B 118 36.16 5.05 0.64
CA SER B 118 35.50 3.79 0.99
C SER B 118 36.23 3.10 2.14
N ARG B 119 35.45 2.35 2.93
CA ARG B 119 35.95 1.61 4.08
C ARG B 119 35.55 0.16 3.91
N MET B 120 36.49 -0.77 4.12
CA MET B 120 36.24 -2.19 3.93
C MET B 120 36.74 -2.99 5.13
N MET B 121 35.96 -4.00 5.52
CA MET B 121 36.28 -4.81 6.68
C MET B 121 35.79 -6.24 6.45
N ILE B 122 36.69 -7.21 6.59
CA ILE B 122 36.26 -8.61 6.47
C ILE B 122 35.61 -9.11 7.76
N HIS B 123 35.91 -8.49 8.89
CA HIS B 123 35.32 -8.87 10.16
C HIS B 123 33.81 -8.71 10.14
N GLN B 124 33.10 -9.64 10.79
CA GLN B 124 31.67 -9.47 10.97
C GLN B 124 31.37 -8.73 12.28
N PRO B 125 30.94 -7.48 12.19
CA PRO B 125 30.71 -6.71 13.42
C PRO B 125 29.49 -7.21 14.16
N SER B 126 29.51 -7.01 15.49
CA SER B 126 28.43 -7.34 16.42
C SER B 126 28.27 -8.80 16.82
N GLY B 127 29.14 -9.71 16.39
CA GLY B 127 28.92 -11.09 16.76
C GLY B 127 28.11 -11.81 15.70
N GLY B 128 28.80 -12.67 14.96
CA GLY B 128 28.27 -13.37 13.80
C GLY B 128 27.74 -14.80 13.90
N ILE B 129 26.56 -15.01 14.45
CA ILE B 129 26.04 -16.38 14.38
C ILE B 129 25.11 -16.44 13.19
N ILE B 130 25.70 -16.54 11.99
CA ILE B 130 24.91 -16.50 10.75
C ILE B 130 23.67 -17.37 10.84
N GLY B 131 22.56 -16.83 10.36
CA GLY B 131 21.32 -17.56 10.43
C GLY B 131 20.38 -17.48 9.26
N THR B 132 20.10 -18.67 8.76
CA THR B 132 19.02 -18.92 7.82
C THR B 132 17.75 -18.15 8.17
N SER B 133 17.31 -18.23 9.42
CA SER B 133 16.25 -17.37 9.91
C SER B 133 16.83 -16.04 10.35
N ALA B 134 16.05 -14.97 10.16
CA ALA B 134 16.48 -13.63 10.56
C ALA B 134 16.98 -13.61 11.98
N ASP B 135 16.37 -14.44 12.84
CA ASP B 135 16.82 -14.67 14.20
C ASP B 135 17.28 -16.12 14.23
N ILE B 136 18.60 -16.31 14.20
CA ILE B 136 19.22 -17.41 13.48
C ILE B 136 18.79 -18.77 14.04
N GLN B 137 18.92 -19.80 13.19
CA GLN B 137 18.44 -21.15 13.46
C GLN B 137 19.45 -22.22 13.08
N LEU B 138 20.70 -22.08 13.50
CA LEU B 138 21.73 -23.01 13.05
C LEU B 138 22.53 -23.59 14.20
N GLN B 139 22.99 -24.81 14.00
CA GLN B 139 23.74 -25.56 15.00
C GLN B 139 25.21 -25.20 14.93
N ALA B 140 25.96 -25.65 15.93
CA ALA B 140 27.36 -25.28 16.04
C ALA B 140 28.14 -25.76 14.83
N ALA B 141 27.95 -27.02 14.45
CA ALA B 141 28.71 -27.58 13.34
C ALA B 141 28.45 -26.84 12.04
N GLU B 142 27.22 -26.34 11.85
CA GLU B 142 26.94 -25.68 10.58
C GLU B 142 27.51 -24.27 10.52
N ILE B 143 27.47 -23.53 11.64
CA ILE B 143 28.15 -22.24 11.68
C ILE B 143 29.65 -22.43 11.48
N LEU B 144 30.25 -23.40 12.17
CA LEU B 144 31.67 -23.62 12.01
C LEU B 144 32.02 -23.97 10.56
N THR B 145 31.20 -24.81 9.91
CA THR B 145 31.44 -25.16 8.52
C THR B 145 31.30 -23.95 7.60
N LEU B 146 30.24 -23.16 7.79
CA LEU B 146 30.02 -21.99 6.95
C LEU B 146 31.14 -20.97 7.11
N LYS B 147 31.65 -20.81 8.34
CA LYS B 147 32.75 -19.89 8.54
C LYS B 147 34.04 -20.41 7.91
N LYS B 148 34.27 -21.72 7.93
CA LYS B 148 35.41 -22.27 7.21
C LYS B 148 35.28 -22.00 5.71
N HIS B 149 34.06 -22.16 5.17
CA HIS B 149 33.82 -21.80 3.77
C HIS B 149 34.16 -20.34 3.50
N LEU B 150 33.68 -19.45 4.37
CA LEU B 150 33.93 -18.02 4.20
C LEU B 150 35.42 -17.74 4.19
N SER B 151 36.18 -18.36 5.09
CA SER B 151 37.62 -18.15 5.13
C SER B 151 38.28 -18.65 3.85
N ASN B 152 37.88 -19.83 3.38
CA ASN B 152 38.48 -20.37 2.15
C ASN B 152 38.20 -19.46 0.96
N ILE B 153 36.97 -18.97 0.85
CA ILE B 153 36.58 -18.12 -0.27
C ILE B 153 37.30 -16.78 -0.21
N LEU B 154 37.39 -16.18 0.98
CA LEU B 154 38.12 -14.92 1.11
C LEU B 154 39.60 -15.10 0.77
N ALA B 155 40.18 -16.24 1.19
CA ALA B 155 41.58 -16.50 0.87
C ALA B 155 41.78 -16.63 -0.64
N GLU B 156 40.88 -17.33 -1.32
CA GLU B 156 41.01 -17.45 -2.77
C GLU B 156 40.79 -16.11 -3.48
N CYS B 157 39.87 -15.29 -2.99
CA CYS B 157 39.57 -14.03 -3.65
C CYS B 157 40.66 -12.99 -3.43
N THR B 158 41.24 -12.94 -2.22
CA THR B 158 42.23 -11.93 -1.90
C THR B 158 43.66 -12.37 -2.16
N GLY B 159 43.92 -13.67 -2.17
CA GLY B 159 45.26 -14.18 -2.29
C GLY B 159 45.99 -14.38 -0.97
N GLN B 160 45.39 -13.95 0.14
CA GLN B 160 45.96 -14.23 1.45
C GLN B 160 45.75 -15.70 1.82
N SER B 161 46.43 -16.13 2.88
CA SER B 161 46.23 -17.48 3.38
C SER B 161 45.02 -17.53 4.30
N VAL B 162 44.46 -18.74 4.44
CA VAL B 162 43.33 -18.95 5.34
C VAL B 162 43.70 -18.58 6.77
N GLU B 163 44.96 -18.79 7.18
CA GLU B 163 45.38 -18.39 8.51
C GLU B 163 45.24 -16.88 8.68
N LYS B 164 45.78 -16.11 7.72
CA LYS B 164 45.68 -14.66 7.81
C LYS B 164 44.23 -14.19 7.71
N ILE B 165 43.42 -14.86 6.90
CA ILE B 165 42.02 -14.46 6.76
C ILE B 165 41.29 -14.66 8.08
N ILE B 166 41.50 -15.80 8.74
CA ILE B 166 40.89 -16.04 10.04
C ILE B 166 41.34 -14.99 11.05
N GLU B 167 42.65 -14.73 11.09
CA GLU B 167 43.19 -13.76 12.04
C GLU B 167 42.58 -12.38 11.82
N ASP B 168 42.46 -11.95 10.56
CA ASP B 168 41.94 -10.62 10.27
C ASP B 168 40.43 -10.53 10.41
N SER B 169 39.70 -11.63 10.18
CA SER B 169 38.27 -11.62 10.43
C SER B 169 37.99 -11.58 11.91
N GLU B 170 38.97 -11.91 12.74
CA GLU B 170 38.84 -11.69 14.17
C GLU B 170 39.01 -10.22 14.55
N ARG B 171 39.54 -9.38 13.66
CA ARG B 171 39.93 -8.03 14.02
C ARG B 171 38.88 -7.03 13.51
N ASP B 172 38.38 -6.20 14.43
CA ASP B 172 37.31 -5.24 14.14
C ASP B 172 37.97 -3.91 13.76
N PHE B 173 38.27 -3.76 12.47
CA PHE B 173 38.94 -2.58 11.95
C PHE B 173 38.58 -2.43 10.49
N PHE B 174 38.63 -1.20 9.99
CA PHE B 174 38.34 -0.92 8.59
C PHE B 174 39.62 -0.60 7.85
N MET B 175 39.63 -0.91 6.56
CA MET B 175 40.72 -0.57 5.67
C MET B 175 40.27 0.54 4.74
N GLY B 176 41.18 1.46 4.43
CA GLY B 176 40.96 2.38 3.35
C GLY B 176 41.17 1.69 2.02
N ALA B 177 40.94 2.46 0.94
CA ALA B 177 41.02 1.89 -0.40
C ALA B 177 42.41 1.33 -0.69
N GLU B 178 43.47 2.04 -0.28
CA GLU B 178 44.83 1.57 -0.56
C GLU B 178 45.18 0.33 0.25
N GLU B 179 44.78 0.28 1.52
CA GLU B 179 45.00 -0.93 2.29
C GLU B 179 44.26 -2.09 1.67
N ALA B 180 43.08 -1.83 1.11
CA ALA B 180 42.30 -2.88 0.47
C ALA B 180 42.97 -3.36 -0.81
N ILE B 181 43.59 -2.44 -1.58
CA ILE B 181 44.34 -2.87 -2.77
C ILE B 181 45.51 -3.74 -2.37
N ALA B 182 46.28 -3.31 -1.36
CA ALA B 182 47.40 -4.11 -0.90
C ALA B 182 46.93 -5.46 -0.36
N TYR B 183 45.72 -5.51 0.21
CA TYR B 183 45.21 -6.74 0.79
C TYR B 183 44.79 -7.77 -0.26
N GLY B 184 44.53 -7.34 -1.49
CA GLY B 184 43.97 -8.20 -2.49
C GLY B 184 42.46 -8.19 -2.55
N LEU B 185 41.82 -7.36 -1.73
CA LEU B 185 40.36 -7.29 -1.70
C LEU B 185 39.81 -6.60 -2.95
N ILE B 186 40.49 -5.54 -3.39
CA ILE B 186 40.11 -4.79 -4.58
C ILE B 186 41.33 -4.65 -5.49
N ASP B 187 41.14 -3.98 -6.61
CA ASP B 187 42.18 -3.80 -7.61
C ASP B 187 42.55 -2.34 -7.83
N LYS B 188 41.58 -1.42 -7.91
CA LYS B 188 41.86 -0.05 -8.30
C LYS B 188 40.97 0.91 -7.52
N VAL B 189 41.48 2.13 -7.30
CA VAL B 189 40.73 3.22 -6.70
C VAL B 189 40.38 4.22 -7.79
N ILE B 190 39.09 4.49 -7.96
CA ILE B 190 38.60 5.31 -9.06
C ILE B 190 37.92 6.55 -8.46
N SER B 191 38.25 7.73 -8.99
CA SER B 191 37.60 8.97 -8.58
C SER B 191 36.72 9.57 -9.65
N SER B 192 36.58 8.90 -10.81
CA SER B 192 35.84 9.44 -11.95
C SER B 192 35.93 8.56 -13.18
N ALA B 193 35.35 7.35 -13.12
CA ALA B 193 35.40 6.37 -14.19
C ALA B 193 36.76 6.36 -14.91
N LYS B 194 37.80 6.12 -14.12
CA LYS B 194 39.16 6.16 -14.66
C LYS B 194 39.54 4.94 -15.49
N GLU B 195 39.11 3.72 -15.12
CA GLU B 195 39.65 2.53 -15.77
C GLU B 195 38.64 1.74 -16.59
N THR B 196 39.21 0.80 -17.35
CA THR B 196 38.55 -0.15 -18.25
C THR B 196 37.32 0.44 -18.91
N LYS B 197 37.54 1.51 -19.67
CA LYS B 197 36.56 2.02 -20.63
C LYS B 197 35.28 2.51 -19.96
N ASP B 198 35.39 2.95 -18.71
CA ASP B 198 34.31 3.60 -17.96
C ASP B 198 32.93 3.01 -18.23
N LYS B 199 32.71 1.76 -17.80
CA LYS B 199 31.45 1.08 -18.13
C LYS B 199 30.27 1.77 -17.46
N SER B 200 30.36 2.04 -16.17
CA SER B 200 29.27 2.67 -15.46
C SER B 200 29.78 3.61 -14.37
N LEU C 3 -9.97 7.99 -0.67
CA LEU C 3 -10.13 9.32 -0.10
C LEU C 3 -9.77 10.39 -1.13
N VAL C 4 -9.00 10.00 -2.13
CA VAL C 4 -8.52 10.91 -3.16
C VAL C 4 -9.00 10.47 -4.55
N PRO C 5 -9.91 11.21 -5.17
CA PRO C 5 -10.44 10.81 -6.47
C PRO C 5 -9.43 11.03 -7.59
N TYR C 6 -9.69 10.37 -8.71
CA TYR C 6 -8.85 10.41 -9.90
C TYR C 6 -9.59 11.05 -11.06
N VAL C 7 -8.87 11.29 -12.14
CA VAL C 7 -9.44 11.96 -13.31
C VAL C 7 -8.74 11.45 -14.56
N VAL C 8 -9.51 11.30 -15.65
CA VAL C 8 -8.96 10.99 -16.96
C VAL C 8 -9.95 11.38 -18.04
N ALA C 17 -4.19 9.18 -16.67
CA ALA C 17 -4.83 9.17 -15.36
C ALA C 17 -4.02 9.94 -14.33
N MET C 18 -4.71 10.56 -13.38
CA MET C 18 -4.09 11.43 -12.38
C MET C 18 -5.07 11.63 -11.24
N ASP C 19 -4.54 11.89 -10.04
CA ASP C 19 -5.40 12.23 -8.91
C ASP C 19 -5.86 13.69 -9.00
N ILE C 20 -6.75 14.07 -8.08
CA ILE C 20 -7.37 15.40 -8.16
C ILE C 20 -6.32 16.50 -7.97
N TYR C 21 -5.37 16.29 -7.07
CA TYR C 21 -4.37 17.33 -6.82
C TYR C 21 -3.41 17.47 -7.98
N SER C 22 -3.06 16.36 -8.63
CA SER C 22 -2.23 16.44 -9.83
C SER C 22 -2.99 17.08 -10.98
N ARG C 23 -4.30 16.89 -11.03
CA ARG C 23 -5.12 17.55 -12.05
C ARG C 23 -5.10 19.06 -11.85
N LEU C 24 -5.37 19.50 -10.62
CA LEU C 24 -5.30 20.92 -10.32
C LEU C 24 -3.89 21.46 -10.58
N LEU C 25 -2.86 20.66 -10.29
CA LEU C 25 -1.50 21.07 -10.59
C LEU C 25 -1.28 21.22 -12.09
N LYS C 26 -1.91 20.36 -12.89
CA LYS C 26 -1.89 20.54 -14.34
C LYS C 26 -2.53 21.86 -14.74
N ASP C 27 -3.50 22.34 -13.95
CA ASP C 27 -4.02 23.68 -14.16
C ASP C 27 -3.20 24.75 -13.43
N ARG C 28 -1.98 24.41 -12.97
CA ARG C 28 -1.09 25.33 -12.24
C ARG C 28 -1.71 25.79 -10.92
N ILE C 29 -2.31 24.85 -10.19
CA ILE C 29 -2.94 25.12 -8.91
C ILE C 29 -2.27 24.25 -7.85
N VAL C 30 -1.70 24.90 -6.82
CA VAL C 30 -1.06 24.22 -5.71
C VAL C 30 -1.94 24.34 -4.48
N MET C 31 -2.10 23.24 -3.75
CA MET C 31 -2.94 23.19 -2.55
C MET C 31 -2.07 23.08 -1.31
N ILE C 32 -2.35 23.91 -0.31
CA ILE C 32 -1.71 23.85 1.00
C ILE C 32 -2.83 23.78 2.03
N GLY C 33 -3.30 22.58 2.33
CA GLY C 33 -4.43 22.42 3.22
C GLY C 33 -4.17 21.58 4.45
N GLN C 34 -2.93 21.61 4.95
CA GLN C 34 -2.58 20.88 6.17
C GLN C 34 -1.49 21.67 6.90
N GLU C 35 -1.06 21.13 8.03
CA GLU C 35 0.02 21.75 8.80
C GLU C 35 1.30 21.77 7.98
N ILE C 36 1.96 22.93 7.94
CA ILE C 36 3.17 23.13 7.16
C ILE C 36 4.37 22.43 7.81
N THR C 37 4.65 21.20 7.40
CA THR C 37 5.76 20.41 7.89
C THR C 37 6.86 20.32 6.82
N GLU C 38 7.96 19.63 7.14
CA GLU C 38 9.03 19.49 6.16
C GLU C 38 8.63 18.66 4.94
N PRO C 39 8.00 17.50 5.10
CA PRO C 39 7.57 16.79 3.87
C PRO C 39 6.55 17.58 3.08
N LEU C 40 5.64 18.28 3.77
CA LEU C 40 4.73 19.17 3.06
C LEU C 40 5.49 20.27 2.34
N ALA C 41 6.48 20.88 3.01
CA ALA C 41 7.27 21.92 2.38
C ALA C 41 8.05 21.39 1.19
N ASN C 42 8.59 20.18 1.29
CA ASN C 42 9.36 19.61 0.18
C ASN C 42 8.48 19.28 -1.01
N THR C 43 7.27 18.73 -0.77
CA THR C 43 6.36 18.50 -1.88
C THR C 43 5.91 19.82 -2.51
N VAL C 44 5.64 20.84 -1.70
CA VAL C 44 5.22 22.12 -2.25
C VAL C 44 6.34 22.76 -3.06
N ILE C 45 7.58 22.67 -2.57
CA ILE C 45 8.72 23.22 -3.30
C ILE C 45 8.95 22.43 -4.59
N ALA C 46 8.75 21.11 -4.54
CA ALA C 46 8.85 20.31 -5.76
C ALA C 46 7.82 20.78 -6.79
N GLN C 47 6.58 20.97 -6.37
CA GLN C 47 5.54 21.46 -7.27
C GLN C 47 5.89 22.82 -7.83
N LEU C 48 6.43 23.71 -6.99
CA LEU C 48 6.77 25.05 -7.44
C LEU C 48 7.91 25.03 -8.45
N LEU C 49 8.95 24.23 -8.19
CA LEU C 49 10.05 24.09 -9.14
C LEU C 49 9.55 23.50 -10.46
N PHE C 50 8.64 22.52 -10.38
CA PHE C 50 8.11 21.93 -11.61
C PHE C 50 7.30 22.96 -12.41
N LEU C 51 6.43 23.71 -11.74
CA LEU C 51 5.66 24.74 -12.44
C LEU C 51 6.58 25.81 -13.01
N MET C 52 7.70 26.08 -12.35
CA MET C 52 8.65 27.04 -12.89
C MET C 52 9.32 26.50 -14.14
N SER C 53 9.71 25.22 -14.12
CA SER C 53 10.34 24.62 -15.29
C SER C 53 9.35 24.52 -16.45
N GLU C 54 8.09 24.20 -16.16
CA GLU C 54 7.09 24.02 -17.20
C GLU C 54 6.81 25.31 -17.95
N ASP C 55 6.51 26.38 -17.23
CA ASP C 55 6.27 27.66 -17.88
C ASP C 55 6.57 28.80 -16.91
N PRO C 56 7.64 29.56 -17.12
CA PRO C 56 8.01 30.61 -16.16
C PRO C 56 7.19 31.88 -16.25
N THR C 57 6.36 32.07 -17.28
CA THR C 57 5.62 33.32 -17.39
C THR C 57 4.22 33.24 -16.78
N LYS C 58 3.52 32.12 -16.94
CA LYS C 58 2.14 32.04 -16.48
C LYS C 58 2.05 32.07 -14.96
N ASP C 59 0.93 32.60 -14.47
CA ASP C 59 0.69 32.71 -13.04
C ASP C 59 0.51 31.33 -12.41
N ILE C 60 0.72 31.29 -11.10
CA ILE C 60 0.49 30.11 -10.28
C ILE C 60 -0.59 30.47 -9.27
N GLN C 61 -1.42 29.47 -8.92
CA GLN C 61 -2.47 29.64 -7.93
C GLN C 61 -2.16 28.76 -6.73
N ILE C 62 -2.16 29.35 -5.53
CA ILE C 62 -1.91 28.63 -4.29
C ILE C 62 -3.11 28.84 -3.38
N PHE C 63 -3.82 27.76 -3.07
CA PHE C 63 -4.95 27.79 -2.15
C PHE C 63 -4.48 27.31 -0.77
N ILE C 64 -4.76 28.13 0.24
CA ILE C 64 -4.21 27.96 1.57
C ILE C 64 -5.36 27.71 2.55
N ASN C 65 -5.29 26.58 3.26
CA ASN C 65 -6.22 26.23 4.34
C ASN C 65 -5.38 25.51 5.41
N SER C 66 -4.46 26.26 6.02
CA SER C 66 -3.44 25.69 6.89
C SER C 66 -3.58 26.21 8.31
N PRO C 67 -3.62 25.34 9.32
CA PRO C 67 -3.75 25.82 10.70
C PRO C 67 -2.47 26.41 11.26
N GLY C 68 -1.34 26.24 10.59
CA GLY C 68 -0.06 26.66 11.11
C GLY C 68 1.04 25.84 10.48
N GLY C 69 2.16 25.77 11.18
CA GLY C 69 3.27 24.98 10.71
C GLY C 69 4.53 25.37 11.45
N TYR C 70 5.66 25.06 10.83
CA TYR C 70 6.98 25.31 11.42
C TYR C 70 7.71 26.34 10.59
N ILE C 71 8.48 27.19 11.27
CA ILE C 71 9.10 28.33 10.60
C ILE C 71 10.09 27.86 9.55
N THR C 72 10.77 26.73 9.78
CA THR C 72 11.74 26.24 8.80
C THR C 72 11.05 25.91 7.48
N ALA C 73 9.94 25.17 7.55
CA ALA C 73 9.17 24.83 6.35
C ALA C 73 8.58 26.07 5.70
N GLY C 74 7.97 26.95 6.50
CA GLY C 74 7.36 28.14 5.94
C GLY C 74 8.37 29.04 5.24
N LEU C 75 9.55 29.21 5.83
CA LEU C 75 10.58 30.03 5.21
C LEU C 75 11.11 29.38 3.94
N ALA C 76 11.25 28.05 3.94
CA ALA C 76 11.64 27.37 2.70
C ALA C 76 10.63 27.65 1.59
N ILE C 77 9.34 27.52 1.89
CA ILE C 77 8.30 27.76 0.89
C ILE C 77 8.32 29.21 0.44
N TYR C 78 8.46 30.15 1.38
CA TYR C 78 8.46 31.56 1.03
C TYR C 78 9.62 31.92 0.11
N ASP C 79 10.82 31.42 0.45
CA ASP C 79 11.98 31.67 -0.41
C ASP C 79 11.79 31.07 -1.79
N THR C 80 11.17 29.89 -1.87
CA THR C 80 10.89 29.31 -3.17
C THR C 80 9.90 30.17 -3.95
N ILE C 81 8.92 30.74 -3.26
CA ILE C 81 7.91 31.57 -3.93
C ILE C 81 8.54 32.85 -4.47
N ARG C 82 9.36 33.51 -3.65
CA ARG C 82 10.07 34.70 -4.14
C ARG C 82 11.04 34.35 -5.25
N PHE C 83 11.53 33.11 -5.26
CA PHE C 83 12.46 32.63 -6.26
C PHE C 83 11.83 32.50 -7.64
N LEU C 84 10.51 32.44 -7.72
CA LEU C 84 9.82 32.35 -9.00
C LEU C 84 9.75 33.71 -9.67
N GLY C 85 9.87 33.71 -10.99
CA GLY C 85 9.76 34.94 -11.75
C GLY C 85 8.36 35.32 -12.16
N CYS C 86 7.40 34.42 -11.97
CA CYS C 86 6.01 34.65 -12.33
C CYS C 86 5.21 35.20 -11.15
N ASP C 87 4.00 35.67 -11.46
CA ASP C 87 3.07 36.13 -10.44
C ASP C 87 2.46 34.93 -9.71
N VAL C 88 2.18 35.12 -8.42
CA VAL C 88 1.64 34.05 -7.57
C VAL C 88 0.37 34.58 -6.91
N ASN C 89 -0.78 34.04 -7.29
CA ASN C 89 -2.03 34.31 -6.60
C ASN C 89 -2.15 33.40 -5.38
N THR C 90 -2.50 33.98 -4.24
CA THR C 90 -2.74 33.23 -3.02
C THR C 90 -4.18 33.44 -2.58
N TYR C 91 -4.84 32.36 -2.16
CA TYR C 91 -6.25 32.39 -1.76
C TYR C 91 -6.39 31.77 -0.38
N CYS C 92 -6.93 32.52 0.57
CA CYS C 92 -7.26 31.93 1.87
C CYS C 92 -8.69 31.39 1.81
N ILE C 93 -8.80 30.06 1.82
CA ILE C 93 -10.06 29.36 2.02
C ILE C 93 -10.02 28.76 3.41
N GLY C 94 -11.06 28.99 4.20
CA GLY C 94 -11.02 28.50 5.57
C GLY C 94 -10.11 29.31 6.46
N GLN C 95 -8.99 28.74 6.90
CA GLN C 95 -8.14 29.45 7.86
C GLN C 95 -6.70 29.51 7.33
N ALA C 96 -6.03 30.63 7.63
CA ALA C 96 -4.61 30.80 7.37
C ALA C 96 -3.99 31.37 8.63
N ALA C 97 -3.31 30.51 9.39
CA ALA C 97 -2.68 30.91 10.64
C ALA C 97 -1.19 30.60 10.61
N SER C 98 -0.41 31.45 11.28
CA SER C 98 1.05 31.27 11.45
C SER C 98 1.69 31.20 10.06
N MET C 99 2.36 30.10 9.70
CA MET C 99 2.99 30.01 8.38
C MET C 99 1.98 30.17 7.25
N GLY C 100 0.76 29.67 7.43
CA GLY C 100 -0.29 29.89 6.45
C GLY C 100 -0.48 31.36 6.13
N ALA C 101 -0.58 32.20 7.16
CA ALA C 101 -0.71 33.63 6.95
C ALA C 101 0.53 34.23 6.30
N LEU C 102 1.71 33.68 6.62
CA LEU C 102 2.94 34.12 5.99
C LEU C 102 2.90 33.89 4.48
N LEU C 103 2.58 32.66 4.06
CA LEU C 103 2.52 32.35 2.64
C LEU C 103 1.38 33.07 1.93
N LEU C 104 0.27 33.31 2.64
CA LEU C 104 -0.85 34.04 2.06
C LEU C 104 -0.42 35.44 1.63
N SER C 105 0.25 36.17 2.53
CA SER C 105 0.71 37.53 2.22
C SER C 105 1.89 37.53 1.26
N ALA C 106 2.49 36.37 0.97
CA ALA C 106 3.62 36.30 0.06
C ALA C 106 3.23 36.43 -1.41
N GLY C 107 1.94 36.35 -1.73
CA GLY C 107 1.52 36.52 -3.11
C GLY C 107 1.82 37.92 -3.61
N THR C 108 1.89 38.05 -4.93
CA THR C 108 2.18 39.35 -5.52
C THR C 108 1.09 40.35 -5.15
N LYS C 109 1.51 41.57 -4.84
CA LYS C 109 0.58 42.57 -4.34
C LYS C 109 -0.53 42.79 -5.37
N GLY C 110 -1.78 42.79 -4.90
CA GLY C 110 -2.92 42.85 -5.76
C GLY C 110 -3.54 41.51 -6.12
N LYS C 111 -2.86 40.40 -5.82
CA LYS C 111 -3.35 39.07 -6.17
C LYS C 111 -3.44 38.17 -4.94
N ARG C 112 -3.74 38.74 -3.79
CA ARG C 112 -3.91 37.99 -2.54
C ARG C 112 -5.36 38.12 -2.10
N TYR C 113 -6.09 37.01 -2.16
CA TYR C 113 -7.52 36.97 -1.95
C TYR C 113 -7.87 36.14 -0.72
N ALA C 114 -9.06 36.39 -0.19
CA ALA C 114 -9.62 35.58 0.89
C ALA C 114 -11.10 35.39 0.62
N LEU C 115 -11.63 34.23 1.00
CA LEU C 115 -13.05 34.00 0.87
C LEU C 115 -13.82 34.66 2.01
N PRO C 116 -15.13 34.89 1.82
CA PRO C 116 -15.86 35.79 2.76
C PRO C 116 -15.79 35.38 4.23
N HIS C 117 -15.86 34.09 4.56
CA HIS C 117 -15.85 33.66 5.94
C HIS C 117 -14.50 33.12 6.38
N SER C 118 -13.44 33.42 5.65
CA SER C 118 -12.12 32.93 6.02
C SER C 118 -11.58 33.71 7.22
N ARG C 119 -10.73 33.05 8.01
CA ARG C 119 -10.16 33.61 9.22
C ARG C 119 -8.63 33.56 9.13
N MET C 120 -7.96 34.64 9.49
CA MET C 120 -6.52 34.75 9.37
C MET C 120 -5.91 35.23 10.68
N MET C 121 -4.76 34.66 11.03
CA MET C 121 -4.08 34.93 12.30
C MET C 121 -2.57 34.85 12.08
N ILE C 122 -1.85 35.90 12.47
CA ILE C 122 -0.40 35.87 12.35
C ILE C 122 0.24 35.09 13.51
N HIS C 123 -0.44 35.02 14.65
CA HIS C 123 0.08 34.33 15.83
C HIS C 123 0.26 32.82 15.58
N GLN C 124 1.38 32.28 16.05
CA GLN C 124 1.58 30.82 16.05
C GLN C 124 1.21 30.27 17.42
N PRO C 125 0.18 29.41 17.51
CA PRO C 125 -0.31 28.97 18.82
C PRO C 125 0.64 28.10 19.64
N SER C 126 0.14 27.67 20.81
CA SER C 126 0.83 26.83 21.78
C SER C 126 2.34 27.06 21.82
N GLY C 127 3.08 26.19 21.16
CA GLY C 127 4.52 26.31 21.08
C GLY C 127 4.99 26.55 19.67
N GLY C 128 5.24 27.81 19.32
CA GLY C 128 5.68 28.11 17.98
C GLY C 128 7.20 28.20 17.95
N ILE C 129 7.84 27.17 18.47
CA ILE C 129 9.29 27.14 18.62
C ILE C 129 9.96 26.33 17.51
N ILE C 130 9.32 25.26 17.06
CA ILE C 130 10.00 24.11 16.51
C ILE C 130 10.00 24.16 14.99
N GLY C 131 10.81 23.29 14.38
CA GLY C 131 10.87 23.17 12.94
C GLY C 131 10.86 21.72 12.49
N THR C 132 11.25 21.55 11.24
CA THR C 132 11.54 20.29 10.56
C THR C 132 10.86 19.02 11.08
N SER C 133 9.71 18.69 10.49
CA SER C 133 9.11 17.37 10.58
C SER C 133 8.95 16.92 12.02
N ALA C 134 8.60 17.85 12.89
CA ALA C 134 8.46 17.61 14.31
C ALA C 134 9.76 17.13 14.95
N ASP C 135 10.93 17.35 14.31
CA ASP C 135 12.21 17.06 14.97
C ASP C 135 12.91 18.40 15.17
N ILE C 136 12.83 18.90 16.41
CA ILE C 136 13.31 20.26 16.63
C ILE C 136 14.82 20.33 16.40
N GLN C 137 15.60 19.89 17.40
CA GLN C 137 17.05 20.04 17.41
C GLN C 137 17.49 21.45 17.05
N LEU C 138 16.91 22.41 17.76
CA LEU C 138 17.13 23.82 17.54
C LEU C 138 17.48 24.47 18.86
N GLN C 139 18.26 25.54 18.78
CA GLN C 139 18.78 26.22 19.95
C GLN C 139 18.06 27.55 20.10
N ALA C 140 18.28 28.19 21.25
CA ALA C 140 17.55 29.42 21.52
C ALA C 140 17.86 30.47 20.46
N ALA C 141 19.15 30.63 20.14
CA ALA C 141 19.55 31.64 19.17
C ALA C 141 18.97 31.36 17.79
N GLU C 142 18.77 30.10 17.43
CA GLU C 142 18.25 29.81 16.09
C GLU C 142 16.75 30.07 16.00
N ILE C 143 15.99 29.75 17.04
CA ILE C 143 14.58 30.14 17.07
C ILE C 143 14.44 31.65 17.04
N LEU C 144 15.24 32.34 17.85
CA LEU C 144 15.18 33.80 17.86
C LEU C 144 15.50 34.39 16.50
N THR C 145 16.52 33.85 15.81
CA THR C 145 16.87 34.34 14.48
C THR C 145 15.74 34.05 13.47
N LEU C 146 15.20 32.82 13.51
CA LEU C 146 14.14 32.46 12.57
C LEU C 146 12.90 33.33 12.79
N LYS C 147 12.58 33.63 14.05
CA LYS C 147 11.45 34.50 14.34
C LYS C 147 11.73 35.94 13.92
N LYS C 148 12.98 36.39 14.04
CA LYS C 148 13.33 37.70 13.53
C LYS C 148 13.12 37.77 12.02
N HIS C 149 13.53 36.71 11.32
CA HIS C 149 13.27 36.62 9.88
C HIS C 149 11.77 36.67 9.59
N LEU C 150 10.99 35.89 10.34
CA LEU C 150 9.54 35.85 10.16
C LEU C 150 8.92 37.22 10.37
N SER C 151 9.37 37.94 11.41
CA SER C 151 8.83 39.27 11.68
C SER C 151 9.18 40.23 10.55
N ASN C 152 10.44 40.20 10.09
CA ASN C 152 10.84 41.10 9.01
C ASN C 152 10.06 40.81 7.73
N ILE C 153 9.87 39.52 7.43
CA ILE C 153 9.16 39.14 6.20
C ILE C 153 7.69 39.52 6.29
N LEU C 154 7.04 39.28 7.42
CA LEU C 154 5.66 39.68 7.57
C LEU C 154 5.52 41.19 7.49
N ALA C 155 6.48 41.93 8.06
CA ALA C 155 6.44 43.39 7.97
C ALA C 155 6.56 43.85 6.52
N GLU C 156 7.47 43.24 5.76
CA GLU C 156 7.62 43.63 4.36
C GLU C 156 6.38 43.28 3.55
N CYS C 157 5.74 42.15 3.86
CA CYS C 157 4.59 41.72 3.08
C CYS C 157 3.34 42.54 3.41
N THR C 158 3.15 42.89 4.68
CA THR C 158 1.92 43.56 5.09
C THR C 158 2.02 45.08 5.07
N GLY C 159 3.23 45.64 5.17
CA GLY C 159 3.40 47.07 5.29
C GLY C 159 3.39 47.58 6.72
N GLN C 160 3.11 46.72 7.69
CA GLN C 160 3.22 47.09 9.09
C GLN C 160 4.67 47.18 9.53
N SER C 161 4.88 47.75 10.71
CA SER C 161 6.21 47.80 11.29
C SER C 161 6.54 46.48 11.98
N VAL C 162 7.85 46.23 12.12
CA VAL C 162 8.29 45.02 12.81
C VAL C 162 7.79 44.99 14.24
N GLU C 163 7.71 46.17 14.88
CA GLU C 163 7.20 46.25 16.24
C GLU C 163 5.74 45.80 16.29
N LYS C 164 4.92 46.32 15.38
CA LYS C 164 3.51 45.95 15.34
C LYS C 164 3.34 44.47 15.01
N ILE C 165 4.20 43.93 14.13
CA ILE C 165 4.10 42.52 13.77
C ILE C 165 4.41 41.63 14.97
N ILE C 166 5.48 41.95 15.71
CA ILE C 166 5.80 41.19 16.91
C ILE C 166 4.66 41.28 17.92
N GLU C 167 4.17 42.50 18.16
CA GLU C 167 3.13 42.70 19.16
C GLU C 167 1.86 41.92 18.82
N ASP C 168 1.46 41.94 17.55
CA ASP C 168 0.23 41.25 17.16
C ASP C 168 0.44 39.74 17.06
N SER C 169 1.65 39.29 16.72
CA SER C 169 1.93 37.86 16.73
C SER C 169 2.00 37.31 18.14
N GLU C 170 2.13 38.19 19.14
CA GLU C 170 1.98 37.75 20.52
C GLU C 170 0.51 37.52 20.91
N ARG C 171 -0.43 38.02 20.12
CA ARG C 171 -1.85 38.00 20.45
C ARG C 171 -2.58 36.91 19.70
N ASP C 172 -3.32 36.08 20.43
CA ASP C 172 -4.03 34.92 19.88
C ASP C 172 -5.44 35.36 19.49
N PHE C 173 -5.58 35.84 18.25
CA PHE C 173 -6.86 36.30 17.74
C PHE C 173 -6.88 36.15 16.23
N PHE C 174 -8.07 36.02 15.66
CA PHE C 174 -8.24 35.88 14.23
C PHE C 174 -8.83 37.13 13.61
N MET C 175 -8.49 37.37 12.35
CA MET C 175 -9.07 38.44 11.55
C MET C 175 -9.96 37.84 10.46
N GLY C 176 -11.08 38.50 10.19
CA GLY C 176 -11.86 38.25 9.00
C GLY C 176 -11.22 38.91 7.78
N ALA C 177 -11.90 38.76 6.64
CA ALA C 177 -11.33 39.23 5.38
C ALA C 177 -11.07 40.73 5.38
N GLU C 178 -12.03 41.54 5.86
CA GLU C 178 -11.83 42.99 5.80
C GLU C 178 -10.76 43.45 6.79
N GLU C 179 -10.73 42.86 7.98
CA GLU C 179 -9.66 43.17 8.92
C GLU C 179 -8.30 42.82 8.31
N ALA C 180 -8.26 41.74 7.55
CA ALA C 180 -7.01 41.35 6.89
C ALA C 180 -6.66 42.31 5.76
N ILE C 181 -7.65 42.85 5.04
CA ILE C 181 -7.37 43.85 4.02
C ILE C 181 -6.80 45.10 4.67
N ALA C 182 -7.42 45.56 5.76
CA ALA C 182 -6.91 46.73 6.47
C ALA C 182 -5.52 46.48 7.01
N TYR C 183 -5.22 45.24 7.40
CA TYR C 183 -3.92 44.92 7.98
C TYR C 183 -2.81 44.88 6.94
N GLY C 184 -3.14 44.74 5.66
CA GLY C 184 -2.15 44.53 4.64
C GLY C 184 -1.84 43.08 4.34
N LEU C 185 -2.54 42.15 5.00
CA LEU C 185 -2.30 40.73 4.80
C LEU C 185 -2.82 40.26 3.43
N ILE C 186 -3.98 40.77 3.02
CA ILE C 186 -4.55 40.45 1.73
C ILE C 186 -4.88 41.75 1.00
N ASP C 187 -5.43 41.60 -0.19
CA ASP C 187 -5.80 42.72 -1.04
C ASP C 187 -7.29 42.78 -1.32
N LYS C 188 -7.94 41.65 -1.58
CA LYS C 188 -9.33 41.62 -2.00
C LYS C 188 -10.04 40.45 -1.34
N VAL C 189 -11.33 40.61 -1.09
CA VAL C 189 -12.20 39.54 -0.62
C VAL C 189 -13.16 39.19 -1.77
N ILE C 190 -13.12 37.95 -2.21
CA ILE C 190 -13.87 37.49 -3.38
C ILE C 190 -14.90 36.45 -2.95
N SER C 191 -16.13 36.61 -3.43
CA SER C 191 -17.17 35.60 -3.23
C SER C 191 -17.55 34.91 -4.53
N SER C 192 -16.76 35.07 -5.58
CA SER C 192 -17.06 34.55 -6.91
C SER C 192 -15.76 34.51 -7.69
N ALA C 193 -15.43 33.34 -8.24
CA ALA C 193 -14.13 33.14 -8.86
C ALA C 193 -13.83 34.04 -10.04
N LYS C 194 -14.80 34.82 -10.52
CA LYS C 194 -14.51 35.74 -11.63
C LYS C 194 -14.57 37.18 -11.14
N GLU C 195 -13.65 37.41 -10.22
CA GLU C 195 -13.41 38.70 -9.57
C GLU C 195 -11.91 38.91 -9.53
N THR C 196 -11.44 39.99 -10.16
CA THR C 196 -10.02 40.35 -10.22
C THR C 196 -9.12 39.16 -10.57
N LYS C 197 -9.20 38.68 -11.80
CA LYS C 197 -8.35 37.57 -12.23
C LYS C 197 -8.45 37.40 -13.73
N ASP C 198 -7.39 36.84 -14.32
CA ASP C 198 -7.43 36.37 -15.70
C ASP C 198 -8.57 35.35 -15.88
N LYS C 199 -8.68 34.42 -14.95
CA LYS C 199 -9.70 33.38 -15.01
C LYS C 199 -10.91 33.75 -14.15
N THR D 2 4.68 -13.29 1.49
CA THR D 2 4.62 -14.06 0.25
C THR D 2 4.19 -13.18 -0.92
N LEU D 3 5.08 -13.04 -1.90
CA LEU D 3 4.79 -12.21 -3.05
C LEU D 3 3.88 -12.93 -4.03
N VAL D 4 3.15 -12.15 -4.82
CA VAL D 4 2.20 -12.66 -5.80
C VAL D 4 2.66 -12.21 -7.19
N PRO D 5 3.12 -13.13 -8.03
CA PRO D 5 3.66 -12.73 -9.32
C PRO D 5 2.56 -12.34 -10.30
N TYR D 6 2.97 -11.67 -11.37
CA TYR D 6 2.09 -11.16 -12.41
C TYR D 6 2.38 -11.86 -13.73
N VAL D 7 1.49 -11.63 -14.70
CA VAL D 7 1.61 -12.29 -16.00
C VAL D 7 1.09 -11.33 -17.06
N VAL D 8 1.66 -11.44 -18.27
CA VAL D 8 1.32 -10.55 -19.38
C VAL D 8 -0.16 -10.66 -19.77
N ALA D 17 -1.48 -6.64 -17.78
CA ALA D 17 -0.91 -7.25 -16.59
C ALA D 17 -2.00 -7.66 -15.60
N MET D 18 -1.74 -8.74 -14.86
CA MET D 18 -2.67 -9.33 -13.91
C MET D 18 -1.89 -10.30 -13.04
N ASP D 19 -2.40 -10.57 -11.85
CA ASP D 19 -1.72 -11.52 -10.99
C ASP D 19 -1.95 -12.95 -11.48
N ILE D 20 -1.25 -13.89 -10.84
CA ILE D 20 -1.28 -15.27 -11.30
C ILE D 20 -2.69 -15.85 -11.17
N TYR D 21 -3.41 -15.47 -10.11
CA TYR D 21 -4.75 -15.99 -9.91
C TYR D 21 -5.73 -15.46 -10.95
N SER D 22 -5.56 -14.20 -11.38
CA SER D 22 -6.42 -13.67 -12.44
C SER D 22 -6.12 -14.36 -13.78
N ARG D 23 -4.86 -14.73 -14.03
CA ARG D 23 -4.55 -15.49 -15.23
C ARG D 23 -5.20 -16.87 -15.19
N LEU D 24 -5.04 -17.58 -14.07
CA LEU D 24 -5.71 -18.87 -13.93
C LEU D 24 -7.22 -18.74 -14.06
N LEU D 25 -7.79 -17.64 -13.54
CA LEU D 25 -9.21 -17.39 -13.71
C LEU D 25 -9.56 -17.16 -15.17
N LYS D 26 -8.65 -16.54 -15.93
CA LYS D 26 -8.85 -16.45 -17.37
C LYS D 26 -8.87 -17.83 -17.99
N ASP D 27 -8.17 -18.79 -17.40
CA ASP D 27 -8.29 -20.18 -17.83
C ASP D 27 -9.47 -20.91 -17.17
N ARG D 28 -10.39 -20.18 -16.54
CA ARG D 28 -11.55 -20.77 -15.85
C ARG D 28 -11.12 -21.69 -14.71
N ILE D 29 -10.12 -21.25 -13.94
CA ILE D 29 -9.60 -22.01 -12.81
C ILE D 29 -9.75 -21.17 -11.55
N VAL D 30 -10.46 -21.70 -10.57
CA VAL D 30 -10.65 -21.05 -9.28
C VAL D 30 -9.81 -21.77 -8.24
N MET D 31 -9.12 -21.02 -7.42
CA MET D 31 -8.27 -21.56 -6.35
C MET D 31 -8.93 -21.27 -5.01
N ILE D 32 -9.06 -22.30 -4.19
CA ILE D 32 -9.55 -22.14 -2.82
C ILE D 32 -8.52 -22.83 -1.92
N GLY D 33 -7.50 -22.07 -1.51
CA GLY D 33 -6.39 -22.64 -0.76
C GLY D 33 -6.17 -22.03 0.60
N GLN D 34 -7.26 -21.61 1.25
CA GLN D 34 -7.20 -21.05 2.60
C GLN D 34 -8.49 -21.42 3.34
N GLU D 35 -8.57 -21.00 4.59
CA GLU D 35 -9.75 -21.29 5.40
C GLU D 35 -10.98 -20.62 4.80
N ILE D 36 -12.07 -21.38 4.72
CA ILE D 36 -13.32 -20.90 4.13
C ILE D 36 -13.98 -19.90 5.04
N THR D 37 -13.70 -18.61 4.85
CA THR D 37 -14.31 -17.55 5.63
C THR D 37 -15.33 -16.83 4.76
N GLU D 38 -15.99 -15.83 5.36
CA GLU D 38 -16.99 -15.07 4.62
C GLU D 38 -16.39 -14.23 3.49
N PRO D 39 -15.31 -13.48 3.70
CA PRO D 39 -14.74 -12.75 2.54
C PRO D 39 -14.22 -13.67 1.45
N LEU D 40 -13.61 -14.80 1.83
CA LEU D 40 -13.20 -15.77 0.84
C LEU D 40 -14.40 -16.31 0.07
N ALA D 41 -15.49 -16.61 0.77
CA ALA D 41 -16.69 -17.09 0.10
C ALA D 41 -17.24 -16.05 -0.87
N ASN D 42 -17.17 -14.78 -0.49
CA ASN D 42 -17.68 -13.74 -1.39
C ASN D 42 -16.80 -13.61 -2.63
N THR D 43 -15.47 -13.70 -2.45
CA THR D 43 -14.58 -13.68 -3.61
C THR D 43 -14.81 -14.89 -4.52
N VAL D 44 -15.01 -16.06 -3.93
CA VAL D 44 -15.24 -17.26 -4.74
C VAL D 44 -16.56 -17.15 -5.49
N ILE D 45 -17.61 -16.64 -4.84
CA ILE D 45 -18.89 -16.47 -5.51
C ILE D 45 -18.79 -15.43 -6.61
N ALA D 46 -18.03 -14.36 -6.38
CA ALA D 46 -17.80 -13.37 -7.44
C ALA D 46 -17.15 -14.01 -8.65
N GLN D 47 -16.09 -14.81 -8.41
CA GLN D 47 -15.42 -15.48 -9.51
C GLN D 47 -16.36 -16.44 -10.24
N LEU D 48 -17.20 -17.16 -9.50
CA LEU D 48 -18.11 -18.11 -10.13
C LEU D 48 -19.16 -17.40 -10.98
N LEU D 49 -19.73 -16.30 -10.47
CA LEU D 49 -20.69 -15.54 -11.26
C LEU D 49 -20.04 -14.96 -12.51
N PHE D 50 -18.79 -14.49 -12.38
CA PHE D 50 -18.09 -13.97 -13.54
C PHE D 50 -17.85 -15.04 -14.59
N LEU D 51 -17.38 -16.22 -14.16
CA LEU D 51 -17.17 -17.31 -15.10
C LEU D 51 -18.47 -17.76 -15.75
N MET D 52 -19.59 -17.66 -15.01
CA MET D 52 -20.89 -18.00 -15.60
C MET D 52 -21.30 -16.98 -16.65
N SER D 53 -21.10 -15.69 -16.36
CA SER D 53 -21.46 -14.66 -17.33
C SER D 53 -20.59 -14.75 -18.58
N GLU D 54 -19.31 -15.06 -18.42
CA GLU D 54 -18.41 -15.12 -19.56
C GLU D 54 -18.82 -16.23 -20.52
N ASP D 55 -18.99 -17.45 -20.00
CA ASP D 55 -19.50 -18.58 -20.78
C ASP D 55 -20.12 -19.58 -19.82
N PRO D 56 -21.45 -19.71 -19.83
CA PRO D 56 -22.11 -20.61 -18.87
C PRO D 56 -22.00 -22.10 -19.19
N THR D 57 -21.52 -22.48 -20.37
CA THR D 57 -21.46 -23.89 -20.72
C THR D 57 -20.11 -24.53 -20.41
N LYS D 58 -19.00 -23.83 -20.64
CA LYS D 58 -17.69 -24.45 -20.50
C LYS D 58 -17.40 -24.77 -19.04
N ASP D 59 -16.60 -25.81 -18.84
CA ASP D 59 -16.30 -26.31 -17.50
C ASP D 59 -15.47 -25.31 -16.70
N ILE D 60 -15.55 -25.46 -15.37
CA ILE D 60 -14.80 -24.67 -14.40
C ILE D 60 -13.91 -25.63 -13.61
N GLN D 61 -12.74 -25.17 -13.21
CA GLN D 61 -11.79 -25.95 -12.42
C GLN D 61 -11.61 -25.29 -11.06
N ILE D 62 -11.79 -26.06 -9.99
CA ILE D 62 -11.63 -25.57 -8.62
C ILE D 62 -10.59 -26.44 -7.93
N PHE D 63 -9.46 -25.84 -7.58
CA PHE D 63 -8.40 -26.50 -6.82
C PHE D 63 -8.52 -26.12 -5.34
N ILE D 64 -8.59 -27.13 -4.48
CA ILE D 64 -8.94 -26.96 -3.07
C ILE D 64 -7.77 -27.42 -2.21
N ASN D 65 -7.30 -26.53 -1.34
CA ASN D 65 -6.30 -26.83 -0.33
C ASN D 65 -6.67 -26.06 0.93
N SER D 66 -7.80 -26.41 1.51
CA SER D 66 -8.41 -25.62 2.58
C SER D 66 -8.43 -26.43 3.87
N PRO D 67 -7.90 -25.88 4.98
CA PRO D 67 -7.91 -26.63 6.26
C PRO D 67 -9.27 -26.70 6.92
N GLY D 68 -10.24 -25.94 6.46
CA GLY D 68 -11.53 -25.88 7.11
C GLY D 68 -12.24 -24.58 6.77
N GLY D 69 -13.21 -24.23 7.61
CA GLY D 69 -13.94 -23.00 7.41
C GLY D 69 -15.21 -23.01 8.22
N TYR D 70 -16.15 -22.15 7.79
CA TYR D 70 -17.41 -21.95 8.49
C TYR D 70 -18.56 -22.46 7.64
N ILE D 71 -19.58 -23.01 8.30
CA ILE D 71 -20.65 -23.70 7.59
C ILE D 71 -21.43 -22.72 6.72
N THR D 72 -21.63 -21.49 7.20
CA THR D 72 -22.37 -20.51 6.42
C THR D 72 -21.67 -20.19 5.09
N ALA D 73 -20.35 -19.96 5.15
CA ALA D 73 -19.58 -19.70 3.93
C ALA D 73 -19.60 -20.90 2.99
N GLY D 74 -19.38 -22.09 3.55
CA GLY D 74 -19.40 -23.29 2.72
C GLY D 74 -20.75 -23.51 2.04
N LEU D 75 -21.84 -23.25 2.76
CA LEU D 75 -23.16 -23.41 2.17
C LEU D 75 -23.41 -22.37 1.07
N ALA D 76 -22.94 -21.14 1.28
CA ALA D 76 -23.05 -20.13 0.23
C ALA D 76 -22.32 -20.58 -1.04
N ILE D 77 -21.07 -21.02 -0.89
CA ILE D 77 -20.30 -21.47 -2.05
C ILE D 77 -20.95 -22.69 -2.70
N TYR D 78 -21.43 -23.63 -1.89
CA TYR D 78 -22.04 -24.84 -2.43
C TYR D 78 -23.28 -24.52 -3.25
N ASP D 79 -24.15 -23.64 -2.72
CA ASP D 79 -25.33 -23.25 -3.47
C ASP D 79 -24.94 -22.52 -4.75
N THR D 80 -23.87 -21.71 -4.71
CA THR D 80 -23.43 -21.05 -5.93
C THR D 80 -22.93 -22.06 -6.96
N ILE D 81 -22.23 -23.11 -6.52
CA ILE D 81 -21.74 -24.12 -7.46
C ILE D 81 -22.92 -24.90 -8.07
N ARG D 82 -23.88 -25.30 -7.23
CA ARG D 82 -25.07 -25.97 -7.76
C ARG D 82 -25.88 -25.05 -8.68
N PHE D 83 -25.79 -23.74 -8.46
CA PHE D 83 -26.52 -22.77 -9.25
C PHE D 83 -25.99 -22.65 -10.67
N LEU D 84 -24.75 -23.08 -10.92
CA LEU D 84 -24.18 -23.04 -12.25
C LEU D 84 -24.68 -24.20 -13.09
N GLY D 85 -24.91 -23.94 -14.37
CA GLY D 85 -25.33 -24.98 -15.30
C GLY D 85 -24.21 -25.76 -15.93
N CYS D 86 -22.97 -25.33 -15.74
CA CYS D 86 -21.81 -26.01 -16.31
C CYS D 86 -21.26 -27.04 -15.34
N ASP D 87 -20.40 -27.90 -15.86
CA ASP D 87 -19.71 -28.89 -15.05
C ASP D 87 -18.61 -28.24 -14.24
N VAL D 88 -18.37 -28.78 -13.05
CA VAL D 88 -17.37 -28.25 -12.12
C VAL D 88 -16.42 -29.38 -11.78
N ASN D 89 -15.18 -29.29 -12.26
CA ASN D 89 -14.12 -30.20 -11.85
C ASN D 89 -13.54 -29.71 -10.54
N THR D 90 -13.42 -30.59 -9.57
CA THR D 90 -12.80 -30.27 -8.29
C THR D 90 -11.56 -31.13 -8.11
N TYR D 91 -10.48 -30.52 -7.63
CA TYR D 91 -9.21 -31.20 -7.42
C TYR D 91 -8.73 -30.91 -6.01
N CYS D 92 -8.51 -31.96 -5.21
CA CYS D 92 -7.92 -31.78 -3.88
C CYS D 92 -6.40 -31.86 -4.00
N ILE D 93 -5.73 -30.72 -3.79
CA ILE D 93 -4.28 -30.66 -3.62
C ILE D 93 -4.01 -30.38 -2.14
N GLY D 94 -3.09 -31.14 -1.56
CA GLY D 94 -2.82 -31.00 -0.13
C GLY D 94 -3.92 -31.61 0.70
N GLN D 95 -4.68 -30.78 1.43
CA GLN D 95 -5.74 -31.29 2.28
C GLN D 95 -7.05 -30.57 1.98
N ALA D 96 -8.14 -31.30 2.15
CA ALA D 96 -9.50 -30.77 2.07
C ALA D 96 -10.23 -31.24 3.32
N ALA D 97 -10.40 -30.35 4.29
CA ALA D 97 -11.06 -30.68 5.54
C ALA D 97 -12.27 -29.78 5.72
N SER D 98 -13.31 -30.33 6.36
CA SER D 98 -14.52 -29.60 6.71
C SER D 98 -15.16 -29.03 5.46
N MET D 99 -15.32 -27.71 5.34
CA MET D 99 -15.93 -27.12 4.15
C MET D 99 -15.15 -27.46 2.88
N GLY D 100 -13.82 -27.57 2.98
CA GLY D 100 -13.04 -28.01 1.84
C GLY D 100 -13.54 -29.30 1.25
N ALA D 101 -13.77 -30.31 2.11
CA ALA D 101 -14.29 -31.58 1.63
C ALA D 101 -15.71 -31.44 1.09
N LEU D 102 -16.51 -30.55 1.68
CA LEU D 102 -17.85 -30.31 1.17
C LEU D 102 -17.81 -29.82 -0.27
N LEU D 103 -17.00 -28.78 -0.53
CA LEU D 103 -16.88 -28.27 -1.88
C LEU D 103 -16.23 -29.27 -2.83
N LEU D 104 -15.31 -30.08 -2.31
CA LEU D 104 -14.69 -31.12 -3.12
C LEU D 104 -15.74 -32.11 -3.63
N SER D 105 -16.59 -32.61 -2.74
CA SER D 105 -17.63 -33.54 -3.15
C SER D 105 -18.77 -32.87 -3.91
N ALA D 106 -18.83 -31.54 -3.92
CA ALA D 106 -19.89 -30.83 -4.64
C ALA D 106 -19.67 -30.78 -6.15
N GLY D 107 -18.48 -31.11 -6.63
CA GLY D 107 -18.23 -31.09 -8.06
C GLY D 107 -19.09 -32.12 -8.79
N THR D 108 -19.22 -31.92 -10.10
CA THR D 108 -20.03 -32.85 -10.89
C THR D 108 -19.44 -34.26 -10.82
N LYS D 109 -20.32 -35.24 -10.67
CA LYS D 109 -19.91 -36.62 -10.44
C LYS D 109 -19.09 -37.12 -11.63
N GLY D 110 -17.99 -37.81 -11.31
CA GLY D 110 -17.04 -38.24 -12.31
C GLY D 110 -15.89 -37.29 -12.55
N LYS D 111 -15.97 -36.06 -12.03
CA LYS D 111 -14.96 -35.04 -12.21
C LYS D 111 -14.44 -34.51 -10.88
N ARG D 112 -14.38 -35.37 -9.88
CA ARG D 112 -13.86 -35.01 -8.56
C ARG D 112 -12.60 -35.83 -8.33
N TYR D 113 -11.45 -35.17 -8.34
CA TYR D 113 -10.14 -35.82 -8.32
C TYR D 113 -9.37 -35.47 -7.06
N ALA D 114 -8.40 -36.32 -6.75
CA ALA D 114 -7.48 -36.06 -5.65
C ALA D 114 -6.07 -36.44 -6.07
N LEU D 115 -5.10 -35.70 -5.57
CA LEU D 115 -3.71 -36.00 -5.82
C LEU D 115 -3.29 -37.14 -4.88
N PRO D 116 -2.23 -37.89 -5.24
CA PRO D 116 -1.97 -39.16 -4.52
C PRO D 116 -1.80 -39.02 -3.01
N HIS D 117 -1.19 -37.95 -2.52
CA HIS D 117 -0.94 -37.78 -1.10
C HIS D 117 -1.93 -36.82 -0.44
N SER D 118 -3.09 -36.60 -1.05
CA SER D 118 -4.08 -35.71 -0.47
C SER D 118 -4.75 -36.35 0.74
N ARG D 119 -5.18 -35.50 1.67
CA ARG D 119 -5.84 -35.92 2.89
C ARG D 119 -7.18 -35.21 2.96
N MET D 120 -8.23 -35.96 3.25
CA MET D 120 -9.59 -35.42 3.25
C MET D 120 -10.25 -35.79 4.57
N MET D 121 -11.02 -34.85 5.13
CA MET D 121 -11.62 -35.07 6.45
C MET D 121 -12.98 -34.41 6.52
N ILE D 122 -13.98 -35.19 6.94
CA ILE D 122 -15.34 -34.69 7.13
C ILE D 122 -15.46 -33.91 8.43
N HIS D 123 -14.58 -34.17 9.41
CA HIS D 123 -14.67 -33.54 10.71
C HIS D 123 -14.58 -32.02 10.57
N GLN D 124 -15.39 -31.35 11.34
CA GLN D 124 -15.72 -29.94 11.52
C GLN D 124 -14.82 -29.28 12.54
N PRO D 125 -14.20 -28.14 12.24
CA PRO D 125 -13.44 -27.43 13.28
C PRO D 125 -14.43 -27.08 14.38
N SER D 126 -13.91 -26.80 15.57
CA SER D 126 -14.85 -26.58 16.67
C SER D 126 -15.55 -25.23 16.52
N GLY D 127 -14.86 -24.23 15.99
CA GLY D 127 -15.50 -22.96 15.77
C GLY D 127 -16.01 -22.79 14.35
N GLY D 128 -16.37 -23.88 13.69
CA GLY D 128 -16.81 -23.76 12.30
C GLY D 128 -18.31 -23.71 12.11
N ILE D 129 -19.00 -22.87 12.88
CA ILE D 129 -20.46 -22.80 12.79
C ILE D 129 -20.91 -21.65 11.87
N ILE D 130 -20.40 -20.43 12.06
CA ILE D 130 -20.86 -19.32 11.23
C ILE D 130 -19.68 -18.42 10.86
N GLY D 131 -18.85 -18.09 11.83
CA GLY D 131 -17.70 -17.25 11.61
C GLY D 131 -17.96 -15.88 10.99
N THR D 132 -19.13 -15.28 11.27
CA THR D 132 -19.33 -13.87 10.96
C THR D 132 -18.08 -13.11 11.35
N SER D 133 -17.83 -13.05 12.65
CA SER D 133 -16.56 -12.67 13.22
C SER D 133 -16.21 -13.80 14.17
N ALA D 134 -14.97 -14.27 14.12
CA ALA D 134 -14.56 -15.40 14.96
C ALA D 134 -15.46 -16.58 14.61
N ASP D 135 -16.34 -17.06 15.49
CA ASP D 135 -17.33 -18.06 15.10
C ASP D 135 -18.76 -17.78 15.57
N ILE D 136 -19.07 -16.58 16.06
CA ILE D 136 -19.88 -16.44 17.28
C ILE D 136 -21.41 -16.36 17.16
N GLN D 137 -21.97 -15.84 16.07
CA GLN D 137 -23.35 -15.33 16.10
C GLN D 137 -24.52 -16.35 16.05
N LEU D 138 -24.62 -17.44 16.80
CA LEU D 138 -25.71 -18.36 16.49
C LEU D 138 -26.47 -18.90 17.70
N GLN D 139 -27.72 -19.31 17.45
CA GLN D 139 -28.68 -19.83 18.42
C GLN D 139 -28.93 -21.32 18.18
N ALA D 140 -29.66 -21.95 19.11
CA ALA D 140 -29.80 -23.40 19.11
C ALA D 140 -30.47 -23.93 17.85
N ALA D 141 -31.62 -23.35 17.49
CA ALA D 141 -32.36 -23.84 16.32
C ALA D 141 -31.54 -23.66 15.07
N GLU D 142 -30.73 -22.61 15.02
CA GLU D 142 -29.94 -22.36 13.82
C GLU D 142 -28.73 -23.28 13.75
N ILE D 143 -28.14 -23.64 14.91
CA ILE D 143 -27.10 -24.65 14.92
C ILE D 143 -27.66 -25.97 14.39
N LEU D 144 -28.80 -26.39 14.91
CA LEU D 144 -29.39 -27.66 14.45
C LEU D 144 -29.71 -27.60 12.95
N THR D 145 -30.26 -26.48 12.48
CA THR D 145 -30.61 -26.37 11.06
C THR D 145 -29.37 -26.39 10.17
N LEU D 146 -28.35 -25.62 10.51
CA LEU D 146 -27.14 -25.58 9.68
C LEU D 146 -26.44 -26.93 9.67
N LYS D 147 -26.39 -27.62 10.81
CA LYS D 147 -25.74 -28.92 10.85
C LYS D 147 -26.55 -29.97 10.09
N LYS D 148 -27.88 -29.89 10.16
CA LYS D 148 -28.70 -30.79 9.35
C LYS D 148 -28.49 -30.54 7.86
N HIS D 149 -28.40 -29.27 7.47
CA HIS D 149 -28.10 -28.93 6.09
C HIS D 149 -26.79 -29.54 5.63
N LEU D 150 -25.73 -29.34 6.43
CA LEU D 150 -24.43 -29.88 6.06
C LEU D 150 -24.45 -31.39 5.97
N SER D 151 -25.13 -32.06 6.92
CA SER D 151 -25.20 -33.51 6.90
C SER D 151 -25.95 -34.01 5.66
N ASN D 152 -27.09 -33.39 5.33
CA ASN D 152 -27.84 -33.82 4.16
C ASN D 152 -27.05 -33.61 2.88
N ILE D 153 -26.35 -32.47 2.77
CA ILE D 153 -25.60 -32.22 1.55
C ILE D 153 -24.44 -33.19 1.41
N LEU D 154 -23.73 -33.47 2.52
CA LEU D 154 -22.64 -34.44 2.46
C LEU D 154 -23.17 -35.84 2.13
N ALA D 155 -24.32 -36.22 2.70
CA ALA D 155 -24.89 -37.52 2.39
C ALA D 155 -25.29 -37.62 0.93
N GLU D 156 -25.88 -36.56 0.37
CA GLU D 156 -26.27 -36.57 -1.02
C GLU D 156 -25.05 -36.62 -1.94
N CYS D 157 -23.98 -35.91 -1.57
CA CYS D 157 -22.80 -35.88 -2.43
C CYS D 157 -22.00 -37.18 -2.38
N THR D 158 -21.89 -37.80 -1.21
CA THR D 158 -21.07 -38.99 -1.08
C THR D 158 -21.84 -40.28 -1.32
N GLY D 159 -23.17 -40.26 -1.12
CA GLY D 159 -23.96 -41.47 -1.18
C GLY D 159 -24.09 -42.20 0.13
N GLN D 160 -23.38 -41.75 1.17
CA GLN D 160 -23.53 -42.33 2.49
C GLN D 160 -24.86 -41.88 3.10
N SER D 161 -25.23 -42.52 4.20
CA SER D 161 -26.42 -42.08 4.90
C SER D 161 -26.10 -40.90 5.80
N VAL D 162 -27.14 -40.13 6.13
CA VAL D 162 -26.96 -39.01 7.04
C VAL D 162 -26.41 -39.48 8.38
N GLU D 163 -26.81 -40.68 8.82
CA GLU D 163 -26.29 -41.23 10.06
C GLU D 163 -24.78 -41.46 9.98
N LYS D 164 -24.34 -42.09 8.88
CA LYS D 164 -22.91 -42.32 8.69
C LYS D 164 -22.14 -41.02 8.59
N ILE D 165 -22.74 -40.02 7.93
CA ILE D 165 -22.09 -38.72 7.80
C ILE D 165 -21.93 -38.05 9.15
N ILE D 166 -22.98 -38.07 9.96
CA ILE D 166 -22.92 -37.47 11.30
C ILE D 166 -21.85 -38.17 12.15
N GLU D 167 -21.88 -39.52 12.18
CA GLU D 167 -20.93 -40.21 13.05
C GLU D 167 -19.50 -39.93 12.61
N ASP D 168 -19.24 -39.92 11.30
CA ASP D 168 -17.86 -39.71 10.84
C ASP D 168 -17.43 -38.27 10.99
N SER D 169 -18.37 -37.32 10.90
CA SER D 169 -18.04 -35.93 11.17
C SER D 169 -17.78 -35.70 12.65
N GLU D 170 -18.23 -36.61 13.51
CA GLU D 170 -17.83 -36.54 14.91
C GLU D 170 -16.42 -37.09 15.14
N ARG D 171 -15.84 -37.80 14.17
CA ARG D 171 -14.54 -38.45 14.33
C ARG D 171 -13.45 -37.64 13.64
N ASP D 172 -12.38 -37.34 14.39
CA ASP D 172 -11.29 -36.49 13.91
C ASP D 172 -10.19 -37.37 13.29
N PHE D 173 -10.32 -37.65 12.00
CA PHE D 173 -9.36 -38.47 11.27
C PHE D 173 -9.41 -38.09 9.80
N PHE D 174 -8.32 -38.34 9.10
CA PHE D 174 -8.23 -38.03 7.67
C PHE D 174 -8.31 -39.30 6.84
N MET D 175 -8.81 -39.15 5.61
CA MET D 175 -8.85 -40.23 4.64
C MET D 175 -7.83 -39.94 3.54
N GLY D 176 -7.18 -40.99 3.05
CA GLY D 176 -6.39 -40.88 1.85
C GLY D 176 -7.27 -40.86 0.61
N ALA D 177 -6.62 -40.71 -0.54
CA ALA D 177 -7.36 -40.58 -1.79
C ALA D 177 -8.20 -41.83 -2.08
N GLU D 178 -7.62 -43.02 -1.85
CA GLU D 178 -8.36 -44.25 -2.11
C GLU D 178 -9.48 -44.43 -1.10
N GLU D 179 -9.21 -44.10 0.16
CA GLU D 179 -10.28 -44.13 1.17
C GLU D 179 -11.39 -43.16 0.79
N ALA D 180 -11.03 -42.03 0.17
CA ALA D 180 -12.03 -41.06 -0.25
C ALA D 180 -12.85 -41.56 -1.44
N ILE D 181 -12.22 -42.27 -2.38
CA ILE D 181 -12.98 -42.83 -3.49
C ILE D 181 -13.97 -43.86 -2.96
N ALA D 182 -13.51 -44.73 -2.06
CA ALA D 182 -14.41 -45.71 -1.47
C ALA D 182 -15.53 -45.03 -0.68
N TYR D 183 -15.25 -43.87 -0.09
CA TYR D 183 -16.26 -43.18 0.70
C TYR D 183 -17.33 -42.50 -0.14
N GLY D 184 -17.06 -42.23 -1.42
CA GLY D 184 -17.94 -41.43 -2.23
C GLY D 184 -17.63 -39.95 -2.26
N LEU D 185 -16.54 -39.53 -1.61
CA LEU D 185 -16.17 -38.12 -1.57
C LEU D 185 -15.61 -37.66 -2.91
N ILE D 186 -14.81 -38.50 -3.58
CA ILE D 186 -14.22 -38.21 -4.88
C ILE D 186 -14.49 -39.37 -5.82
N ASP D 187 -13.94 -39.25 -7.04
CA ASP D 187 -14.11 -40.23 -8.10
C ASP D 187 -12.80 -40.89 -8.54
N LYS D 188 -11.71 -40.14 -8.69
CA LYS D 188 -10.50 -40.67 -9.28
C LYS D 188 -9.26 -40.09 -8.59
N VAL D 189 -8.18 -40.87 -8.60
CA VAL D 189 -6.86 -40.43 -8.13
C VAL D 189 -6.01 -40.23 -9.37
N ILE D 190 -5.50 -39.02 -9.57
CA ILE D 190 -4.77 -38.66 -10.77
C ILE D 190 -3.33 -38.27 -10.41
N SER D 191 -2.38 -38.87 -11.13
CA SER D 191 -0.98 -38.43 -11.07
C SER D 191 -0.54 -37.83 -12.39
N SER D 192 -1.48 -37.26 -13.14
CA SER D 192 -1.24 -36.71 -14.47
C SER D 192 -2.36 -35.73 -14.78
N ALA D 193 -2.11 -34.88 -15.78
CA ALA D 193 -2.93 -33.69 -16.03
C ALA D 193 -4.40 -33.99 -16.36
N LYS D 194 -5.29 -33.39 -15.57
CA LYS D 194 -6.75 -33.39 -15.74
C LYS D 194 -7.32 -34.80 -15.71
N GLU D 195 -8.02 -35.26 -16.75
CA GLU D 195 -8.66 -36.57 -16.71
C GLU D 195 -7.62 -37.68 -16.69
N THR D 196 -6.49 -37.47 -17.36
CA THR D 196 -5.42 -38.45 -17.41
C THR D 196 -4.76 -38.61 -16.05
N LEU E 3 0.67 11.80 -0.61
CA LEU E 3 0.53 13.24 -0.77
C LEU E 3 1.59 13.79 -1.72
N VAL E 4 1.97 12.98 -2.69
CA VAL E 4 2.98 13.34 -3.69
C VAL E 4 2.31 13.35 -5.06
N PRO E 5 2.13 14.50 -5.68
CA PRO E 5 1.35 14.58 -6.93
C PRO E 5 2.11 13.97 -8.10
N TYR E 6 1.34 13.71 -9.16
CA TYR E 6 1.87 13.10 -10.37
C TYR E 6 1.76 14.08 -11.53
N VAL E 7 2.48 13.75 -12.61
CA VAL E 7 2.48 14.61 -13.80
C VAL E 7 2.73 13.77 -15.07
N ARG E 16 2.99 8.04 -20.07
CA ARG E 16 3.34 9.40 -19.66
C ARG E 16 2.75 9.70 -18.28
N ALA E 17 3.24 8.99 -17.26
CA ALA E 17 2.89 9.29 -15.88
C ALA E 17 4.13 9.15 -15.01
N MET E 18 4.23 10.01 -14.00
CA MET E 18 5.38 10.11 -13.12
C MET E 18 4.99 10.93 -11.90
N ASP E 19 5.65 10.67 -10.77
CA ASP E 19 5.44 11.54 -9.63
C ASP E 19 6.25 12.82 -9.82
N ILE E 20 6.07 13.78 -8.90
CA ILE E 20 6.69 15.09 -9.08
C ILE E 20 8.22 14.96 -9.05
N TYR E 21 8.74 14.08 -8.20
CA TYR E 21 10.19 13.92 -8.10
C TYR E 21 10.76 13.27 -9.34
N SER E 22 10.03 12.34 -9.97
CA SER E 22 10.51 11.73 -11.20
C SER E 22 10.54 12.74 -12.34
N ARG E 23 9.58 13.66 -12.37
CA ARG E 23 9.61 14.72 -13.38
C ARG E 23 10.81 15.63 -13.16
N LEU E 24 11.02 16.07 -11.92
CA LEU E 24 12.19 16.89 -11.62
C LEU E 24 13.46 16.14 -11.98
N LEU E 25 13.49 14.83 -11.76
CA LEU E 25 14.63 14.01 -12.15
C LEU E 25 14.81 13.99 -13.67
N LYS E 26 13.71 14.01 -14.41
CA LYS E 26 13.81 14.17 -15.86
C LYS E 26 14.44 15.50 -16.22
N ASP E 27 14.25 16.53 -15.39
CA ASP E 27 14.97 17.78 -15.59
C ASP E 27 16.37 17.76 -14.95
N ARG E 28 16.88 16.58 -14.58
CA ARG E 28 18.18 16.43 -13.95
C ARG E 28 18.23 17.18 -12.61
N ILE E 29 17.17 17.05 -11.83
CA ILE E 29 17.03 17.69 -10.53
C ILE E 29 16.86 16.60 -9.49
N VAL E 30 17.78 16.55 -8.53
CA VAL E 30 17.72 15.61 -7.42
C VAL E 30 17.34 16.39 -6.17
N MET E 31 16.43 15.85 -5.38
CA MET E 31 15.96 16.49 -4.16
C MET E 31 16.52 15.73 -2.96
N ILE E 32 17.07 16.47 -2.00
CA ILE E 32 17.56 15.91 -0.75
C ILE E 32 16.89 16.71 0.36
N GLY E 33 15.70 16.28 0.76
CA GLY E 33 14.92 17.02 1.72
C GLY E 33 14.59 16.25 2.98
N GLN E 34 15.50 15.37 3.40
CA GLN E 34 15.32 14.59 4.62
C GLN E 34 16.66 14.41 5.29
N GLU E 35 16.64 13.74 6.44
CA GLU E 35 17.88 13.40 7.14
C GLU E 35 18.69 12.44 6.28
N ILE E 36 19.99 12.69 6.15
CA ILE E 36 20.85 11.87 5.31
C ILE E 36 21.03 10.51 5.98
N THR E 37 20.19 9.55 5.62
CA THR E 37 20.26 8.21 6.17
C THR E 37 20.85 7.25 5.13
N GLU E 38 21.00 5.98 5.53
CA GLU E 38 21.57 5.00 4.63
C GLU E 38 20.64 4.72 3.44
N PRO E 39 19.33 4.46 3.64
CA PRO E 39 18.46 4.29 2.46
C PRO E 39 18.34 5.55 1.61
N LEU E 40 18.31 6.72 2.25
CA LEU E 40 18.32 7.96 1.46
C LEU E 40 19.59 8.07 0.63
N ALA E 41 20.73 7.74 1.22
CA ALA E 41 21.97 7.77 0.47
C ALA E 41 21.91 6.82 -0.71
N ASN E 42 21.29 5.65 -0.53
CA ASN E 42 21.22 4.69 -1.63
C ASN E 42 20.31 5.20 -2.75
N THR E 43 19.17 5.80 -2.39
CA THR E 43 18.29 6.36 -3.42
C THR E 43 18.96 7.51 -4.18
N VAL E 44 19.65 8.40 -3.44
CA VAL E 44 20.32 9.53 -4.07
C VAL E 44 21.43 9.05 -4.99
N ILE E 45 22.20 8.05 -4.56
CA ILE E 45 23.28 7.53 -5.40
C ILE E 45 22.69 6.86 -6.63
N ALA E 46 21.56 6.16 -6.48
CA ALA E 46 20.89 5.58 -7.64
C ALA E 46 20.52 6.66 -8.65
N GLN E 47 19.92 7.75 -8.16
CA GLN E 47 19.56 8.85 -9.06
C GLN E 47 20.79 9.44 -9.74
N LEU E 48 21.89 9.59 -9.00
CA LEU E 48 23.09 10.17 -9.59
C LEU E 48 23.70 9.26 -10.66
N LEU E 49 23.76 7.95 -10.39
CA LEU E 49 24.26 7.01 -11.38
C LEU E 49 23.39 6.99 -12.63
N PHE E 50 22.06 7.07 -12.44
CA PHE E 50 21.15 7.10 -13.58
C PHE E 50 21.36 8.36 -14.41
N LEU E 51 21.46 9.51 -13.76
CA LEU E 51 21.70 10.76 -14.47
C LEU E 51 23.04 10.75 -15.18
N MET E 52 24.03 10.05 -14.62
CA MET E 52 25.33 9.93 -15.29
C MET E 52 25.22 9.07 -16.55
N SER E 53 24.50 7.96 -16.46
CA SER E 53 24.34 7.11 -17.63
C SER E 53 23.53 7.81 -18.73
N GLU E 54 22.51 8.58 -18.34
CA GLU E 54 21.67 9.25 -19.33
C GLU E 54 22.48 10.25 -20.15
N ASP E 55 23.18 11.15 -19.48
CA ASP E 55 24.10 12.06 -20.15
C ASP E 55 25.16 12.49 -19.15
N PRO E 56 26.41 12.02 -19.33
CA PRO E 56 27.46 12.30 -18.34
C PRO E 56 28.03 13.71 -18.40
N THR E 57 27.71 14.50 -19.43
CA THR E 57 28.24 15.85 -19.56
C THR E 57 27.32 16.93 -19.01
N LYS E 58 26.00 16.79 -19.20
CA LYS E 58 25.07 17.86 -18.82
C LYS E 58 25.02 18.02 -17.30
N ASP E 59 24.72 19.25 -16.88
CA ASP E 59 24.71 19.59 -15.46
C ASP E 59 23.59 18.88 -14.71
N ILE E 60 23.81 18.71 -13.41
CA ILE E 60 22.85 18.15 -12.47
C ILE E 60 22.53 19.19 -11.42
N GLN E 61 21.28 19.21 -10.95
CA GLN E 61 20.83 20.14 -9.93
C GLN E 61 20.44 19.35 -8.69
N ILE E 62 21.01 19.72 -7.54
CA ILE E 62 20.72 19.07 -6.27
C ILE E 62 20.17 20.14 -5.34
N PHE E 63 18.91 20.01 -4.94
CA PHE E 63 18.31 20.90 -3.96
C PHE E 63 18.36 20.23 -2.60
N ILE E 64 18.91 20.93 -1.62
CA ILE E 64 19.26 20.37 -0.32
C ILE E 64 18.45 21.12 0.74
N ASN E 65 17.66 20.36 1.51
CA ASN E 65 16.91 20.88 2.65
C ASN E 65 16.96 19.80 3.74
N SER E 66 18.16 19.55 4.25
CA SER E 66 18.45 18.43 5.12
C SER E 66 18.85 18.89 6.51
N PRO E 67 18.21 18.37 7.56
CA PRO E 67 18.58 18.76 8.93
C PRO E 67 19.88 18.16 9.43
N GLY E 68 20.44 17.17 8.74
CA GLY E 68 21.61 16.47 9.23
C GLY E 68 21.68 15.09 8.62
N GLY E 69 22.42 14.21 9.27
CA GLY E 69 22.52 12.85 8.80
C GLY E 69 23.68 12.12 9.44
N TYR E 70 24.12 11.07 8.77
CA TYR E 70 25.17 10.19 9.26
C TYR E 70 26.37 10.27 8.33
N ILE E 71 27.57 10.16 8.92
CA ILE E 71 28.80 10.42 8.16
C ILE E 71 28.99 9.38 7.05
N THR E 72 28.64 8.12 7.32
CA THR E 72 28.81 7.10 6.29
C THR E 72 27.96 7.38 5.06
N ALA E 73 26.68 7.73 5.28
CA ALA E 73 25.80 8.07 4.17
C ALA E 73 26.29 9.31 3.43
N GLY E 74 26.64 10.36 4.18
CA GLY E 74 27.12 11.58 3.55
C GLY E 74 28.38 11.37 2.74
N LEU E 75 29.31 10.56 3.26
CA LEU E 75 30.55 10.28 2.54
C LEU E 75 30.29 9.47 1.28
N ALA E 76 29.37 8.50 1.36
CA ALA E 76 29.01 7.76 0.14
C ALA E 76 28.47 8.70 -0.93
N ILE E 77 27.56 9.58 -0.54
CA ILE E 77 26.98 10.52 -1.51
C ILE E 77 28.06 11.45 -2.06
N TYR E 78 28.95 11.93 -1.19
CA TYR E 78 29.99 12.85 -1.64
C TYR E 78 30.92 12.18 -2.66
N ASP E 79 31.33 10.95 -2.37
CA ASP E 79 32.17 10.23 -3.33
C ASP E 79 31.44 10.01 -4.65
N THR E 80 30.13 9.75 -4.60
CA THR E 80 29.38 9.61 -5.85
C THR E 80 29.33 10.93 -6.62
N ILE E 81 29.19 12.05 -5.92
CA ILE E 81 29.12 13.35 -6.60
C ILE E 81 30.46 13.67 -7.24
N ARG E 82 31.55 13.48 -6.50
CA ARG E 82 32.88 13.67 -7.07
C ARG E 82 33.15 12.69 -8.19
N PHE E 83 32.49 11.53 -8.16
CA PHE E 83 32.65 10.51 -9.18
C PHE E 83 32.03 10.92 -10.52
N LEU E 84 31.10 11.87 -10.52
CA LEU E 84 30.49 12.33 -11.76
C LEU E 84 31.41 13.28 -12.48
N GLY E 85 31.43 13.19 -13.81
CA GLY E 85 32.23 14.06 -14.64
C GLY E 85 31.57 15.36 -15.03
N CYS E 86 30.28 15.51 -14.74
CA CYS E 86 29.54 16.72 -15.09
C CYS E 86 29.56 17.71 -13.93
N ASP E 87 29.13 18.94 -14.23
CA ASP E 87 29.02 19.96 -13.20
C ASP E 87 27.80 19.70 -12.32
N VAL E 88 27.93 20.05 -11.05
CA VAL E 88 26.87 19.82 -10.07
C VAL E 88 26.52 21.14 -9.42
N ASN E 89 25.34 21.67 -9.76
CA ASN E 89 24.79 22.82 -9.05
C ASN E 89 24.11 22.34 -7.78
N THR E 90 24.42 22.96 -6.66
CA THR E 90 23.77 22.66 -5.39
C THR E 90 23.07 23.91 -4.89
N TYR E 91 21.85 23.74 -4.37
CA TYR E 91 21.03 24.85 -3.90
C TYR E 91 20.57 24.55 -2.48
N CYS E 92 20.89 25.42 -1.54
CA CYS E 92 20.35 25.30 -0.19
C CYS E 92 19.03 26.05 -0.11
N ILE E 93 17.94 25.28 -0.02
CA ILE E 93 16.62 25.79 0.31
C ILE E 93 16.30 25.35 1.73
N GLY E 94 15.83 26.29 2.56
CA GLY E 94 15.56 25.98 3.95
C GLY E 94 16.84 25.89 4.78
N GLN E 95 17.17 24.70 5.27
CA GLN E 95 18.36 24.54 6.10
C GLN E 95 19.22 23.40 5.55
N ALA E 96 20.53 23.56 5.69
CA ALA E 96 21.51 22.51 5.36
C ALA E 96 22.49 22.39 6.52
N ALA E 97 22.34 21.34 7.32
CA ALA E 97 23.19 21.15 8.49
C ALA E 97 23.96 19.83 8.38
N SER E 98 25.18 19.85 8.92
CA SER E 98 26.05 18.68 9.02
C SER E 98 26.27 18.09 7.62
N MET E 99 25.84 16.86 7.34
CA MET E 99 26.01 16.28 6.01
C MET E 99 25.35 17.14 4.93
N GLY E 100 24.21 17.76 5.26
CA GLY E 100 23.61 18.69 4.32
C GLY E 100 24.58 19.77 3.85
N ALA E 101 25.29 20.39 4.80
CA ALA E 101 26.26 21.41 4.43
C ALA E 101 27.43 20.81 3.65
N LEU E 102 27.82 19.57 3.98
CA LEU E 102 28.87 18.90 3.23
C LEU E 102 28.50 18.75 1.76
N LEU E 103 27.32 18.16 1.50
CA LEU E 103 26.89 17.96 0.12
C LEU E 103 26.66 19.30 -0.57
N LEU E 104 26.22 20.32 0.18
CA LEU E 104 26.07 21.65 -0.39
C LEU E 104 27.40 22.19 -0.87
N SER E 105 28.44 22.07 -0.05
CA SER E 105 29.77 22.54 -0.43
C SER E 105 30.42 21.65 -1.48
N ALA E 106 29.87 20.47 -1.75
CA ALA E 106 30.45 19.58 -2.74
C ALA E 106 30.18 20.00 -4.19
N GLY E 107 29.31 20.97 -4.42
CA GLY E 107 29.04 21.41 -5.77
C GLY E 107 30.26 22.04 -6.42
N THR E 108 30.24 22.07 -7.75
CA THR E 108 31.33 22.66 -8.52
C THR E 108 31.48 24.14 -8.19
N LYS E 109 32.72 24.60 -8.11
CA LYS E 109 32.99 25.96 -7.66
C LYS E 109 32.28 26.97 -8.55
N GLY E 110 31.61 27.92 -7.92
CA GLY E 110 30.81 28.90 -8.63
C GLY E 110 29.36 28.54 -8.81
N LYS E 111 28.96 27.30 -8.51
CA LYS E 111 27.60 26.83 -8.72
C LYS E 111 26.98 26.31 -7.43
N ARG E 112 27.34 26.89 -6.30
CA ARG E 112 26.79 26.54 -4.99
C ARG E 112 26.00 27.75 -4.49
N TYR E 113 24.68 27.62 -4.45
CA TYR E 113 23.78 28.71 -4.18
C TYR E 113 23.01 28.46 -2.89
N ALA E 114 22.49 29.54 -2.32
CA ALA E 114 21.58 29.46 -1.18
C ALA E 114 20.49 30.49 -1.36
N LEU E 115 19.30 30.14 -0.88
CA LEU E 115 18.21 31.11 -0.91
C LEU E 115 18.37 32.11 0.23
N PRO E 116 17.75 33.30 0.12
CA PRO E 116 18.11 34.39 1.04
C PRO E 116 17.99 34.06 2.53
N HIS E 117 16.99 33.28 2.94
CA HIS E 117 16.79 32.96 4.34
C HIS E 117 17.28 31.56 4.71
N SER E 118 18.19 30.99 3.92
CA SER E 118 18.70 29.66 4.19
C SER E 118 19.62 29.65 5.41
N ARG E 119 19.69 28.50 6.07
CA ARG E 119 20.51 28.32 7.27
C ARG E 119 21.46 27.16 7.06
N MET E 120 22.74 27.37 7.37
CA MET E 120 23.76 26.35 7.17
C MET E 120 24.61 26.21 8.43
N MET E 121 24.92 24.96 8.77
CA MET E 121 25.67 24.64 9.98
C MET E 121 26.51 23.39 9.70
N ILE E 122 27.82 23.49 9.94
CA ILE E 122 28.67 22.32 9.77
C ILE E 122 28.60 21.37 10.96
N HIS E 123 28.22 21.87 12.13
CA HIS E 123 28.10 21.05 13.33
C HIS E 123 27.09 19.92 13.18
N GLN E 124 27.41 18.76 13.74
CA GLN E 124 26.43 17.68 13.84
C GLN E 124 25.67 17.84 15.14
N PRO E 125 24.34 18.06 15.09
CA PRO E 125 23.62 18.60 16.26
C PRO E 125 23.56 17.76 17.53
N SER E 126 22.68 16.77 17.60
CA SER E 126 22.42 16.04 18.85
C SER E 126 22.63 14.54 18.69
N GLY E 127 23.82 14.06 19.01
CA GLY E 127 24.08 12.63 18.92
C GLY E 127 24.65 12.17 17.61
N GLY E 128 25.86 12.62 17.30
CA GLY E 128 26.49 12.34 16.03
C GLY E 128 27.45 11.14 16.09
N ILE E 129 27.45 10.38 15.01
CA ILE E 129 28.35 9.24 14.87
C ILE E 129 28.64 9.04 13.39
N ILE E 130 28.95 7.80 13.04
CA ILE E 130 29.27 7.46 11.67
C ILE E 130 28.02 6.98 10.93
N GLY E 131 27.03 6.46 11.64
CA GLY E 131 25.81 6.05 10.98
C GLY E 131 25.25 4.68 11.32
N THR E 132 24.62 4.08 10.30
CA THR E 132 24.13 2.69 10.32
C THR E 132 22.92 2.53 11.25
N SER E 133 22.14 3.61 11.38
CA SER E 133 20.75 3.57 11.87
C SER E 133 20.65 3.03 13.30
N ALA E 134 19.64 2.18 13.56
CA ALA E 134 19.31 1.69 14.91
C ALA E 134 20.42 0.89 15.58
N ASP E 135 21.20 0.12 14.82
CA ASP E 135 22.34 -0.61 15.37
C ASP E 135 23.61 0.09 14.88
N ILE E 136 24.21 0.86 15.78
CA ILE E 136 25.22 1.87 15.52
C ILE E 136 26.40 1.37 14.68
N GLN E 137 27.18 0.42 15.21
CA GLN E 137 28.37 -0.16 14.55
C GLN E 137 29.62 0.71 14.45
N LEU E 138 30.11 1.26 15.57
CA LEU E 138 31.28 2.12 15.49
C LEU E 138 32.31 1.76 16.56
N GLN E 139 33.58 1.78 16.17
CA GLN E 139 34.73 1.48 17.02
C GLN E 139 35.64 2.70 17.13
N ALA E 140 36.63 2.61 18.02
CA ALA E 140 37.44 3.78 18.36
C ALA E 140 38.18 4.36 17.16
N ALA E 141 38.88 3.51 16.41
CA ALA E 141 39.66 4.00 15.27
C ALA E 141 38.77 4.53 14.17
N GLU E 142 37.57 3.96 14.02
CA GLU E 142 36.69 4.34 12.93
C GLU E 142 36.05 5.71 13.16
N ILE E 143 35.80 6.09 14.41
CA ILE E 143 35.29 7.43 14.66
C ILE E 143 36.30 8.46 14.18
N LEU E 144 37.56 8.29 14.59
CA LEU E 144 38.61 9.21 14.19
C LEU E 144 38.79 9.22 12.68
N THR E 145 38.72 8.06 12.04
CA THR E 145 38.92 8.02 10.59
C THR E 145 37.80 8.76 9.86
N LEU E 146 36.54 8.47 10.22
CA LEU E 146 35.43 9.13 9.53
C LEU E 146 35.39 10.62 9.83
N LYS E 147 35.72 11.02 11.07
CA LYS E 147 35.74 12.44 11.37
C LYS E 147 36.87 13.16 10.67
N LYS E 148 38.04 12.52 10.55
CA LYS E 148 39.12 13.11 9.77
C LYS E 148 38.74 13.25 8.31
N HIS E 149 38.08 12.24 7.75
CA HIS E 149 37.60 12.35 6.37
C HIS E 149 36.66 13.53 6.21
N LEU E 150 35.67 13.64 7.10
CA LEU E 150 34.71 14.74 7.01
C LEU E 150 35.41 16.10 7.12
N SER E 151 36.36 16.21 8.06
CA SER E 151 37.07 17.47 8.26
C SER E 151 37.91 17.83 7.03
N ASN E 152 38.66 16.87 6.48
CA ASN E 152 39.48 17.14 5.32
C ASN E 152 38.62 17.53 4.12
N ILE E 153 37.49 16.84 3.93
CA ILE E 153 36.64 17.14 2.80
C ILE E 153 36.01 18.52 2.94
N LEU E 154 35.56 18.89 4.16
CA LEU E 154 35.02 20.23 4.36
C LEU E 154 36.08 21.30 4.16
N ALA E 155 37.32 21.04 4.61
CA ALA E 155 38.38 22.01 4.42
C ALA E 155 38.69 22.21 2.94
N GLU E 156 38.75 21.12 2.17
CA GLU E 156 39.02 21.23 0.75
C GLU E 156 37.87 21.91 0.02
N CYS E 157 36.63 21.65 0.44
CA CYS E 157 35.48 22.23 -0.25
C CYS E 157 35.32 23.71 0.08
N THR E 158 35.60 24.11 1.32
CA THR E 158 35.38 25.49 1.73
C THR E 158 36.61 26.38 1.58
N GLY E 159 37.80 25.81 1.57
CA GLY E 159 39.01 26.61 1.58
C GLY E 159 39.52 26.96 2.96
N GLN E 160 38.79 26.61 4.02
CA GLN E 160 39.26 26.81 5.38
C GLN E 160 40.36 25.79 5.68
N SER E 161 41.05 26.00 6.80
CA SER E 161 42.00 24.99 7.23
C SER E 161 41.28 23.89 7.99
N VAL E 162 41.88 22.69 8.01
CA VAL E 162 41.27 21.58 8.73
C VAL E 162 41.14 21.90 10.22
N GLU E 163 42.08 22.65 10.78
CA GLU E 163 41.99 23.04 12.19
C GLU E 163 40.77 23.90 12.45
N LYS E 164 40.56 24.93 11.61
CA LYS E 164 39.38 25.78 11.78
C LYS E 164 38.10 25.00 11.54
N ILE E 165 38.12 24.05 10.62
CA ILE E 165 36.94 23.24 10.35
C ILE E 165 36.58 22.41 11.57
N ILE E 166 37.56 21.76 12.18
CA ILE E 166 37.30 20.98 13.40
C ILE E 166 36.74 21.87 14.49
N GLU E 167 37.40 23.01 14.74
CA GLU E 167 36.99 23.89 15.82
C GLU E 167 35.58 24.41 15.59
N ASP E 168 35.25 24.80 14.35
CA ASP E 168 33.93 25.35 14.08
C ASP E 168 32.86 24.27 14.06
N SER E 169 33.21 23.04 13.69
CA SER E 169 32.27 21.93 13.78
C SER E 169 31.98 21.57 15.22
N GLU E 170 32.82 22.04 16.15
CA GLU E 170 32.46 21.89 17.56
C GLU E 170 31.37 22.86 18.02
N ARG E 171 31.05 23.90 17.25
CA ARG E 171 30.11 24.94 17.68
C ARG E 171 28.73 24.75 17.07
N ASP E 172 27.70 24.77 17.92
CA ASP E 172 26.31 24.55 17.50
C ASP E 172 25.69 25.91 17.18
N PHE E 173 25.84 26.36 15.94
CA PHE E 173 25.25 27.61 15.50
C PHE E 173 25.10 27.54 13.98
N PHE E 174 24.14 28.32 13.46
CA PHE E 174 23.85 28.38 12.04
C PHE E 174 24.37 29.67 11.42
N MET E 175 24.71 29.60 10.13
CA MET E 175 25.10 30.76 9.35
C MET E 175 24.01 31.09 8.33
N GLY E 176 23.83 32.39 8.07
CA GLY E 176 23.04 32.83 6.96
C GLY E 176 23.79 32.67 5.64
N ALA E 177 23.11 33.06 4.56
CA ALA E 177 23.67 32.88 3.23
C ALA E 177 24.97 33.67 3.06
N GLU E 178 25.00 34.91 3.54
CA GLU E 178 26.19 35.73 3.37
C GLU E 178 27.36 35.20 4.20
N GLU E 179 27.09 34.76 5.43
CA GLU E 179 28.12 34.11 6.23
C GLU E 179 28.60 32.82 5.59
N ALA E 180 27.72 32.10 4.92
CA ALA E 180 28.13 30.87 4.23
C ALA E 180 29.02 31.20 3.04
N ILE E 181 28.74 32.30 2.34
CA ILE E 181 29.62 32.72 1.25
C ILE E 181 31.00 33.07 1.79
N ALA E 182 31.04 33.84 2.88
CA ALA E 182 32.33 34.19 3.46
C ALA E 182 33.06 32.96 3.99
N TYR E 183 32.32 31.96 4.46
CA TYR E 183 32.93 30.76 5.01
C TYR E 183 33.53 29.86 3.95
N GLY E 184 33.13 30.03 2.68
CA GLY E 184 33.51 29.13 1.63
C GLY E 184 32.52 28.00 1.41
N LEU E 185 31.41 28.00 2.13
CA LEU E 185 30.44 26.93 2.02
C LEU E 185 29.65 27.02 0.71
N ILE E 186 29.28 28.24 0.30
CA ILE E 186 28.56 28.48 -0.94
C ILE E 186 29.28 29.57 -1.73
N ASP E 187 28.69 29.92 -2.87
CA ASP E 187 29.25 30.91 -3.78
C ASP E 187 28.34 32.13 -3.97
N LYS E 188 27.03 31.93 -4.11
CA LYS E 188 26.13 33.00 -4.48
C LYS E 188 24.81 32.84 -3.74
N VAL E 189 24.13 33.96 -3.53
CA VAL E 189 22.80 33.98 -2.94
C VAL E 189 21.83 34.28 -4.07
N ILE E 190 20.87 33.40 -4.33
CA ILE E 190 19.98 33.60 -5.47
C ILE E 190 18.61 33.99 -4.94
N SER E 191 18.26 35.25 -5.17
CA SER E 191 16.98 35.82 -4.79
C SER E 191 16.20 36.28 -6.01
N SER E 192 14.91 35.96 -6.01
CA SER E 192 13.93 36.38 -7.02
C SER E 192 14.40 36.20 -8.47
N ALA E 193 15.41 35.38 -8.74
CA ALA E 193 15.94 35.32 -10.11
C ALA E 193 16.74 34.02 -10.28
N LYS E 194 17.65 34.02 -11.26
CA LYS E 194 18.51 32.87 -11.53
C LYS E 194 19.97 33.29 -11.50
N GLU E 195 20.73 32.68 -10.60
CA GLU E 195 22.18 32.91 -10.47
C GLU E 195 22.53 34.39 -10.33
N THR E 196 21.75 35.10 -9.50
CA THR E 196 21.96 36.52 -9.23
C THR E 196 22.24 36.67 -7.74
N LYS E 197 23.44 37.17 -7.41
CA LYS E 197 23.89 37.23 -6.02
C LYS E 197 23.04 38.23 -5.23
N ASP E 198 23.33 38.34 -3.94
CA ASP E 198 22.57 39.19 -3.03
C ASP E 198 22.90 40.67 -3.16
N LYS E 199 23.90 41.03 -3.98
CA LYS E 199 24.22 42.44 -4.18
C LYS E 199 23.06 43.20 -4.82
N SER E 200 22.13 42.48 -5.47
CA SER E 200 20.94 43.05 -6.09
C SER E 200 21.27 44.15 -7.11
N ILE E 201 22.49 44.13 -7.66
CA ILE E 201 22.77 44.90 -8.87
C ILE E 201 22.07 44.31 -10.08
N ALA E 202 21.54 43.10 -9.96
CA ALA E 202 20.97 42.38 -11.08
C ALA E 202 19.53 41.93 -10.85
N SER E 203 18.93 42.24 -9.70
CA SER E 203 17.57 41.80 -9.41
C SER E 203 16.54 42.48 -10.32
N LEU F 3 -5.72 -11.00 -2.64
CA LEU F 3 -6.81 -11.98 -2.61
C LEU F 3 -8.03 -11.50 -3.39
N VAL F 4 -7.83 -10.49 -4.24
CA VAL F 4 -8.91 -9.93 -5.07
C VAL F 4 -8.51 -10.11 -6.53
N PRO F 5 -9.17 -11.00 -7.28
CA PRO F 5 -8.74 -11.25 -8.66
C PRO F 5 -9.13 -10.13 -9.59
N TYR F 6 -8.46 -10.12 -10.74
CA TYR F 6 -8.65 -9.12 -11.79
C TYR F 6 -9.19 -9.78 -13.05
N VAL F 7 -9.60 -8.96 -14.00
CA VAL F 7 -10.21 -9.43 -15.25
C VAL F 7 -9.76 -8.53 -16.38
N VAL F 8 -9.45 -9.13 -17.52
CA VAL F 8 -8.99 -8.41 -18.70
C VAL F 8 -10.05 -7.42 -19.18
N ARG F 16 -8.11 -2.38 -20.26
CA ARG F 16 -9.31 -2.62 -19.46
C ARG F 16 -9.03 -3.53 -18.27
N ALA F 17 -8.22 -3.07 -17.31
CA ALA F 17 -7.97 -3.86 -16.12
C ALA F 17 -8.86 -3.37 -14.97
N MET F 18 -9.34 -4.32 -14.17
CA MET F 18 -10.26 -4.04 -13.08
C MET F 18 -10.40 -5.32 -12.25
N ASP F 19 -10.79 -5.14 -10.99
CA ASP F 19 -11.01 -6.27 -10.10
C ASP F 19 -12.33 -6.98 -10.43
N ILE F 20 -12.55 -8.11 -9.76
CA ILE F 20 -13.67 -8.98 -10.08
C ILE F 20 -15.00 -8.27 -9.85
N TYR F 21 -15.08 -7.47 -8.78
CA TYR F 21 -16.32 -6.76 -8.48
C TYR F 21 -16.61 -5.68 -9.50
N SER F 22 -15.56 -5.03 -10.02
CA SER F 22 -15.77 -4.02 -11.06
C SER F 22 -16.25 -4.66 -12.36
N ARG F 23 -15.79 -5.87 -12.67
CA ARG F 23 -16.29 -6.59 -13.84
C ARG F 23 -17.76 -6.95 -13.66
N LEU F 24 -18.11 -7.52 -12.51
CA LEU F 24 -19.52 -7.82 -12.25
C LEU F 24 -20.36 -6.55 -12.30
N LEU F 25 -19.81 -5.43 -11.82
CA LEU F 25 -20.51 -4.16 -11.92
C LEU F 25 -20.69 -3.73 -13.36
N LYS F 26 -19.71 -4.04 -14.21
CA LYS F 26 -19.86 -3.80 -15.64
C LYS F 26 -21.02 -4.61 -16.20
N ASP F 27 -21.31 -5.77 -15.62
CA ASP F 27 -22.53 -6.50 -15.96
C ASP F 27 -23.76 -6.04 -15.16
N ARG F 28 -23.71 -4.88 -14.50
CA ARG F 28 -24.80 -4.36 -13.67
C ARG F 28 -25.11 -5.28 -12.49
N ILE F 29 -24.06 -5.77 -11.83
CA ILE F 29 -24.20 -6.66 -10.67
C ILE F 29 -23.52 -5.99 -9.49
N VAL F 30 -24.29 -5.79 -8.41
CA VAL F 30 -23.78 -5.22 -7.17
C VAL F 30 -23.68 -6.32 -6.14
N MET F 31 -22.57 -6.35 -5.41
CA MET F 31 -22.34 -7.34 -4.37
C MET F 31 -22.44 -6.68 -3.00
N ILE F 32 -23.21 -7.29 -2.11
CA ILE F 32 -23.34 -6.85 -0.72
C ILE F 32 -23.07 -8.08 0.14
N GLY F 33 -21.80 -8.31 0.47
CA GLY F 33 -21.46 -9.52 1.20
C GLY F 33 -20.78 -9.27 2.53
N GLN F 34 -21.13 -8.17 3.18
CA GLN F 34 -20.60 -7.86 4.50
C GLN F 34 -21.65 -7.09 5.29
N GLU F 35 -21.29 -6.75 6.53
CA GLU F 35 -22.20 -5.98 7.39
C GLU F 35 -22.47 -4.60 6.80
N ILE F 36 -23.74 -4.20 6.82
CA ILE F 36 -24.20 -2.94 6.25
C ILE F 36 -23.74 -1.78 7.14
N THR F 37 -22.59 -1.20 6.82
CA THR F 37 -22.05 -0.08 7.56
C THR F 37 -22.20 1.19 6.75
N GLU F 38 -21.76 2.31 7.33
CA GLU F 38 -21.87 3.58 6.63
C GLU F 38 -20.99 3.63 5.38
N PRO F 39 -19.70 3.25 5.44
CA PRO F 39 -18.91 3.24 4.19
C PRO F 39 -19.41 2.21 3.17
N LEU F 40 -19.84 1.04 3.64
CA LEU F 40 -20.42 0.06 2.71
C LEU F 40 -21.66 0.63 2.04
N ALA F 41 -22.52 1.29 2.82
CA ALA F 41 -23.70 1.92 2.23
C ALA F 41 -23.32 2.98 1.21
N ASN F 42 -22.25 3.75 1.49
CA ASN F 42 -21.85 4.79 0.55
C ASN F 42 -21.33 4.19 -0.75
N THR F 43 -20.55 3.11 -0.65
CA THR F 43 -20.06 2.45 -1.88
C THR F 43 -21.21 1.85 -2.67
N VAL F 44 -22.18 1.22 -2.00
CA VAL F 44 -23.32 0.63 -2.70
C VAL F 44 -24.15 1.72 -3.37
N ILE F 45 -24.37 2.84 -2.68
CA ILE F 45 -25.14 3.94 -3.25
C ILE F 45 -24.40 4.53 -4.45
N ALA F 46 -23.08 4.66 -4.36
CA ALA F 46 -22.29 5.12 -5.50
C ALA F 46 -22.47 4.20 -6.70
N GLN F 47 -22.36 2.89 -6.47
CA GLN F 47 -22.54 1.93 -7.56
C GLN F 47 -23.93 2.03 -8.17
N LEU F 48 -24.95 2.23 -7.33
CA LEU F 48 -26.31 2.31 -7.83
C LEU F 48 -26.52 3.58 -8.66
N LEU F 49 -25.99 4.71 -8.19
CA LEU F 49 -26.10 5.94 -8.97
C LEU F 49 -25.37 5.82 -10.29
N PHE F 50 -24.21 5.15 -10.30
CA PHE F 50 -23.48 4.94 -11.54
C PHE F 50 -24.28 4.07 -12.50
N LEU F 51 -24.84 2.97 -12.01
CA LEU F 51 -25.65 2.12 -12.87
C LEU F 51 -26.87 2.85 -13.40
N MET F 52 -27.41 3.78 -12.61
CA MET F 52 -28.54 4.58 -13.08
C MET F 52 -28.13 5.54 -14.18
N SER F 53 -26.98 6.21 -14.03
CA SER F 53 -26.52 7.14 -15.05
C SER F 53 -26.14 6.41 -16.34
N GLU F 54 -25.52 5.23 -16.22
CA GLU F 54 -25.10 4.47 -17.39
C GLU F 54 -26.31 4.05 -18.22
N ASP F 55 -27.30 3.44 -17.58
CA ASP F 55 -28.55 3.07 -18.22
C ASP F 55 -29.63 2.99 -17.15
N PRO F 56 -30.56 3.97 -17.12
CA PRO F 56 -31.59 3.97 -16.07
C PRO F 56 -32.71 2.98 -16.30
N THR F 57 -32.79 2.37 -17.47
CA THR F 57 -33.86 1.45 -17.82
C THR F 57 -33.54 -0.01 -17.51
N LYS F 58 -32.30 -0.42 -17.79
CA LYS F 58 -31.92 -1.82 -17.70
C LYS F 58 -31.84 -2.28 -16.24
N ASP F 59 -32.11 -3.57 -16.03
CA ASP F 59 -32.16 -4.12 -14.67
C ASP F 59 -30.79 -4.12 -14.00
N ILE F 60 -30.84 -4.16 -12.67
CA ILE F 60 -29.68 -4.30 -11.81
C ILE F 60 -29.81 -5.58 -11.02
N GLN F 61 -28.68 -6.23 -10.74
CA GLN F 61 -28.64 -7.45 -9.95
C GLN F 61 -27.88 -7.15 -8.66
N ILE F 62 -28.50 -7.45 -7.52
CA ILE F 62 -27.87 -7.25 -6.22
C ILE F 62 -27.82 -8.59 -5.51
N PHE F 63 -26.62 -9.09 -5.27
CA PHE F 63 -26.42 -10.32 -4.51
C PHE F 63 -26.07 -9.98 -3.07
N ILE F 64 -26.83 -10.55 -2.14
CA ILE F 64 -26.81 -10.17 -0.73
C ILE F 64 -26.35 -11.35 0.09
N ASN F 65 -25.29 -11.15 0.87
CA ASN F 65 -24.78 -12.12 1.81
C ASN F 65 -24.30 -11.34 3.04
N SER F 66 -25.24 -10.71 3.73
CA SER F 66 -24.93 -9.77 4.79
C SER F 66 -25.44 -10.28 6.14
N PRO F 67 -24.58 -10.32 7.17
CA PRO F 67 -25.05 -10.79 8.49
C PRO F 67 -25.90 -9.77 9.23
N GLY F 68 -25.98 -8.55 8.76
CA GLY F 68 -26.70 -7.51 9.47
C GLY F 68 -26.16 -6.14 9.06
N GLY F 69 -26.40 -5.17 9.92
CA GLY F 69 -25.92 -3.84 9.65
C GLY F 69 -26.62 -2.83 10.52
N TYR F 70 -26.58 -1.57 10.07
CA TYR F 70 -27.12 -0.46 10.83
C TYR F 70 -28.31 0.16 10.09
N ILE F 71 -29.28 0.63 10.88
CA ILE F 71 -30.54 1.09 10.31
C ILE F 71 -30.32 2.30 9.42
N THR F 72 -29.39 3.18 9.78
CA THR F 72 -29.13 4.36 8.95
C THR F 72 -28.56 3.97 7.59
N ALA F 73 -27.56 3.09 7.58
CA ALA F 73 -27.00 2.62 6.32
C ALA F 73 -28.04 1.87 5.51
N GLY F 74 -28.80 0.98 6.16
CA GLY F 74 -29.84 0.24 5.46
C GLY F 74 -30.90 1.14 4.86
N LEU F 75 -31.31 2.18 5.60
CA LEU F 75 -32.31 3.12 5.09
C LEU F 75 -31.76 3.93 3.93
N ALA F 76 -30.49 4.35 4.00
CA ALA F 76 -29.89 5.04 2.87
C ALA F 76 -29.92 4.17 1.62
N ILE F 77 -29.49 2.91 1.75
CA ILE F 77 -29.48 2.01 0.60
C ILE F 77 -30.90 1.77 0.09
N TYR F 78 -31.86 1.57 1.01
CA TYR F 78 -33.23 1.30 0.61
C TYR F 78 -33.83 2.48 -0.15
N ASP F 79 -33.63 3.69 0.35
CA ASP F 79 -34.14 4.87 -0.36
C ASP F 79 -33.49 5.00 -1.73
N THR F 80 -32.20 4.68 -1.85
CA THR F 80 -31.58 4.73 -3.16
C THR F 80 -32.16 3.67 -4.10
N ILE F 81 -32.47 2.49 -3.58
CA ILE F 81 -33.04 1.44 -4.42
C ILE F 81 -34.44 1.83 -4.90
N ARG F 82 -35.27 2.36 -3.98
CA ARG F 82 -36.57 2.86 -4.37
C ARG F 82 -36.45 4.06 -5.32
N PHE F 83 -35.35 4.80 -5.22
CA PHE F 83 -35.10 5.97 -6.05
C PHE F 83 -34.82 5.61 -7.50
N LEU F 84 -34.37 4.39 -7.79
CA LEU F 84 -34.08 3.98 -9.16
C LEU F 84 -35.36 3.66 -9.91
N GLY F 85 -35.37 4.02 -11.20
CA GLY F 85 -36.50 3.71 -12.06
C GLY F 85 -36.46 2.36 -12.73
N CYS F 86 -35.34 1.66 -12.64
CA CYS F 86 -35.22 0.34 -13.26
C CYS F 86 -35.60 -0.75 -12.27
N ASP F 87 -35.79 -1.95 -12.81
CA ASP F 87 -36.07 -3.10 -11.95
C ASP F 87 -34.80 -3.53 -11.22
N VAL F 88 -34.97 -4.02 -10.00
CA VAL F 88 -33.86 -4.43 -9.16
C VAL F 88 -34.12 -5.89 -8.77
N ASN F 89 -33.33 -6.80 -9.32
CA ASN F 89 -33.35 -8.19 -8.89
C ASN F 89 -32.47 -8.32 -7.66
N THR F 90 -32.99 -8.98 -6.63
CA THR F 90 -32.23 -9.27 -5.42
C THR F 90 -32.09 -10.76 -5.26
N TYR F 91 -30.89 -11.22 -4.89
CA TYR F 91 -30.60 -12.63 -4.71
C TYR F 91 -29.96 -12.81 -3.34
N CYS F 92 -30.58 -13.62 -2.49
CA CYS F 92 -29.97 -13.99 -1.23
C CYS F 92 -29.11 -15.23 -1.44
N ILE F 93 -27.80 -15.07 -1.36
CA ILE F 93 -26.86 -16.18 -1.30
C ILE F 93 -26.34 -16.23 0.14
N GLY F 94 -26.38 -17.43 0.73
CA GLY F 94 -25.96 -17.55 2.10
C GLY F 94 -26.97 -17.00 3.10
N GLN F 95 -26.64 -15.88 3.75
CA GLN F 95 -27.45 -15.34 4.81
C GLN F 95 -27.85 -13.90 4.51
N ALA F 96 -29.09 -13.55 4.86
CA ALA F 96 -29.59 -12.18 4.80
C ALA F 96 -30.31 -11.90 6.12
N ALA F 97 -29.63 -11.19 7.01
CA ALA F 97 -30.18 -10.90 8.33
C ALA F 97 -30.25 -9.39 8.54
N SER F 98 -31.28 -8.98 9.28
CA SER F 98 -31.46 -7.58 9.69
C SER F 98 -31.54 -6.69 8.45
N MET F 99 -30.65 -5.72 8.27
CA MET F 99 -30.69 -4.88 7.08
C MET F 99 -30.52 -5.70 5.80
N GLY F 100 -29.73 -6.78 5.86
CA GLY F 100 -29.64 -7.67 4.71
C GLY F 100 -30.99 -8.13 4.23
N ALA F 101 -31.85 -8.57 5.15
CA ALA F 101 -33.20 -8.99 4.78
C ALA F 101 -34.03 -7.81 4.28
N LEU F 102 -33.79 -6.61 4.83
CA LEU F 102 -34.48 -5.43 4.35
C LEU F 102 -34.17 -5.17 2.88
N LEU F 103 -32.88 -5.15 2.54
CA LEU F 103 -32.49 -4.92 1.15
C LEU F 103 -32.93 -6.06 0.24
N LEU F 104 -32.95 -7.29 0.77
CA LEU F 104 -33.45 -8.42 -0.02
C LEU F 104 -34.91 -8.21 -0.39
N SER F 105 -35.75 -7.88 0.60
CA SER F 105 -37.17 -7.65 0.31
C SER F 105 -37.42 -6.33 -0.42
N ALA F 106 -36.43 -5.45 -0.51
CA ALA F 106 -36.61 -4.16 -1.17
C ALA F 106 -36.57 -4.25 -2.69
N GLY F 107 -36.12 -5.36 -3.26
CA GLY F 107 -36.09 -5.50 -4.71
C GLY F 107 -37.49 -5.48 -5.29
N THR F 108 -37.58 -5.21 -6.58
CA THR F 108 -38.90 -5.16 -7.20
C THR F 108 -39.57 -6.52 -7.05
N LYS F 109 -40.82 -6.50 -6.61
CA LYS F 109 -41.53 -7.74 -6.28
C LYS F 109 -41.70 -8.61 -7.51
N GLY F 110 -41.46 -9.91 -7.33
CA GLY F 110 -41.37 -10.85 -8.42
C GLY F 110 -39.95 -11.09 -8.88
N LYS F 111 -39.01 -10.29 -8.40
CA LYS F 111 -37.61 -10.38 -8.78
C LYS F 111 -36.73 -10.56 -7.53
N ARG F 112 -37.27 -11.20 -6.50
CA ARG F 112 -36.57 -11.45 -5.24
C ARG F 112 -36.38 -12.95 -5.08
N TYR F 113 -35.14 -13.41 -5.18
CA TYR F 113 -34.81 -14.83 -5.19
C TYR F 113 -33.93 -15.18 -3.99
N ALA F 114 -33.94 -16.47 -3.65
CA ALA F 114 -33.04 -17.01 -2.64
C ALA F 114 -32.53 -18.36 -3.09
N LEU F 115 -31.29 -18.66 -2.75
CA LEU F 115 -30.74 -19.96 -3.06
C LEU F 115 -31.24 -21.00 -2.06
N PRO F 116 -31.21 -22.29 -2.44
CA PRO F 116 -31.97 -23.30 -1.67
C PRO F 116 -31.64 -23.39 -0.17
N HIS F 117 -30.39 -23.21 0.23
CA HIS F 117 -30.01 -23.32 1.63
C HIS F 117 -29.84 -21.98 2.31
N SER F 118 -30.43 -20.92 1.75
CA SER F 118 -30.30 -19.59 2.31
C SER F 118 -31.09 -19.45 3.61
N ARG F 119 -30.60 -18.58 4.50
CA ARG F 119 -31.22 -18.30 5.77
C ARG F 119 -31.48 -16.81 5.87
N MET F 120 -32.69 -16.45 6.29
CA MET F 120 -33.12 -15.05 6.36
C MET F 120 -33.74 -14.76 7.72
N MET F 121 -33.45 -13.58 8.25
CA MET F 121 -33.91 -13.19 9.57
C MET F 121 -34.15 -11.68 9.61
N ILE F 122 -35.36 -11.26 10.00
CA ILE F 122 -35.62 -9.83 10.12
C ILE F 122 -35.06 -9.27 11.42
N HIS F 123 -34.87 -10.12 12.43
CA HIS F 123 -34.31 -9.69 13.70
C HIS F 123 -32.86 -9.21 13.54
N GLN F 124 -32.53 -8.13 14.24
CA GLN F 124 -31.14 -7.71 14.37
C GLN F 124 -30.54 -8.33 15.62
N PRO F 125 -29.48 -9.13 15.50
CA PRO F 125 -29.03 -9.92 16.67
C PRO F 125 -28.56 -9.10 17.86
N SER F 126 -27.97 -7.93 17.66
CA SER F 126 -27.46 -7.17 18.78
C SER F 126 -27.76 -5.69 18.62
N GLY F 127 -27.24 -4.92 19.57
CA GLY F 127 -27.34 -3.48 19.65
C GLY F 127 -28.07 -2.76 18.55
N GLY F 128 -29.39 -2.95 18.44
CA GLY F 128 -30.12 -2.31 17.36
C GLY F 128 -30.02 -0.81 17.53
N ILE F 129 -28.80 -0.34 17.38
CA ILE F 129 -28.46 1.05 17.53
C ILE F 129 -28.24 1.64 16.14
N ILE F 130 -28.21 2.97 16.05
CA ILE F 130 -27.89 3.62 14.78
C ILE F 130 -26.60 3.07 14.20
N GLY F 131 -25.60 2.88 15.06
CA GLY F 131 -24.28 2.40 14.71
C GLY F 131 -23.61 3.27 13.67
N THR F 132 -23.17 4.46 14.08
CA THR F 132 -22.32 5.26 13.20
C THR F 132 -21.00 4.56 12.92
N SER F 133 -20.42 3.93 13.95
CA SER F 133 -19.27 3.05 13.79
C SER F 133 -18.99 2.29 15.08
N ALA F 134 -20.00 1.57 15.59
CA ALA F 134 -20.00 0.77 16.81
C ALA F 134 -20.13 1.61 18.08
N ASP F 135 -20.05 2.93 17.97
CA ASP F 135 -20.40 3.82 19.08
C ASP F 135 -21.55 4.72 18.64
N ILE F 136 -22.61 4.74 19.45
CA ILE F 136 -23.91 5.32 19.11
C ILE F 136 -23.84 6.84 18.96
N GLN F 137 -24.97 7.43 18.52
CA GLN F 137 -25.13 8.86 18.25
C GLN F 137 -26.52 9.34 18.68
N LEU F 138 -27.34 8.47 19.26
CA LEU F 138 -28.78 8.51 19.09
C LEU F 138 -29.56 8.72 20.38
N GLN F 139 -30.73 9.33 20.22
CA GLN F 139 -31.62 9.75 21.28
C GLN F 139 -32.91 8.93 21.21
N ALA F 140 -33.77 9.10 22.22
CA ALA F 140 -34.97 8.29 22.33
C ALA F 140 -35.94 8.52 21.17
N ALA F 141 -36.21 9.78 20.83
CA ALA F 141 -37.17 10.04 19.77
C ALA F 141 -36.67 9.51 18.43
N GLU F 142 -35.36 9.58 18.20
CA GLU F 142 -34.83 9.15 16.92
C GLU F 142 -34.65 7.63 16.84
N ILE F 143 -34.34 6.94 17.94
CA ILE F 143 -34.39 5.48 17.89
C ILE F 143 -35.80 5.04 17.55
N LEU F 144 -36.80 5.63 18.23
CA LEU F 144 -38.18 5.28 17.94
C LEU F 144 -38.53 5.58 16.48
N THR F 145 -38.07 6.71 15.95
CA THR F 145 -38.38 7.07 14.57
C THR F 145 -37.74 6.09 13.59
N LEU F 146 -36.46 5.77 13.79
CA LEU F 146 -35.78 4.87 12.88
C LEU F 146 -36.39 3.46 12.92
N LYS F 147 -36.75 3.00 14.11
CA LYS F 147 -37.36 1.67 14.20
C LYS F 147 -38.77 1.67 13.60
N LYS F 148 -39.51 2.76 13.76
CA LYS F 148 -40.82 2.86 13.11
C LYS F 148 -40.69 2.84 11.59
N HIS F 149 -39.70 3.57 11.05
CA HIS F 149 -39.45 3.54 9.61
C HIS F 149 -39.13 2.12 9.16
N LEU F 150 -38.22 1.45 9.87
CA LEU F 150 -37.85 0.09 9.51
C LEU F 150 -39.06 -0.85 9.54
N SER F 151 -39.91 -0.72 10.56
CA SER F 151 -41.09 -1.57 10.65
C SER F 151 -42.07 -1.30 9.52
N ASN F 152 -42.31 -0.02 9.21
CA ASN F 152 -43.24 0.31 8.14
C ASN F 152 -42.74 -0.21 6.80
N ILE F 153 -41.43 -0.08 6.55
CA ILE F 153 -40.85 -0.52 5.29
C ILE F 153 -40.89 -2.05 5.19
N LEU F 154 -40.60 -2.75 6.29
CA LEU F 154 -40.68 -4.21 6.28
C LEU F 154 -42.12 -4.68 6.06
N ALA F 155 -43.09 -3.98 6.66
CA ALA F 155 -44.48 -4.35 6.44
C ALA F 155 -44.88 -4.14 4.99
N GLU F 156 -44.44 -3.04 4.38
CA GLU F 156 -44.75 -2.80 2.98
C GLU F 156 -44.08 -3.82 2.07
N CYS F 157 -42.86 -4.23 2.40
CA CYS F 157 -42.13 -5.16 1.54
C CYS F 157 -42.68 -6.57 1.65
N THR F 158 -43.04 -7.01 2.86
CA THR F 158 -43.45 -8.40 3.05
C THR F 158 -44.95 -8.61 2.97
N GLY F 159 -45.74 -7.58 3.24
CA GLY F 159 -47.18 -7.74 3.33
C GLY F 159 -47.67 -8.11 4.70
N GLN F 160 -46.77 -8.35 5.64
CA GLN F 160 -47.18 -8.61 7.01
C GLN F 160 -47.67 -7.32 7.66
N SER F 161 -48.28 -7.47 8.83
CA SER F 161 -48.68 -6.27 9.55
C SER F 161 -47.48 -5.71 10.31
N VAL F 162 -47.55 -4.41 10.61
CA VAL F 162 -46.49 -3.78 11.38
C VAL F 162 -46.34 -4.46 12.74
N GLU F 163 -47.48 -4.92 13.30
CA GLU F 163 -47.46 -5.63 14.57
C GLU F 163 -46.68 -6.94 14.45
N LYS F 164 -46.98 -7.72 13.41
CA LYS F 164 -46.27 -8.98 13.21
C LYS F 164 -44.79 -8.74 12.94
N ILE F 165 -44.46 -7.65 12.24
CA ILE F 165 -43.07 -7.32 11.97
C ILE F 165 -42.33 -7.01 13.27
N ILE F 166 -42.95 -6.21 14.14
CA ILE F 166 -42.34 -5.91 15.43
C ILE F 166 -42.12 -7.19 16.23
N GLU F 167 -43.16 -8.02 16.32
CA GLU F 167 -43.07 -9.24 17.11
C GLU F 167 -41.99 -10.17 16.59
N ASP F 168 -41.89 -10.33 15.27
CA ASP F 168 -40.90 -11.24 14.70
C ASP F 168 -39.50 -10.66 14.73
N SER F 169 -39.37 -9.33 14.64
CA SER F 169 -38.05 -8.72 14.80
C SER F 169 -37.59 -8.79 16.24
N GLU F 170 -38.49 -9.06 17.18
CA GLU F 170 -38.09 -9.36 18.54
C GLU F 170 -37.55 -10.79 18.69
N ARG F 171 -37.80 -11.66 17.72
CA ARG F 171 -37.48 -13.08 17.83
C ARG F 171 -36.23 -13.40 17.03
N ASP F 172 -35.26 -14.05 17.67
CA ASP F 172 -33.97 -14.35 17.06
C ASP F 172 -34.05 -15.74 16.43
N PHE F 173 -34.48 -15.78 15.17
CA PHE F 173 -34.62 -17.03 14.43
C PHE F 173 -34.49 -16.76 12.94
N PHE F 174 -34.08 -17.79 12.20
CA PHE F 174 -33.91 -17.71 10.76
C PHE F 174 -35.03 -18.46 10.04
N MET F 175 -35.34 -18.01 8.83
CA MET F 175 -36.30 -18.66 7.96
C MET F 175 -35.59 -19.32 6.80
N GLY F 176 -36.09 -20.48 6.38
CA GLY F 176 -35.66 -21.08 5.13
C GLY F 176 -36.27 -20.39 3.93
N ALA F 177 -35.88 -20.87 2.75
CA ALA F 177 -36.33 -20.24 1.51
C ALA F 177 -37.85 -20.29 1.36
N GLU F 178 -38.45 -21.45 1.63
CA GLU F 178 -39.91 -21.56 1.47
C GLU F 178 -40.64 -20.77 2.55
N GLU F 179 -40.13 -20.80 3.78
CA GLU F 179 -40.72 -19.97 4.82
C GLU F 179 -40.60 -18.49 4.48
N ALA F 180 -39.49 -18.09 3.85
CA ALA F 180 -39.32 -16.71 3.45
C ALA F 180 -40.27 -16.34 2.32
N ILE F 181 -40.52 -17.27 1.40
CA ILE F 181 -41.48 -17.03 0.33
C ILE F 181 -42.88 -16.82 0.93
N ALA F 182 -43.27 -17.69 1.86
CA ALA F 182 -44.55 -17.54 2.51
C ALA F 182 -44.64 -16.23 3.29
N TYR F 183 -43.51 -15.76 3.82
CA TYR F 183 -43.51 -14.54 4.63
C TYR F 183 -43.69 -13.29 3.78
N GLY F 184 -43.42 -13.35 2.49
CA GLY F 184 -43.39 -12.18 1.65
C GLY F 184 -42.03 -11.53 1.52
N LEU F 185 -40.99 -12.13 2.12
CA LEU F 185 -39.65 -11.56 2.06
C LEU F 185 -39.05 -11.72 0.68
N ILE F 186 -39.28 -12.88 0.05
CA ILE F 186 -38.80 -13.19 -1.28
C ILE F 186 -39.98 -13.69 -2.12
N ASP F 187 -39.69 -14.07 -3.36
CA ASP F 187 -40.70 -14.55 -4.28
C ASP F 187 -40.50 -16.01 -4.68
N LYS F 188 -39.27 -16.41 -5.01
CA LYS F 188 -38.99 -17.76 -5.47
C LYS F 188 -37.61 -18.19 -5.04
N VAL F 189 -37.44 -19.50 -4.91
CA VAL F 189 -36.15 -20.12 -4.62
C VAL F 189 -35.62 -20.75 -5.91
N ILE F 190 -34.43 -20.36 -6.32
CA ILE F 190 -33.84 -20.77 -7.59
C ILE F 190 -32.62 -21.63 -7.33
N SER F 191 -32.58 -22.79 -7.97
CA SER F 191 -31.42 -23.68 -7.95
C SER F 191 -30.78 -23.82 -9.32
N SER F 192 -30.85 -22.75 -10.14
CA SER F 192 -30.42 -22.77 -11.53
C SER F 192 -30.79 -21.46 -12.22
N ALA F 193 -29.81 -20.83 -12.87
CA ALA F 193 -29.98 -19.50 -13.42
C ALA F 193 -31.06 -19.40 -14.50
N LYS F 194 -31.65 -20.52 -14.96
CA LYS F 194 -32.73 -20.37 -15.92
C LYS F 194 -34.04 -19.97 -15.27
N GLU F 195 -34.19 -20.26 -13.98
CA GLU F 195 -35.41 -19.93 -13.24
C GLU F 195 -35.57 -18.44 -12.98
N THR F 196 -34.63 -17.62 -13.44
CA THR F 196 -34.67 -16.18 -13.25
C THR F 196 -35.41 -15.51 -14.40
N LYS F 197 -36.39 -14.67 -14.05
CA LYS F 197 -37.18 -13.96 -15.05
C LYS F 197 -36.31 -13.02 -15.88
N LEU G 3 11.35 -3.12 -2.26
CA LEU G 3 12.48 -4.00 -2.50
C LEU G 3 12.18 -4.94 -3.68
N VAL G 4 11.27 -4.52 -4.55
CA VAL G 4 10.87 -5.37 -5.68
C VAL G 4 11.20 -4.68 -7.00
N PRO G 5 12.23 -5.13 -7.72
CA PRO G 5 12.56 -4.51 -8.99
C PRO G 5 11.61 -4.97 -10.08
N TYR G 6 11.52 -4.17 -11.13
CA TYR G 6 10.60 -4.44 -12.23
C TYR G 6 11.35 -4.61 -13.55
N VAL G 7 10.62 -5.07 -14.55
CA VAL G 7 11.14 -5.35 -15.89
C VAL G 7 10.03 -5.04 -16.89
N VAL G 8 10.38 -4.31 -17.95
CA VAL G 8 9.43 -3.97 -19.00
C VAL G 8 9.67 -4.76 -20.28
N GLU G 9 10.92 -5.11 -20.59
CA GLU G 9 11.28 -5.81 -21.82
C GLU G 9 10.56 -7.15 -21.94
N ARG G 16 3.46 -3.48 -20.26
CA ARG G 16 4.41 -4.58 -20.28
C ARG G 16 5.28 -4.60 -19.03
N ALA G 17 4.75 -4.18 -17.90
CA ALA G 17 5.52 -4.11 -16.66
C ALA G 17 5.19 -5.27 -15.75
N MET G 18 6.20 -5.74 -15.02
CA MET G 18 6.09 -6.87 -14.10
C MET G 18 7.36 -6.91 -13.26
N ASP G 19 7.25 -7.52 -12.08
CA ASP G 19 8.39 -7.64 -11.19
C ASP G 19 9.37 -8.69 -11.70
N ILE G 20 10.52 -8.78 -11.02
CA ILE G 20 11.61 -9.64 -11.48
C ILE G 20 11.17 -11.11 -11.46
N TYR G 21 10.39 -11.49 -10.45
CA TYR G 21 9.96 -12.87 -10.34
C TYR G 21 8.99 -13.24 -11.45
N SER G 22 8.14 -12.30 -11.86
CA SER G 22 7.22 -12.58 -12.97
C SER G 22 7.97 -12.69 -14.30
N ARG G 23 9.06 -11.94 -14.46
CA ARG G 23 9.89 -12.11 -15.66
C ARG G 23 10.53 -13.49 -15.68
N LEU G 24 11.15 -13.89 -14.56
CA LEU G 24 11.71 -15.23 -14.49
C LEU G 24 10.63 -16.29 -14.75
N LEU G 25 9.41 -16.04 -14.26
CA LEU G 25 8.31 -16.96 -14.54
C LEU G 25 7.99 -17.00 -16.02
N LYS G 26 8.11 -15.87 -16.71
CA LYS G 26 7.98 -15.90 -18.17
C LYS G 26 9.07 -16.76 -18.80
N ASP G 27 10.23 -16.83 -18.17
CA ASP G 27 11.25 -17.79 -18.62
C ASP G 27 11.04 -19.19 -18.06
N ARG G 28 9.86 -19.48 -17.49
CA ARG G 28 9.57 -20.78 -16.88
C ARG G 28 10.51 -21.07 -15.71
N ILE G 29 10.73 -20.05 -14.88
CA ILE G 29 11.58 -20.15 -13.70
C ILE G 29 10.74 -19.82 -12.48
N VAL G 30 10.65 -20.78 -11.55
CA VAL G 30 9.92 -20.60 -10.31
C VAL G 30 10.93 -20.46 -9.18
N MET G 31 10.69 -19.52 -8.28
CA MET G 31 11.57 -19.27 -7.15
C MET G 31 10.89 -19.73 -5.86
N ILE G 32 11.63 -20.49 -5.05
CA ILE G 32 11.19 -20.89 -3.72
C ILE G 32 12.31 -20.49 -2.77
N GLY G 33 12.27 -19.25 -2.28
CA GLY G 33 13.35 -18.74 -1.47
C GLY G 33 12.94 -18.30 -0.09
N GLN G 34 11.94 -18.97 0.48
CA GLN G 34 11.51 -18.70 1.83
C GLN G 34 11.00 -20.01 2.44
N GLU G 35 10.57 -19.94 3.69
CA GLU G 35 10.02 -21.11 4.36
C GLU G 35 8.75 -21.59 3.68
N ILE G 36 8.64 -22.91 3.50
CA ILE G 36 7.52 -23.52 2.80
C ILE G 36 6.26 -23.46 3.67
N THR G 37 5.46 -22.42 3.48
CA THR G 37 4.22 -22.26 4.22
C THR G 37 3.04 -22.55 3.30
N GLU G 38 1.83 -22.47 3.87
CA GLU G 38 0.62 -22.70 3.07
C GLU G 38 0.43 -21.63 2.01
N PRO G 39 0.55 -20.32 2.30
CA PRO G 39 0.44 -19.33 1.22
C PRO G 39 1.55 -19.46 0.20
N LEU G 40 2.78 -19.76 0.65
CA LEU G 40 3.87 -20.01 -0.28
C LEU G 40 3.57 -21.20 -1.17
N ALA G 41 3.06 -22.29 -0.58
CA ALA G 41 2.73 -23.48 -1.36
C ALA G 41 1.65 -23.16 -2.38
N ASN G 42 0.66 -22.35 -2.01
CA ASN G 42 -0.43 -22.05 -2.94
C ASN G 42 0.05 -21.17 -4.09
N THR G 43 0.90 -20.18 -3.82
CA THR G 43 1.44 -19.39 -4.93
C THR G 43 2.32 -20.25 -5.83
N VAL G 44 3.11 -21.16 -5.25
CA VAL G 44 3.95 -22.04 -6.05
C VAL G 44 3.10 -22.96 -6.93
N ILE G 45 2.02 -23.49 -6.37
CA ILE G 45 1.14 -24.37 -7.15
C ILE G 45 0.45 -23.59 -8.26
N ALA G 46 0.06 -22.34 -7.97
CA ALA G 46 -0.51 -21.49 -9.02
C ALA G 46 0.48 -21.29 -10.16
N GLN G 47 1.74 -20.97 -9.82
CA GLN G 47 2.76 -20.78 -10.84
C GLN G 47 2.97 -22.06 -11.66
N LEU G 48 2.98 -23.21 -10.98
CA LEU G 48 3.20 -24.47 -11.70
C LEU G 48 2.04 -24.79 -12.63
N LEU G 49 0.80 -24.58 -12.16
CA LEU G 49 -0.36 -24.82 -13.01
C LEU G 49 -0.36 -23.87 -14.22
N PHE G 50 0.05 -22.61 -14.00
CA PHE G 50 0.13 -21.68 -15.12
C PHE G 50 1.17 -22.12 -16.14
N LEU G 51 2.35 -22.52 -15.65
CA LEU G 51 3.39 -23.00 -16.56
C LEU G 51 2.94 -24.25 -17.31
N MET G 52 2.08 -25.07 -16.69
CA MET G 52 1.54 -26.23 -17.38
C MET G 52 0.55 -25.80 -18.46
N SER G 53 -0.30 -24.82 -18.15
CA SER G 53 -1.28 -24.36 -19.13
C SER G 53 -0.61 -23.71 -20.33
N GLU G 54 0.46 -22.95 -20.11
CA GLU G 54 1.13 -22.26 -21.21
C GLU G 54 1.75 -23.24 -22.19
N ASP G 55 2.59 -24.15 -21.70
CA ASP G 55 3.20 -25.14 -22.56
C ASP G 55 3.58 -26.36 -21.73
N PRO G 56 2.89 -27.50 -21.92
CA PRO G 56 3.19 -28.68 -21.10
C PRO G 56 4.46 -29.41 -21.48
N THR G 57 5.11 -29.04 -22.60
CA THR G 57 6.30 -29.77 -23.03
C THR G 57 7.60 -29.14 -22.53
N LYS G 58 7.71 -27.81 -22.54
CA LYS G 58 8.99 -27.20 -22.22
C LYS G 58 9.32 -27.39 -20.73
N ASP G 59 10.62 -27.48 -20.44
CA ASP G 59 11.07 -27.73 -19.09
C ASP G 59 10.78 -26.55 -18.16
N ILE G 60 10.71 -26.86 -16.87
CA ILE G 60 10.53 -25.87 -15.82
C ILE G 60 11.76 -25.93 -14.93
N GLN G 61 12.19 -24.77 -14.42
CA GLN G 61 13.33 -24.67 -13.52
C GLN G 61 12.86 -24.08 -12.19
N ILE G 62 13.19 -24.76 -11.10
CA ILE G 62 12.81 -24.35 -9.75
C ILE G 62 14.08 -24.11 -8.96
N PHE G 63 14.27 -22.86 -8.52
CA PHE G 63 15.40 -22.51 -7.68
C PHE G 63 14.96 -22.51 -6.22
N ILE G 64 15.68 -23.26 -5.40
CA ILE G 64 15.28 -23.55 -4.02
C ILE G 64 16.33 -22.98 -3.08
N ASN G 65 15.90 -22.12 -2.17
CA ASN G 65 16.72 -21.56 -1.12
C ASN G 65 15.82 -21.45 0.11
N SER G 66 15.42 -22.61 0.64
CA SER G 66 14.36 -22.69 1.63
C SER G 66 14.89 -23.19 2.97
N PRO G 67 14.56 -22.51 4.07
CA PRO G 67 15.02 -22.95 5.39
C PRO G 67 14.31 -24.17 5.91
N GLY G 68 13.18 -24.52 5.35
CA GLY G 68 12.35 -25.58 5.88
C GLY G 68 10.92 -25.30 5.46
N GLY G 69 9.99 -25.89 6.20
CA GLY G 69 8.60 -25.64 5.89
C GLY G 69 7.71 -26.68 6.52
N TYR G 70 6.53 -26.83 5.93
CA TYR G 70 5.53 -27.75 6.42
C TYR G 70 5.25 -28.85 5.39
N ILE G 71 5.08 -30.07 5.92
CA ILE G 71 4.86 -31.28 5.14
C ILE G 71 3.54 -31.18 4.41
N THR G 72 2.54 -30.55 5.01
CA THR G 72 1.27 -30.38 4.29
C THR G 72 1.51 -29.53 3.05
N ALA G 73 2.21 -28.40 3.23
CA ALA G 73 2.58 -27.55 2.11
C ALA G 73 3.56 -28.26 1.18
N GLY G 74 4.60 -28.89 1.76
CA GLY G 74 5.58 -29.56 0.94
C GLY G 74 4.99 -30.68 0.10
N LEU G 75 4.08 -31.45 0.68
CA LEU G 75 3.41 -32.53 -0.05
C LEU G 75 2.49 -31.98 -1.13
N ALA G 76 1.80 -30.86 -0.85
CA ALA G 76 1.01 -30.25 -1.91
C ALA G 76 1.89 -29.88 -3.10
N ILE G 77 3.03 -29.23 -2.82
CA ILE G 77 3.94 -28.84 -3.90
C ILE G 77 4.50 -30.06 -4.61
N TYR G 78 4.89 -31.09 -3.85
CA TYR G 78 5.49 -32.28 -4.43
C TYR G 78 4.50 -33.00 -5.35
N ASP G 79 3.26 -33.18 -4.89
CA ASP G 79 2.26 -33.81 -5.72
C ASP G 79 1.98 -32.97 -6.96
N THR G 80 2.01 -31.63 -6.84
CA THR G 80 1.85 -30.79 -8.02
C THR G 80 3.00 -30.98 -9.00
N ILE G 81 4.23 -31.13 -8.50
CA ILE G 81 5.38 -31.32 -9.37
C ILE G 81 5.27 -32.66 -10.09
N ARG G 82 4.90 -33.71 -9.35
CA ARG G 82 4.68 -35.02 -9.97
C ARG G 82 3.52 -34.97 -10.96
N PHE G 83 2.59 -34.04 -10.74
CA PHE G 83 1.41 -33.88 -11.58
C PHE G 83 1.77 -33.31 -12.97
N LEU G 84 2.92 -32.67 -13.10
CA LEU G 84 3.35 -32.11 -14.38
C LEU G 84 3.92 -33.18 -15.30
N GLY G 85 3.64 -33.04 -16.59
CA GLY G 85 4.18 -33.93 -17.61
C GLY G 85 5.51 -33.52 -18.19
N CYS G 86 5.99 -32.32 -17.88
CA CYS G 86 7.26 -31.83 -18.39
C CYS G 86 8.39 -32.16 -17.41
N ASP G 87 9.62 -31.99 -17.87
CA ASP G 87 10.78 -32.17 -17.00
C ASP G 87 10.90 -31.01 -16.03
N VAL G 88 11.37 -31.31 -14.83
CA VAL G 88 11.50 -30.31 -13.77
C VAL G 88 12.95 -30.32 -13.31
N ASN G 89 13.68 -29.27 -13.62
CA ASN G 89 15.01 -29.05 -13.10
C ASN G 89 14.90 -28.36 -11.73
N THR G 90 15.64 -28.86 -10.75
CA THR G 90 15.69 -28.24 -9.43
C THR G 90 17.13 -27.80 -9.16
N TYR G 91 17.29 -26.61 -8.60
CA TYR G 91 18.61 -26.03 -8.32
C TYR G 91 18.64 -25.61 -6.87
N CYS G 92 19.57 -26.16 -6.09
CA CYS G 92 19.77 -25.69 -4.73
C CYS G 92 20.79 -24.55 -4.74
N ILE G 93 20.29 -23.34 -4.46
CA ILE G 93 21.12 -22.17 -4.19
C ILE G 93 21.05 -21.91 -2.70
N GLY G 94 22.20 -21.73 -2.06
CA GLY G 94 22.16 -21.53 -0.63
C GLY G 94 21.87 -22.80 0.14
N GLN G 95 20.69 -22.90 0.74
CA GLN G 95 20.34 -24.04 1.58
C GLN G 95 19.03 -24.66 1.13
N ALA G 96 18.91 -25.97 1.33
CA ALA G 96 17.66 -26.70 1.16
C ALA G 96 17.46 -27.62 2.35
N ALA G 97 16.56 -27.26 3.26
CA ALA G 97 16.31 -28.08 4.44
C ALA G 97 14.85 -28.52 4.49
N SER G 98 14.64 -29.75 4.98
CA SER G 98 13.31 -30.34 5.20
C SER G 98 12.54 -30.32 3.89
N MET G 99 11.41 -29.61 3.80
CA MET G 99 10.64 -29.57 2.57
C MET G 99 11.47 -29.05 1.40
N GLY G 100 12.39 -28.12 1.66
CA GLY G 100 13.29 -27.68 0.62
C GLY G 100 14.06 -28.83 -0.02
N ALA G 101 14.65 -29.69 0.81
CA ALA G 101 15.37 -30.84 0.29
C ALA G 101 14.43 -31.84 -0.38
N LEU G 102 13.21 -31.98 0.14
CA LEU G 102 12.24 -32.86 -0.48
C LEU G 102 11.94 -32.42 -1.92
N LEU G 103 11.59 -31.14 -2.09
CA LEU G 103 11.29 -30.62 -3.43
C LEU G 103 12.53 -30.64 -4.32
N LEU G 104 13.71 -30.43 -3.73
CA LEU G 104 14.94 -30.50 -4.51
C LEU G 104 15.14 -31.88 -5.11
N SER G 105 14.98 -32.92 -4.29
CA SER G 105 15.14 -34.28 -4.78
C SER G 105 13.97 -34.73 -5.65
N ALA G 106 12.87 -33.95 -5.69
CA ALA G 106 11.70 -34.28 -6.50
C ALA G 106 11.89 -33.98 -7.97
N GLY G 107 12.94 -33.26 -8.36
CA GLY G 107 13.17 -32.98 -9.77
C GLY G 107 13.48 -34.25 -10.54
N THR G 108 13.30 -34.17 -11.86
CA THR G 108 13.56 -35.32 -12.71
C THR G 108 15.04 -35.72 -12.62
N LYS G 109 15.27 -37.04 -12.58
CA LYS G 109 16.62 -37.57 -12.38
C LYS G 109 17.58 -37.08 -13.46
N GLY G 110 18.76 -36.64 -13.04
CA GLY G 110 19.71 -36.04 -13.93
C GLY G 110 19.63 -34.53 -14.02
N LYS G 111 18.55 -33.93 -13.49
CA LYS G 111 18.32 -32.50 -13.57
C LYS G 111 18.15 -31.88 -12.19
N ARG G 112 18.83 -32.44 -11.20
CA ARG G 112 18.83 -31.91 -9.84
C ARG G 112 20.25 -31.44 -9.55
N TYR G 113 20.43 -30.13 -9.47
CA TYR G 113 21.73 -29.49 -9.37
C TYR G 113 21.85 -28.75 -8.04
N ALA G 114 23.09 -28.53 -7.63
CA ALA G 114 23.37 -27.69 -6.47
C ALA G 114 24.58 -26.83 -6.75
N LEU G 115 24.58 -25.63 -6.20
CA LEU G 115 25.76 -24.79 -6.35
C LEU G 115 26.84 -25.26 -5.38
N PRO G 116 28.11 -24.92 -5.64
CA PRO G 116 29.21 -25.57 -4.91
C PRO G 116 29.15 -25.47 -3.39
N HIS G 117 28.71 -24.33 -2.83
CA HIS G 117 28.67 -24.17 -1.38
C HIS G 117 27.29 -24.37 -0.79
N SER G 118 26.40 -25.07 -1.51
CA SER G 118 25.06 -25.29 -1.02
C SER G 118 25.05 -26.31 0.11
N ARG G 119 24.05 -26.17 0.99
CA ARG G 119 23.89 -27.03 2.16
C ARG G 119 22.51 -27.66 2.13
N MET G 120 22.45 -28.97 2.36
CA MET G 120 21.20 -29.71 2.31
C MET G 120 21.04 -30.58 3.55
N MET G 121 19.81 -30.65 4.04
CA MET G 121 19.48 -31.37 5.27
C MET G 121 18.07 -31.92 5.16
N ILE G 122 17.91 -33.23 5.39
CA ILE G 122 16.57 -33.82 5.38
C ILE G 122 15.84 -33.58 6.69
N HIS G 123 16.57 -33.38 7.78
CA HIS G 123 15.99 -33.15 9.10
C HIS G 123 15.17 -31.87 9.14
N GLN G 124 14.09 -31.91 9.92
CA GLN G 124 13.33 -30.70 10.19
C GLN G 124 13.98 -30.00 11.38
N PRO G 125 14.45 -28.75 11.24
CA PRO G 125 15.33 -28.17 12.26
C PRO G 125 14.72 -28.10 13.65
N SER G 126 13.45 -27.77 13.75
CA SER G 126 12.79 -27.73 15.04
C SER G 126 11.33 -28.12 14.82
N GLY G 127 10.42 -27.45 15.52
CA GLY G 127 8.99 -27.71 15.44
C GLY G 127 8.57 -28.75 14.43
N GLY G 128 9.03 -29.99 14.64
CA GLY G 128 8.80 -31.08 13.71
C GLY G 128 7.32 -31.35 13.59
N ILE G 129 6.54 -30.40 14.11
CA ILE G 129 5.11 -30.47 14.05
C ILE G 129 4.68 -29.69 12.83
N ILE G 130 4.54 -30.37 11.76
CA ILE G 130 4.27 -29.70 10.52
C ILE G 130 2.78 -29.71 10.26
N GLY G 131 2.24 -28.56 9.91
CA GLY G 131 0.83 -28.43 9.64
C GLY G 131 0.52 -26.95 9.52
N THR G 132 -0.58 -26.66 8.84
CA THR G 132 -1.12 -25.30 8.80
C THR G 132 -1.02 -24.68 10.18
N SER G 133 -0.13 -23.70 10.34
CA SER G 133 0.13 -23.17 11.67
C SER G 133 -0.80 -22.03 12.07
N ALA G 134 -1.61 -21.49 11.18
CA ALA G 134 -2.54 -20.46 11.64
C ALA G 134 -3.53 -21.09 12.61
N ASP G 135 -4.01 -22.29 12.27
CA ASP G 135 -4.74 -23.18 13.19
C ASP G 135 -4.09 -24.56 13.07
N ILE G 136 -3.13 -24.87 13.94
CA ILE G 136 -2.41 -26.15 13.86
C ILE G 136 -3.37 -27.28 14.23
N GLN G 137 -3.73 -28.17 13.29
CA GLN G 137 -4.71 -29.22 13.63
C GLN G 137 -4.19 -30.57 13.11
N LEU G 138 -3.62 -31.37 14.02
CA LEU G 138 -2.90 -32.58 13.68
C LEU G 138 -2.84 -33.50 14.89
N GLN G 139 -2.82 -34.80 14.64
CA GLN G 139 -2.93 -35.78 15.73
C GLN G 139 -2.12 -37.03 15.41
N ALA G 140 -2.19 -38.00 16.33
CA ALA G 140 -1.30 -39.15 16.31
C ALA G 140 -1.40 -39.94 15.02
N ALA G 141 -2.62 -40.29 14.59
CA ALA G 141 -2.73 -41.07 13.37
C ALA G 141 -2.27 -40.24 12.17
N GLU G 142 -2.59 -38.95 12.21
CA GLU G 142 -2.22 -38.07 11.11
C GLU G 142 -0.75 -37.68 11.16
N ILE G 143 -0.14 -37.56 12.35
CA ILE G 143 1.32 -37.33 12.39
C ILE G 143 2.04 -38.51 11.73
N LEU G 144 1.70 -39.75 12.14
CA LEU G 144 2.35 -40.93 11.56
C LEU G 144 2.09 -41.01 10.06
N THR G 145 0.88 -40.68 9.62
CA THR G 145 0.58 -40.75 8.20
C THR G 145 1.40 -39.73 7.39
N LEU G 146 1.43 -38.47 7.83
CA LEU G 146 2.17 -37.47 7.08
C LEU G 146 3.66 -37.76 7.07
N LYS G 147 4.19 -38.19 8.20
CA LYS G 147 5.62 -38.49 8.26
C LYS G 147 5.98 -39.76 7.50
N LYS G 148 5.10 -40.77 7.49
CA LYS G 148 5.32 -41.93 6.64
C LYS G 148 5.33 -41.54 5.17
N HIS G 149 4.41 -40.67 4.78
CA HIS G 149 4.41 -40.16 3.40
C HIS G 149 5.74 -39.48 3.08
N LEU G 150 6.19 -38.59 3.97
CA LEU G 150 7.45 -37.88 3.74
C LEU G 150 8.62 -38.84 3.62
N SER G 151 8.68 -39.84 4.51
CA SER G 151 9.78 -40.81 4.47
C SER G 151 9.74 -41.64 3.19
N ASN G 152 8.56 -42.12 2.80
CA ASN G 152 8.45 -42.93 1.60
C ASN G 152 8.83 -42.12 0.36
N ILE G 153 8.41 -40.86 0.31
CA ILE G 153 8.72 -40.03 -0.85
C ILE G 153 10.22 -39.74 -0.90
N LEU G 154 10.84 -39.46 0.25
CA LEU G 154 12.28 -39.25 0.26
C LEU G 154 13.02 -40.51 -0.17
N ALA G 155 12.54 -41.68 0.27
CA ALA G 155 13.17 -42.93 -0.12
C ALA G 155 13.06 -43.15 -1.63
N GLU G 156 11.89 -42.88 -2.20
CA GLU G 156 11.71 -43.04 -3.64
C GLU G 156 12.56 -42.04 -4.42
N CYS G 157 12.69 -40.81 -3.91
CA CYS G 157 13.43 -39.79 -4.64
C CYS G 157 14.94 -39.98 -4.55
N THR G 158 15.46 -40.40 -3.40
CA THR G 158 16.90 -40.50 -3.23
C THR G 158 17.46 -41.88 -3.53
N GLY G 159 16.64 -42.93 -3.45
CA GLY G 159 17.13 -44.28 -3.57
C GLY G 159 17.53 -44.95 -2.28
N GLN G 160 17.50 -44.22 -1.16
CA GLN G 160 17.73 -44.82 0.15
C GLN G 160 16.53 -45.66 0.57
N SER G 161 16.72 -46.45 1.62
CA SER G 161 15.60 -47.18 2.21
C SER G 161 14.86 -46.27 3.20
N VAL G 162 13.59 -46.60 3.45
CA VAL G 162 12.81 -45.83 4.41
C VAL G 162 13.45 -45.85 5.79
N GLU G 163 14.06 -46.97 6.17
CA GLU G 163 14.70 -47.07 7.48
C GLU G 163 15.83 -46.07 7.63
N LYS G 164 16.73 -46.04 6.64
CA LYS G 164 17.84 -45.09 6.68
C LYS G 164 17.34 -43.66 6.60
N ILE G 165 16.26 -43.42 5.84
CA ILE G 165 15.69 -42.08 5.73
C ILE G 165 15.16 -41.62 7.08
N ILE G 166 14.43 -42.49 7.78
CA ILE G 166 13.90 -42.13 9.09
C ILE G 166 15.04 -41.83 10.06
N GLU G 167 16.01 -42.75 10.14
CA GLU G 167 17.08 -42.56 11.12
C GLU G 167 17.90 -41.31 10.81
N ASP G 168 18.13 -41.02 9.53
CA ASP G 168 18.91 -39.83 9.18
C ASP G 168 18.12 -38.54 9.34
N SER G 169 16.79 -38.61 9.16
CA SER G 169 15.97 -37.43 9.41
C SER G 169 15.88 -37.13 10.89
N GLU G 170 16.25 -38.09 11.74
CA GLU G 170 16.33 -37.80 13.16
C GLU G 170 17.57 -36.98 13.56
N ARG G 171 18.58 -36.89 12.70
CA ARG G 171 19.85 -36.24 13.05
C ARG G 171 19.98 -34.88 12.37
N ASP G 172 20.34 -33.86 13.16
CA ASP G 172 20.42 -32.46 12.73
C ASP G 172 21.81 -32.12 12.22
N PHE G 173 22.02 -32.29 10.91
CA PHE G 173 23.29 -31.94 10.28
C PHE G 173 23.04 -31.66 8.81
N PHE G 174 23.92 -30.87 8.21
CA PHE G 174 23.83 -30.50 6.80
C PHE G 174 24.87 -31.24 5.96
N MET G 175 24.53 -31.48 4.69
CA MET G 175 25.44 -32.06 3.72
C MET G 175 25.87 -31.03 2.68
N GLY G 176 27.11 -31.15 2.23
CA GLY G 176 27.56 -30.43 1.06
C GLY G 176 27.06 -31.07 -0.23
N ALA G 177 27.43 -30.45 -1.35
CA ALA G 177 26.95 -30.91 -2.64
C ALA G 177 27.38 -32.34 -2.95
N GLU G 178 28.64 -32.67 -2.65
CA GLU G 178 29.15 -34.01 -2.96
C GLU G 178 28.48 -35.06 -2.08
N GLU G 179 28.29 -34.74 -0.80
CA GLU G 179 27.55 -35.64 0.09
C GLU G 179 26.10 -35.79 -0.37
N ALA G 180 25.51 -34.72 -0.91
CA ALA G 180 24.13 -34.81 -1.38
C ALA G 180 24.04 -35.68 -2.62
N ILE G 181 25.04 -35.61 -3.51
CA ILE G 181 25.06 -36.49 -4.67
C ILE G 181 25.19 -37.94 -4.23
N ALA G 182 26.09 -38.21 -3.29
CA ALA G 182 26.22 -39.57 -2.77
C ALA G 182 24.94 -40.03 -2.07
N TYR G 183 24.21 -39.09 -1.46
CA TYR G 183 22.99 -39.43 -0.75
C TYR G 183 21.84 -39.72 -1.72
N GLY G 184 21.95 -39.25 -2.96
CA GLY G 184 20.86 -39.34 -3.91
C GLY G 184 19.95 -38.14 -3.93
N LEU G 185 20.26 -37.12 -3.13
CA LEU G 185 19.38 -35.96 -3.04
C LEU G 185 19.48 -35.11 -4.30
N ILE G 186 20.67 -34.98 -4.88
CA ILE G 186 20.90 -34.28 -6.14
C ILE G 186 21.70 -35.19 -7.07
N ASP G 187 22.00 -34.66 -8.25
CA ASP G 187 22.74 -35.36 -9.29
C ASP G 187 24.05 -34.70 -9.67
N LYS G 188 24.08 -33.37 -9.77
CA LYS G 188 25.22 -32.69 -10.38
C LYS G 188 25.52 -31.39 -9.65
N VAL G 189 26.78 -30.97 -9.69
CA VAL G 189 27.24 -29.70 -9.15
C VAL G 189 27.56 -28.80 -10.33
N ILE G 190 26.95 -27.61 -10.37
CA ILE G 190 27.11 -26.69 -11.50
C ILE G 190 27.86 -25.45 -11.03
N SER G 191 28.94 -25.12 -11.75
CA SER G 191 29.72 -23.91 -11.50
C SER G 191 29.70 -22.97 -12.70
N SER G 192 28.61 -22.97 -13.47
CA SER G 192 28.47 -22.20 -14.70
C SER G 192 27.18 -22.62 -15.39
N ALA G 193 26.71 -21.78 -16.33
CA ALA G 193 25.43 -22.01 -16.98
C ALA G 193 25.40 -23.33 -17.73
N LYS G 194 26.52 -23.74 -18.29
CA LYS G 194 26.64 -25.06 -18.87
C LYS G 194 26.76 -26.05 -17.71
N GLU G 195 25.98 -27.13 -17.77
CA GLU G 195 25.86 -28.06 -16.65
C GLU G 195 27.20 -28.73 -16.38
N THR G 196 27.93 -28.17 -15.42
CA THR G 196 29.26 -28.63 -15.03
C THR G 196 29.21 -30.05 -14.48
N LYS G 197 30.40 -30.66 -14.42
CA LYS G 197 30.52 -32.04 -13.97
C LYS G 197 30.05 -32.20 -12.54
N ASP G 198 29.62 -33.41 -12.21
CA ASP G 198 29.11 -33.73 -10.89
C ASP G 198 30.23 -34.20 -9.96
N LYS G 199 29.88 -34.41 -8.70
CA LYS G 199 30.71 -35.08 -7.71
C LYS G 199 32.00 -34.32 -7.42
N SER G 200 31.97 -33.00 -7.52
CA SER G 200 33.11 -32.17 -7.14
C SER G 200 32.68 -30.72 -6.90
#